data_4Z8W
# 
_entry.id   4Z8W 
# 
_audit_conform.dict_name       mmcif_pdbx.dic 
_audit_conform.dict_version    5.398 
_audit_conform.dict_location   http://mmcif.pdb.org/dictionaries/ascii/mmcif_pdbx.dic 
# 
loop_
_database_2.database_id 
_database_2.database_code 
_database_2.pdbx_database_accession 
_database_2.pdbx_DOI 
PDB   4Z8W         pdb_00004z8w 10.2210/pdb4z8w/pdb 
WWPDB D_1000208806 ?            ?                   
# 
loop_
_pdbx_audit_revision_history.ordinal 
_pdbx_audit_revision_history.data_content_type 
_pdbx_audit_revision_history.major_revision 
_pdbx_audit_revision_history.minor_revision 
_pdbx_audit_revision_history.revision_date 
1 'Structure model' 1 0 2016-07-06 
2 'Structure model' 1 1 2018-05-30 
3 'Structure model' 1 2 2024-11-13 
# 
_pdbx_audit_revision_details.ordinal             1 
_pdbx_audit_revision_details.revision_ordinal    1 
_pdbx_audit_revision_details.data_content_type   'Structure model' 
_pdbx_audit_revision_details.provider            repository 
_pdbx_audit_revision_details.type                'Initial release' 
_pdbx_audit_revision_details.description         ? 
_pdbx_audit_revision_details.details             ? 
# 
loop_
_pdbx_audit_revision_group.ordinal 
_pdbx_audit_revision_group.revision_ordinal 
_pdbx_audit_revision_group.data_content_type 
_pdbx_audit_revision_group.group 
1 2 'Structure model' 'Data collection'      
2 2 'Structure model' 'Database references'  
3 3 'Structure model' 'Data collection'      
4 3 'Structure model' 'Database references'  
5 3 'Structure model' 'Derived calculations' 
6 3 'Structure model' 'Structure summary'    
# 
loop_
_pdbx_audit_revision_category.ordinal 
_pdbx_audit_revision_category.revision_ordinal 
_pdbx_audit_revision_category.data_content_type 
_pdbx_audit_revision_category.category 
1 2 'Structure model' citation                  
2 2 'Structure model' citation_author           
3 3 'Structure model' chem_comp_atom            
4 3 'Structure model' chem_comp_bond            
5 3 'Structure model' database_2                
6 3 'Structure model' pdbx_entry_details        
7 3 'Structure model' pdbx_modification_feature 
8 3 'Structure model' pdbx_struct_conn_angle    
9 3 'Structure model' struct_conn               
# 
loop_
_pdbx_audit_revision_item.ordinal 
_pdbx_audit_revision_item.revision_ordinal 
_pdbx_audit_revision_item.data_content_type 
_pdbx_audit_revision_item.item 
1  2 'Structure model' '_citation.country'                           
2  2 'Structure model' '_citation.journal_abbrev'                    
3  2 'Structure model' '_citation.journal_id_CSD'                    
4  2 'Structure model' '_citation.journal_id_ISSN'                   
5  2 'Structure model' '_citation.journal_volume'                    
6  2 'Structure model' '_citation.page_first'                        
7  2 'Structure model' '_citation.page_last'                         
8  2 'Structure model' '_citation.pdbx_database_id_DOI'              
9  2 'Structure model' '_citation.pdbx_database_id_PubMed'           
10 2 'Structure model' '_citation.title'                             
11 2 'Structure model' '_citation.year'                              
12 3 'Structure model' '_database_2.pdbx_DOI'                        
13 3 'Structure model' '_database_2.pdbx_database_accession'         
14 3 'Structure model' '_pdbx_struct_conn_angle.ptnr1_auth_comp_id'  
15 3 'Structure model' '_pdbx_struct_conn_angle.ptnr1_auth_seq_id'   
16 3 'Structure model' '_pdbx_struct_conn_angle.ptnr1_label_atom_id' 
17 3 'Structure model' '_pdbx_struct_conn_angle.ptnr1_label_comp_id' 
18 3 'Structure model' '_pdbx_struct_conn_angle.ptnr1_label_seq_id'  
19 3 'Structure model' '_pdbx_struct_conn_angle.ptnr2_symmetry'      
20 3 'Structure model' '_pdbx_struct_conn_angle.ptnr3_auth_comp_id'  
21 3 'Structure model' '_pdbx_struct_conn_angle.ptnr3_auth_seq_id'   
22 3 'Structure model' '_pdbx_struct_conn_angle.ptnr3_label_atom_id' 
23 3 'Structure model' '_pdbx_struct_conn_angle.ptnr3_label_comp_id' 
24 3 'Structure model' '_pdbx_struct_conn_angle.ptnr3_label_seq_id'  
25 3 'Structure model' '_pdbx_struct_conn_angle.value'               
26 3 'Structure model' '_struct_conn.pdbx_dist_value'                
27 3 'Structure model' '_struct_conn.ptnr1_auth_comp_id'             
28 3 'Structure model' '_struct_conn.ptnr1_auth_seq_id'              
29 3 'Structure model' '_struct_conn.ptnr1_label_atom_id'            
30 3 'Structure model' '_struct_conn.ptnr1_label_comp_id'            
31 3 'Structure model' '_struct_conn.ptnr1_label_seq_id'             
32 3 'Structure model' '_struct_conn.ptnr2_symmetry'                 
# 
_pdbx_database_status.status_code                     REL 
_pdbx_database_status.status_code_sf                  REL 
_pdbx_database_status.status_code_mr                  ? 
_pdbx_database_status.entry_id                        4Z8W 
_pdbx_database_status.recvd_initial_deposition_date   2015-04-09 
_pdbx_database_status.SG_entry                        N 
_pdbx_database_status.deposit_site                    RCSB 
_pdbx_database_status.process_site                    PDBE 
_pdbx_database_status.status_code_cs                  ? 
_pdbx_database_status.methods_development_category    ? 
_pdbx_database_status.pdb_format_compatible           Y 
_pdbx_database_status.status_code_nmr_data            ? 
# 
loop_
_audit_author.name 
_audit_author.pdbx_ordinal 
'Freier, R.'       1 
'Brandstetter, H.' 2 
# 
_citation.abstract                  ? 
_citation.abstract_id_CAS           ? 
_citation.book_id_ISBN              ? 
_citation.book_publisher            ? 
_citation.book_publisher_city       ? 
_citation.book_title                ? 
_citation.coordinate_linkage        ? 
_citation.country                   US 
_citation.database_id_Medline       ? 
_citation.details                   ? 
_citation.id                        primary 
_citation.journal_abbrev            'J. Allergy Clin. Immunol.' 
_citation.journal_id_ASTM           ? 
_citation.journal_id_CSD            ? 
_citation.journal_id_ISSN           1097-6825 
_citation.journal_full              ? 
_citation.journal_issue             ? 
_citation.journal_volume            140 
_citation.language                  ? 
_citation.page_first                277 
_citation.page_last                 280 
_citation.title                     
'Crystal structure of Pla l 1 reveals both structural similarity and allergenic divergence within the Ole e 1-like protein family.' 
_citation.year                      2017 
_citation.database_id_CSD           ? 
_citation.pdbx_database_id_DOI      10.1016/j.jaci.2016.10.035 
_citation.pdbx_database_id_PubMed   27965108 
_citation.unpublished_flag          ? 
# 
loop_
_citation_author.citation_id 
_citation_author.name 
_citation_author.ordinal 
_citation_author.identifier_ORCID 
primary 'Stemeseder, T.'   1  ? 
primary 'Freier, R.'       2  ? 
primary 'Wildner, S.'      3  ? 
primary 'Fuchs, J.E.'      4  ? 
primary 'Briza, P.'        5  ? 
primary 'Lang, R.'         6  ? 
primary 'Batanero, E.'     7  ? 
primary 'Lidholm, J.'      8  ? 
primary 'Liedl, K.R.'      9  ? 
primary 'Campo, P.'        10 ? 
primary 'Hawranek, T.'     11 ? 
primary 'Villalba, M.'     12 ? 
primary 'Brandstetter, H.' 13 ? 
primary 'Ferreira, F.'     14 ? 
primary 'Gadermaier, G.'   15 ? 
# 
loop_
_entity.id 
_entity.type 
_entity.src_method 
_entity.pdbx_description 
_entity.formula_weight 
_entity.pdbx_number_of_molecules 
_entity.pdbx_ec 
_entity.pdbx_mutation 
_entity.pdbx_fragment 
_entity.details 
1 polymer     man 'Major pollen allergen Pla l 1' 14545.487 1  ? ? ? 
'N-terminal residues 1-6 were not clearly defined in the electron density' 
2 non-polymer syn 'ZINC ION'                      65.409    1  ? ? ? ? 
3 water       nat water                           18.015    66 ? ? ? ? 
# 
_entity_poly.entity_id                      1 
_entity_poly.type                           'polypeptide(L)' 
_entity_poly.nstd_linkage                   no 
_entity_poly.nstd_monomer                   no 
_entity_poly.pdbx_seq_one_letter_code       
;TQTSHPAKFHVEGEVYCNVCHSRNLINELSERMAGAQVQLDCKDDSKKVIYSIGGETDQDGVYRLPVVGYHEDCEIKLVK
SSRPDCSEIPKLAKGTIQTSKVDLSKNTTITEKTRHVKPLSFRAKTDAPGC
;
_entity_poly.pdbx_seq_one_letter_code_can   
;TQTSHPAKFHVEGEVYCNVCHSRNLINELSERMAGAQVQLDCKDDSKKVIYSIGGETDQDGVYRLPVVGYHEDCEIKLVK
SSRPDCSEIPKLAKGTIQTSKVDLSKNTTITEKTRHVKPLSFRAKTDAPGC
;
_entity_poly.pdbx_strand_id                 A 
_entity_poly.pdbx_target_identifier         ? 
# 
loop_
_pdbx_entity_nonpoly.entity_id 
_pdbx_entity_nonpoly.name 
_pdbx_entity_nonpoly.comp_id 
2 'ZINC ION' ZN  
3 water      HOH 
# 
loop_
_entity_poly_seq.entity_id 
_entity_poly_seq.num 
_entity_poly_seq.mon_id 
_entity_poly_seq.hetero 
1 1   THR n 
1 2   GLN n 
1 3   THR n 
1 4   SER n 
1 5   HIS n 
1 6   PRO n 
1 7   ALA n 
1 8   LYS n 
1 9   PHE n 
1 10  HIS n 
1 11  VAL n 
1 12  GLU n 
1 13  GLY n 
1 14  GLU n 
1 15  VAL n 
1 16  TYR n 
1 17  CYS n 
1 18  ASN n 
1 19  VAL n 
1 20  CYS n 
1 21  HIS n 
1 22  SER n 
1 23  ARG n 
1 24  ASN n 
1 25  LEU n 
1 26  ILE n 
1 27  ASN n 
1 28  GLU n 
1 29  LEU n 
1 30  SER n 
1 31  GLU n 
1 32  ARG n 
1 33  MET n 
1 34  ALA n 
1 35  GLY n 
1 36  ALA n 
1 37  GLN n 
1 38  VAL n 
1 39  GLN n 
1 40  LEU n 
1 41  ASP n 
1 42  CYS n 
1 43  LYS n 
1 44  ASP n 
1 45  ASP n 
1 46  SER n 
1 47  LYS n 
1 48  LYS n 
1 49  VAL n 
1 50  ILE n 
1 51  TYR n 
1 52  SER n 
1 53  ILE n 
1 54  GLY n 
1 55  GLY n 
1 56  GLU n 
1 57  THR n 
1 58  ASP n 
1 59  GLN n 
1 60  ASP n 
1 61  GLY n 
1 62  VAL n 
1 63  TYR n 
1 64  ARG n 
1 65  LEU n 
1 66  PRO n 
1 67  VAL n 
1 68  VAL n 
1 69  GLY n 
1 70  TYR n 
1 71  HIS n 
1 72  GLU n 
1 73  ASP n 
1 74  CYS n 
1 75  GLU n 
1 76  ILE n 
1 77  LYS n 
1 78  LEU n 
1 79  VAL n 
1 80  LYS n 
1 81  SER n 
1 82  SER n 
1 83  ARG n 
1 84  PRO n 
1 85  ASP n 
1 86  CYS n 
1 87  SER n 
1 88  GLU n 
1 89  ILE n 
1 90  PRO n 
1 91  LYS n 
1 92  LEU n 
1 93  ALA n 
1 94  LYS n 
1 95  GLY n 
1 96  THR n 
1 97  ILE n 
1 98  GLN n 
1 99  THR n 
1 100 SER n 
1 101 LYS n 
1 102 VAL n 
1 103 ASP n 
1 104 LEU n 
1 105 SER n 
1 106 LYS n 
1 107 ASN n 
1 108 THR n 
1 109 THR n 
1 110 ILE n 
1 111 THR n 
1 112 GLU n 
1 113 LYS n 
1 114 THR n 
1 115 ARG n 
1 116 HIS n 
1 117 VAL n 
1 118 LYS n 
1 119 PRO n 
1 120 LEU n 
1 121 SER n 
1 122 PHE n 
1 123 ARG n 
1 124 ALA n 
1 125 LYS n 
1 126 THR n 
1 127 ASP n 
1 128 ALA n 
1 129 PRO n 
1 130 GLY n 
1 131 CYS n 
# 
_entity_src_gen.entity_id                          1 
_entity_src_gen.pdbx_src_id                        1 
_entity_src_gen.pdbx_alt_source_flag               sample 
_entity_src_gen.pdbx_seq_type                      'Biological sequence' 
_entity_src_gen.pdbx_beg_seq_num                   1 
_entity_src_gen.pdbx_end_seq_num                   131 
_entity_src_gen.gene_src_common_name               'English plantain' 
_entity_src_gen.gene_src_genus                     ? 
_entity_src_gen.pdbx_gene_src_gene                 ? 
_entity_src_gen.gene_src_species                   ? 
_entity_src_gen.gene_src_strain                    ? 
_entity_src_gen.gene_src_tissue                    ? 
_entity_src_gen.gene_src_tissue_fraction           ? 
_entity_src_gen.gene_src_details                   ? 
_entity_src_gen.pdbx_gene_src_fragment             ? 
_entity_src_gen.pdbx_gene_src_scientific_name      'Plantago lanceolata' 
_entity_src_gen.pdbx_gene_src_ncbi_taxonomy_id     39414 
_entity_src_gen.pdbx_gene_src_variant              ? 
_entity_src_gen.pdbx_gene_src_cell_line            ? 
_entity_src_gen.pdbx_gene_src_atcc                 ? 
_entity_src_gen.pdbx_gene_src_organ                ? 
_entity_src_gen.pdbx_gene_src_organelle            ? 
_entity_src_gen.pdbx_gene_src_cell                 ? 
_entity_src_gen.pdbx_gene_src_cellular_location    ? 
_entity_src_gen.host_org_common_name               ? 
_entity_src_gen.pdbx_host_org_scientific_name      'Escherichia coli BL21(DE3)' 
_entity_src_gen.pdbx_host_org_ncbi_taxonomy_id     469008 
_entity_src_gen.host_org_genus                     ? 
_entity_src_gen.pdbx_host_org_gene                 ? 
_entity_src_gen.pdbx_host_org_organ                ? 
_entity_src_gen.host_org_species                   ? 
_entity_src_gen.pdbx_host_org_tissue               ? 
_entity_src_gen.pdbx_host_org_tissue_fraction      ? 
_entity_src_gen.pdbx_host_org_strain               ? 
_entity_src_gen.pdbx_host_org_variant              'Rosetta-gami B pLysS' 
_entity_src_gen.pdbx_host_org_cell_line            ? 
_entity_src_gen.pdbx_host_org_atcc                 ? 
_entity_src_gen.pdbx_host_org_culture_collection   ? 
_entity_src_gen.pdbx_host_org_cell                 ? 
_entity_src_gen.pdbx_host_org_organelle            ? 
_entity_src_gen.pdbx_host_org_cellular_location    ? 
_entity_src_gen.pdbx_host_org_vector_type          ? 
_entity_src_gen.pdbx_host_org_vector               ? 
_entity_src_gen.host_org_details                   ? 
_entity_src_gen.expression_system_id               ? 
_entity_src_gen.plasmid_name                       ? 
_entity_src_gen.plasmid_details                    ? 
_entity_src_gen.pdbx_description                   ? 
# 
loop_
_chem_comp.id 
_chem_comp.type 
_chem_comp.mon_nstd_flag 
_chem_comp.name 
_chem_comp.pdbx_synonyms 
_chem_comp.formula 
_chem_comp.formula_weight 
ALA 'L-peptide linking' y ALANINE         ? 'C3 H7 N O2'     89.093  
ARG 'L-peptide linking' y ARGININE        ? 'C6 H15 N4 O2 1' 175.209 
ASN 'L-peptide linking' y ASPARAGINE      ? 'C4 H8 N2 O3'    132.118 
ASP 'L-peptide linking' y 'ASPARTIC ACID' ? 'C4 H7 N O4'     133.103 
CYS 'L-peptide linking' y CYSTEINE        ? 'C3 H7 N O2 S'   121.158 
GLN 'L-peptide linking' y GLUTAMINE       ? 'C5 H10 N2 O3'   146.144 
GLU 'L-peptide linking' y 'GLUTAMIC ACID' ? 'C5 H9 N O4'     147.129 
GLY 'peptide linking'   y GLYCINE         ? 'C2 H5 N O2'     75.067  
HIS 'L-peptide linking' y HISTIDINE       ? 'C6 H10 N3 O2 1' 156.162 
HOH non-polymer         . WATER           ? 'H2 O'           18.015  
ILE 'L-peptide linking' y ISOLEUCINE      ? 'C6 H13 N O2'    131.173 
LEU 'L-peptide linking' y LEUCINE         ? 'C6 H13 N O2'    131.173 
LYS 'L-peptide linking' y LYSINE          ? 'C6 H15 N2 O2 1' 147.195 
MET 'L-peptide linking' y METHIONINE      ? 'C5 H11 N O2 S'  149.211 
PHE 'L-peptide linking' y PHENYLALANINE   ? 'C9 H11 N O2'    165.189 
PRO 'L-peptide linking' y PROLINE         ? 'C5 H9 N O2'     115.130 
SER 'L-peptide linking' y SERINE          ? 'C3 H7 N O3'     105.093 
THR 'L-peptide linking' y THREONINE       ? 'C4 H9 N O3'     119.119 
TYR 'L-peptide linking' y TYROSINE        ? 'C9 H11 N O3'    181.189 
VAL 'L-peptide linking' y VALINE          ? 'C5 H11 N O2'    117.146 
ZN  non-polymer         . 'ZINC ION'      ? 'Zn 2'           65.409  
# 
loop_
_pdbx_poly_seq_scheme.asym_id 
_pdbx_poly_seq_scheme.entity_id 
_pdbx_poly_seq_scheme.seq_id 
_pdbx_poly_seq_scheme.mon_id 
_pdbx_poly_seq_scheme.ndb_seq_num 
_pdbx_poly_seq_scheme.pdb_seq_num 
_pdbx_poly_seq_scheme.auth_seq_num 
_pdbx_poly_seq_scheme.pdb_mon_id 
_pdbx_poly_seq_scheme.auth_mon_id 
_pdbx_poly_seq_scheme.pdb_strand_id 
_pdbx_poly_seq_scheme.pdb_ins_code 
_pdbx_poly_seq_scheme.hetero 
A 1 1   THR 1   1   ?   ?   ?   A . n 
A 1 2   GLN 2   2   ?   ?   ?   A . n 
A 1 3   THR 3   3   ?   ?   ?   A . n 
A 1 4   SER 4   4   ?   ?   ?   A . n 
A 1 5   HIS 5   5   ?   ?   ?   A . n 
A 1 6   PRO 6   6   ?   ?   ?   A . n 
A 1 7   ALA 7   7   7   ALA ALA A . n 
A 1 8   LYS 8   8   8   LYS LYS A . n 
A 1 9   PHE 9   9   9   PHE PHE A . n 
A 1 10  HIS 10  10  10  HIS HIS A . n 
A 1 11  VAL 11  11  11  VAL VAL A . n 
A 1 12  GLU 12  12  12  GLU GLU A . n 
A 1 13  GLY 13  13  13  GLY GLY A . n 
A 1 14  GLU 14  14  14  GLU GLU A . n 
A 1 15  VAL 15  15  15  VAL VAL A . n 
A 1 16  TYR 16  16  16  TYR TYR A . n 
A 1 17  CYS 17  17  17  CYS CYS A . n 
A 1 18  ASN 18  18  18  ASN ASN A . n 
A 1 19  VAL 19  19  19  VAL VAL A . n 
A 1 20  CYS 20  20  20  CYS CYS A . n 
A 1 21  HIS 21  21  21  HIS HIS A . n 
A 1 22  SER 22  22  22  SER SER A . n 
A 1 23  ARG 23  23  23  ARG ARG A . n 
A 1 24  ASN 24  24  24  ASN ASN A . n 
A 1 25  LEU 25  25  25  LEU LEU A . n 
A 1 26  ILE 26  26  26  ILE ILE A . n 
A 1 27  ASN 27  27  27  ASN ASN A . n 
A 1 28  GLU 28  28  28  GLU GLU A . n 
A 1 29  LEU 29  29  29  LEU LEU A . n 
A 1 30  SER 30  30  30  SER SER A . n 
A 1 31  GLU 31  31  31  GLU GLU A . n 
A 1 32  ARG 32  32  32  ARG ARG A . n 
A 1 33  MET 33  33  33  MET MET A . n 
A 1 34  ALA 34  34  34  ALA ALA A . n 
A 1 35  GLY 35  35  35  GLY GLY A . n 
A 1 36  ALA 36  36  36  ALA ALA A . n 
A 1 37  GLN 37  37  37  GLN GLN A . n 
A 1 38  VAL 38  38  38  VAL VAL A . n 
A 1 39  GLN 39  39  39  GLN GLN A . n 
A 1 40  LEU 40  40  40  LEU LEU A . n 
A 1 41  ASP 41  41  41  ASP ASP A . n 
A 1 42  CYS 42  42  42  CYS CYS A . n 
A 1 43  LYS 43  43  43  LYS LYS A . n 
A 1 44  ASP 44  44  44  ASP ASP A . n 
A 1 45  ASP 45  45  45  ASP ASP A . n 
A 1 46  SER 46  46  46  SER SER A . n 
A 1 47  LYS 47  47  47  LYS LYS A . n 
A 1 48  LYS 48  48  48  LYS LYS A . n 
A 1 49  VAL 49  49  49  VAL VAL A . n 
A 1 50  ILE 50  50  50  ILE ILE A . n 
A 1 51  TYR 51  51  51  TYR TYR A . n 
A 1 52  SER 52  52  52  SER SER A . n 
A 1 53  ILE 53  53  53  ILE ILE A . n 
A 1 54  GLY 54  54  54  GLY GLY A . n 
A 1 55  GLY 55  55  55  GLY GLY A . n 
A 1 56  GLU 56  56  56  GLU GLU A . n 
A 1 57  THR 57  57  57  THR THR A . n 
A 1 58  ASP 58  58  58  ASP ASP A . n 
A 1 59  GLN 59  59  59  GLN GLN A . n 
A 1 60  ASP 60  60  60  ASP ASP A . n 
A 1 61  GLY 61  61  61  GLY GLY A . n 
A 1 62  VAL 62  62  62  VAL VAL A . n 
A 1 63  TYR 63  63  63  TYR TYR A . n 
A 1 64  ARG 64  64  64  ARG ARG A . n 
A 1 65  LEU 65  65  65  LEU LEU A . n 
A 1 66  PRO 66  66  66  PRO PRO A . n 
A 1 67  VAL 67  67  67  VAL VAL A . n 
A 1 68  VAL 68  68  68  VAL VAL A . n 
A 1 69  GLY 69  69  69  GLY GLY A . n 
A 1 70  TYR 70  70  70  TYR TYR A . n 
A 1 71  HIS 71  71  71  HIS HIS A . n 
A 1 72  GLU 72  72  72  GLU GLU A . n 
A 1 73  ASP 73  73  73  ASP ASP A . n 
A 1 74  CYS 74  74  74  CYS CYS A . n 
A 1 75  GLU 75  75  75  GLU GLU A . n 
A 1 76  ILE 76  76  76  ILE ILE A . n 
A 1 77  LYS 77  77  77  LYS LYS A . n 
A 1 78  LEU 78  78  78  LEU LEU A . n 
A 1 79  VAL 79  79  79  VAL VAL A . n 
A 1 80  LYS 80  80  80  LYS LYS A . n 
A 1 81  SER 81  81  81  SER SER A . n 
A 1 82  SER 82  82  82  SER SER A . n 
A 1 83  ARG 83  83  83  ARG ARG A . n 
A 1 84  PRO 84  84  84  PRO PRO A . n 
A 1 85  ASP 85  85  85  ASP ASP A . n 
A 1 86  CYS 86  86  86  CYS CYS A . n 
A 1 87  SER 87  87  87  SER SER A . n 
A 1 88  GLU 88  88  88  GLU GLU A . n 
A 1 89  ILE 89  89  89  ILE ILE A . n 
A 1 90  PRO 90  90  90  PRO PRO A . n 
A 1 91  LYS 91  91  91  LYS LYS A . n 
A 1 92  LEU 92  92  92  LEU LEU A . n 
A 1 93  ALA 93  93  93  ALA ALA A . n 
A 1 94  LYS 94  94  94  LYS LYS A . n 
A 1 95  GLY 95  95  95  GLY GLY A . n 
A 1 96  THR 96  96  96  THR THR A . n 
A 1 97  ILE 97  97  97  ILE ILE A . n 
A 1 98  GLN 98  98  98  GLN GLN A . n 
A 1 99  THR 99  99  99  THR THR A . n 
A 1 100 SER 100 100 100 SER SER A . n 
A 1 101 LYS 101 101 101 LYS LYS A . n 
A 1 102 VAL 102 102 102 VAL VAL A . n 
A 1 103 ASP 103 103 103 ASP ASP A . n 
A 1 104 LEU 104 104 104 LEU LEU A . n 
A 1 105 SER 105 105 105 SER SER A . n 
A 1 106 LYS 106 106 106 LYS LYS A . n 
A 1 107 ASN 107 107 107 ASN ASN A . n 
A 1 108 THR 108 108 108 THR THR A . n 
A 1 109 THR 109 109 109 THR THR A . n 
A 1 110 ILE 110 110 110 ILE ILE A . n 
A 1 111 THR 111 111 111 THR THR A . n 
A 1 112 GLU 112 112 112 GLU GLU A . n 
A 1 113 LYS 113 113 113 LYS LYS A . n 
A 1 114 THR 114 114 114 THR THR A . n 
A 1 115 ARG 115 115 115 ARG ARG A . n 
A 1 116 HIS 116 116 116 HIS HIS A . n 
A 1 117 VAL 117 117 117 VAL VAL A . n 
A 1 118 LYS 118 118 118 LYS LYS A . n 
A 1 119 PRO 119 119 119 PRO PRO A . n 
A 1 120 LEU 120 120 120 LEU LEU A . n 
A 1 121 SER 121 121 121 SER SER A . n 
A 1 122 PHE 122 122 122 PHE PHE A . n 
A 1 123 ARG 123 123 123 ARG ARG A . n 
A 1 124 ALA 124 124 124 ALA ALA A . n 
A 1 125 LYS 125 125 125 LYS LYS A . n 
A 1 126 THR 126 126 126 THR THR A . n 
A 1 127 ASP 127 127 127 ASP ASP A . n 
A 1 128 ALA 128 128 128 ALA ALA A . n 
A 1 129 PRO 129 129 129 PRO PRO A . n 
A 1 130 GLY 130 130 130 GLY GLY A . n 
A 1 131 CYS 131 131 131 CYS CYS A . n 
# 
loop_
_pdbx_nonpoly_scheme.asym_id 
_pdbx_nonpoly_scheme.entity_id 
_pdbx_nonpoly_scheme.mon_id 
_pdbx_nonpoly_scheme.ndb_seq_num 
_pdbx_nonpoly_scheme.pdb_seq_num 
_pdbx_nonpoly_scheme.auth_seq_num 
_pdbx_nonpoly_scheme.pdb_mon_id 
_pdbx_nonpoly_scheme.auth_mon_id 
_pdbx_nonpoly_scheme.pdb_strand_id 
_pdbx_nonpoly_scheme.pdb_ins_code 
B 2 ZN  1  201 1  ZN  ZN  A . 
C 3 HOH 1  301 22 HOH HOH A . 
C 3 HOH 2  302 11 HOH HOH A . 
C 3 HOH 3  303 32 HOH HOH A . 
C 3 HOH 4  304 40 HOH HOH A . 
C 3 HOH 5  305 28 HOH HOH A . 
C 3 HOH 6  306 9  HOH HOH A . 
C 3 HOH 7  307 17 HOH HOH A . 
C 3 HOH 8  308 38 HOH HOH A . 
C 3 HOH 9  309 4  HOH HOH A . 
C 3 HOH 10 310 57 HOH HOH A . 
C 3 HOH 11 311 10 HOH HOH A . 
C 3 HOH 12 312 44 HOH HOH A . 
C 3 HOH 13 313 39 HOH HOH A . 
C 3 HOH 14 314 37 HOH HOH A . 
C 3 HOH 15 315 52 HOH HOH A . 
C 3 HOH 16 316 2  HOH HOH A . 
C 3 HOH 17 317 46 HOH HOH A . 
C 3 HOH 18 318 1  HOH HOH A . 
C 3 HOH 19 319 64 HOH HOH A . 
C 3 HOH 20 320 6  HOH HOH A . 
C 3 HOH 21 321 13 HOH HOH A . 
C 3 HOH 22 322 20 HOH HOH A . 
C 3 HOH 23 323 58 HOH HOH A . 
C 3 HOH 24 324 35 HOH HOH A . 
C 3 HOH 25 325 66 HOH HOH A . 
C 3 HOH 26 326 47 HOH HOH A . 
C 3 HOH 27 327 59 HOH HOH A . 
C 3 HOH 28 328 55 HOH HOH A . 
C 3 HOH 29 329 45 HOH HOH A . 
C 3 HOH 30 330 21 HOH HOH A . 
C 3 HOH 31 331 12 HOH HOH A . 
C 3 HOH 32 332 31 HOH HOH A . 
C 3 HOH 33 333 27 HOH HOH A . 
C 3 HOH 34 334 43 HOH HOH A . 
C 3 HOH 35 335 42 HOH HOH A . 
C 3 HOH 36 336 19 HOH HOH A . 
C 3 HOH 37 337 14 HOH HOH A . 
C 3 HOH 38 338 48 HOH HOH A . 
C 3 HOH 39 339 24 HOH HOH A . 
C 3 HOH 40 340 29 HOH HOH A . 
C 3 HOH 41 341 7  HOH HOH A . 
C 3 HOH 42 342 65 HOH HOH A . 
C 3 HOH 43 343 56 HOH HOH A . 
C 3 HOH 44 344 8  HOH HOH A . 
C 3 HOH 45 345 3  HOH HOH A . 
C 3 HOH 46 346 16 HOH HOH A . 
C 3 HOH 47 347 54 HOH HOH A . 
C 3 HOH 48 348 30 HOH HOH A . 
C 3 HOH 49 349 60 HOH HOH A . 
C 3 HOH 50 350 63 HOH HOH A . 
C 3 HOH 51 351 49 HOH HOH A . 
C 3 HOH 52 352 51 HOH HOH A . 
C 3 HOH 53 353 5  HOH HOH A . 
C 3 HOH 54 354 15 HOH HOH A . 
C 3 HOH 55 355 26 HOH HOH A . 
C 3 HOH 56 356 25 HOH HOH A . 
C 3 HOH 57 357 23 HOH HOH A . 
C 3 HOH 58 358 53 HOH HOH A . 
C 3 HOH 59 359 34 HOH HOH A . 
C 3 HOH 60 360 18 HOH HOH A . 
C 3 HOH 61 361 61 HOH HOH A . 
C 3 HOH 62 362 50 HOH HOH A . 
C 3 HOH 63 363 62 HOH HOH A . 
C 3 HOH 64 364 33 HOH HOH A . 
C 3 HOH 65 365 36 HOH HOH A . 
C 3 HOH 66 366 41 HOH HOH A . 
# 
loop_
_software.citation_id 
_software.classification 
_software.compiler_name 
_software.compiler_version 
_software.contact_author 
_software.contact_author_email 
_software.date 
_software.description 
_software.dependencies 
_software.hardware 
_software.language 
_software.location 
_software.mods 
_software.name 
_software.os 
_software.os_version 
_software.type 
_software.version 
_software.pdbx_ordinal 
? 'data scaling'    ? ? ? ? ? ? ? ? ? ? ? SCALA       ? ? ? 3.3.20   1 
? phasing           ? ? ? ? ? ? ? ? ? ? ? SHELX       ? ? ? .        2 
? refinement        ? ? ? ? ? ? ? ? ? ? ? REFMAC      ? ? ? 5.8.0049 3 
? 'data extraction' ? ? ? ? ? ? ? ? ? ? ? PDB_EXTRACT ? ? ? 3.15     4 
? 'data reduction'  ? ? ? ? ? ? ? ? ? ? ? MOSFLM      ? ? ? .        5 
# 
_cell.angle_alpha                  90.000 
_cell.angle_alpha_esd              ? 
_cell.angle_beta                   90.000 
_cell.angle_beta_esd               ? 
_cell.angle_gamma                  90.000 
_cell.angle_gamma_esd              ? 
_cell.entry_id                     4Z8W 
_cell.details                      ? 
_cell.formula_units_Z              ? 
_cell.length_a                     49.640 
_cell.length_a_esd                 ? 
_cell.length_b                     49.640 
_cell.length_b_esd                 ? 
_cell.length_c                     130.090 
_cell.length_c_esd                 ? 
_cell.volume                       ? 
_cell.volume_esd                   ? 
_cell.Z_PDB                        8 
_cell.reciprocal_angle_alpha       ? 
_cell.reciprocal_angle_beta        ? 
_cell.reciprocal_angle_gamma       ? 
_cell.reciprocal_angle_alpha_esd   ? 
_cell.reciprocal_angle_beta_esd    ? 
_cell.reciprocal_angle_gamma_esd   ? 
_cell.reciprocal_length_a          ? 
_cell.reciprocal_length_b          ? 
_cell.reciprocal_length_c          ? 
_cell.reciprocal_length_a_esd      ? 
_cell.reciprocal_length_b_esd      ? 
_cell.reciprocal_length_c_esd      ? 
_cell.pdbx_unique_axis             ? 
# 
_symmetry.entry_id                         4Z8W 
_symmetry.cell_setting                     ? 
_symmetry.Int_Tables_number                96 
_symmetry.space_group_name_Hall            ? 
_symmetry.space_group_name_H-M             'P 43 21 2' 
_symmetry.pdbx_full_space_group_name_H-M   ? 
# 
_exptl.absorpt_coefficient_mu     ? 
_exptl.absorpt_correction_T_max   ? 
_exptl.absorpt_correction_T_min   ? 
_exptl.absorpt_correction_type    ? 
_exptl.absorpt_process_details    ? 
_exptl.entry_id                   4Z8W 
_exptl.crystals_number            1 
_exptl.details                    ? 
_exptl.method                     'X-RAY DIFFRACTION' 
_exptl.method_details             ? 
# 
_exptl_crystal.colour                      ? 
_exptl_crystal.density_diffrn              ? 
_exptl_crystal.density_Matthews            2.88 
_exptl_crystal.density_method              ? 
_exptl_crystal.density_percent_sol         57.35 
_exptl_crystal.description                 ? 
_exptl_crystal.F_000                       ? 
_exptl_crystal.id                          1 
_exptl_crystal.preparation                 ? 
_exptl_crystal.size_max                    ? 
_exptl_crystal.size_mid                    ? 
_exptl_crystal.size_min                    ? 
_exptl_crystal.size_rad                    ? 
_exptl_crystal.colour_lustre               ? 
_exptl_crystal.colour_modifier             ? 
_exptl_crystal.colour_primary              ? 
_exptl_crystal.density_meas                ? 
_exptl_crystal.density_meas_esd            ? 
_exptl_crystal.density_meas_gt             ? 
_exptl_crystal.density_meas_lt             ? 
_exptl_crystal.density_meas_temp           ? 
_exptl_crystal.density_meas_temp_esd       ? 
_exptl_crystal.density_meas_temp_gt        ? 
_exptl_crystal.density_meas_temp_lt        ? 
_exptl_crystal.pdbx_crystal_image_url      ? 
_exptl_crystal.pdbx_crystal_image_format   ? 
_exptl_crystal.pdbx_mosaicity              ? 
_exptl_crystal.pdbx_mosaicity_esd          ? 
# 
_exptl_crystal_grow.apparatus       ? 
_exptl_crystal_grow.atmosphere      ? 
_exptl_crystal_grow.crystal_id      1 
_exptl_crystal_grow.details         ? 
_exptl_crystal_grow.method          'VAPOR DIFFUSION, SITTING DROP' 
_exptl_crystal_grow.method_ref      ? 
_exptl_crystal_grow.pH              ? 
_exptl_crystal_grow.pressure        ? 
_exptl_crystal_grow.pressure_esd    ? 
_exptl_crystal_grow.seeding         ? 
_exptl_crystal_grow.seeding_ref     ? 
_exptl_crystal_grow.temp            277 
_exptl_crystal_grow.temp_details    ? 
_exptl_crystal_grow.temp_esd        ? 
_exptl_crystal_grow.time            ? 
_exptl_crystal_grow.pdbx_details    '21% PEG550, 10 mM zinc sulfate, 100 mM MES sodium salt pH 5.7' 
_exptl_crystal_grow.pdbx_pH_range   5.5-6.5 
# 
_diffrn.ambient_environment    ? 
_diffrn.ambient_temp           100 
_diffrn.ambient_temp_details   ? 
_diffrn.ambient_temp_esd       ? 
_diffrn.crystal_id             1 
_diffrn.crystal_support        ? 
_diffrn.crystal_treatment      ? 
_diffrn.details                ? 
_diffrn.id                     1 
_diffrn.ambient_pressure       ? 
_diffrn.ambient_pressure_esd   ? 
_diffrn.ambient_pressure_gt    ? 
_diffrn.ambient_pressure_lt    ? 
_diffrn.ambient_temp_gt        ? 
_diffrn.ambient_temp_lt        ? 
# 
_diffrn_detector.details                      ? 
_diffrn_detector.detector                     CCD 
_diffrn_detector.diffrn_id                    1 
_diffrn_detector.type                         'MARMOSAIC 225 mm CCD' 
_diffrn_detector.area_resol_mean              ? 
_diffrn_detector.dtime                        ? 
_diffrn_detector.pdbx_frames_total            ? 
_diffrn_detector.pdbx_collection_time_total   ? 
_diffrn_detector.pdbx_collection_date         2013-10-08 
# 
_diffrn_radiation.collimation                      ? 
_diffrn_radiation.diffrn_id                        1 
_diffrn_radiation.filter_edge                      ? 
_diffrn_radiation.inhomogeneity                    ? 
_diffrn_radiation.monochromator                    'Si (111)' 
_diffrn_radiation.polarisn_norm                    ? 
_diffrn_radiation.polarisn_ratio                   ? 
_diffrn_radiation.probe                            ? 
_diffrn_radiation.type                             ? 
_diffrn_radiation.xray_symbol                      ? 
_diffrn_radiation.wavelength_id                    1 
_diffrn_radiation.pdbx_monochromatic_or_laue_m_l   M 
_diffrn_radiation.pdbx_wavelength_list             ? 
_diffrn_radiation.pdbx_wavelength                  ? 
_diffrn_radiation.pdbx_diffrn_protocol             'SINGLE WAVELENGTH' 
_diffrn_radiation.pdbx_analyzer                    ? 
_diffrn_radiation.pdbx_scattering_type             x-ray 
# 
_diffrn_radiation_wavelength.id           1 
_diffrn_radiation_wavelength.wavelength   0.8726 
_diffrn_radiation_wavelength.wt           1.0 
# 
_diffrn_source.current                     ? 
_diffrn_source.details                     ? 
_diffrn_source.diffrn_id                   1 
_diffrn_source.power                       ? 
_diffrn_source.size                        ? 
_diffrn_source.source                      SYNCHROTRON 
_diffrn_source.target                      ? 
_diffrn_source.type                        'ESRF BEAMLINE ID23-2' 
_diffrn_source.voltage                     ? 
_diffrn_source.take-off_angle              ? 
_diffrn_source.pdbx_wavelength_list        0.8726 
_diffrn_source.pdbx_wavelength             ? 
_diffrn_source.pdbx_synchrotron_beamline   ID23-2 
_diffrn_source.pdbx_synchrotron_site       ESRF 
# 
_reflns.B_iso_Wilson_estimate            ? 
_reflns.entry_id                         4Z8W 
_reflns.data_reduction_details           ? 
_reflns.data_reduction_method            ? 
_reflns.d_resolution_high                1.98 
_reflns.d_resolution_low                 46.378 
_reflns.details                          ? 
_reflns.limit_h_max                      ? 
_reflns.limit_h_min                      ? 
_reflns.limit_k_max                      ? 
_reflns.limit_k_min                      ? 
_reflns.limit_l_max                      ? 
_reflns.limit_l_min                      ? 
_reflns.number_all                       14300 
_reflns.number_obs                       12037 
_reflns.observed_criterion               ? 
_reflns.observed_criterion_F_max         ? 
_reflns.observed_criterion_F_min         ? 
_reflns.observed_criterion_I_max         ? 
_reflns.observed_criterion_I_min         ? 
_reflns.observed_criterion_sigma_F       ? 
_reflns.observed_criterion_sigma_I       ? 
_reflns.percent_possible_obs             97.6 
_reflns.R_free_details                   ? 
_reflns.Rmerge_F_all                     ? 
_reflns.Rmerge_F_obs                     ? 
_reflns.Friedel_coverage                 ? 
_reflns.number_gt                        ? 
_reflns.threshold_expression             ? 
_reflns.pdbx_redundancy                  27.800 
_reflns.pdbx_Rmerge_I_obs                0.065 
_reflns.pdbx_Rmerge_I_all                ? 
_reflns.pdbx_Rsym_value                  0.067 
_reflns.pdbx_netI_over_av_sigmaI         6.152 
_reflns.pdbx_netI_over_sigmaI            34.7 
_reflns.pdbx_res_netI_over_av_sigmaI_2   ? 
_reflns.pdbx_res_netI_over_sigmaI_2      ? 
_reflns.pdbx_chi_squared                 ? 
_reflns.pdbx_scaling_rejects             ? 
_reflns.pdbx_d_res_high_opt              ? 
_reflns.pdbx_d_res_low_opt               ? 
_reflns.pdbx_d_res_opt_method            ? 
_reflns.phase_calculation_details        ? 
_reflns.pdbx_Rrim_I_all                  0.076 
_reflns.pdbx_Rpim_I_all                  0.014 
_reflns.pdbx_d_opt                       ? 
_reflns.pdbx_number_measured_all         333679 
_reflns.pdbx_diffrn_id                   1 
_reflns.pdbx_ordinal                     1 
_reflns.pdbx_CC_half                     ? 
_reflns.pdbx_R_split                     ? 
# 
loop_
_reflns_shell.d_res_high 
_reflns_shell.d_res_low 
_reflns_shell.meanI_over_sigI_all 
_reflns_shell.meanI_over_sigI_obs 
_reflns_shell.number_measured_all 
_reflns_shell.number_measured_obs 
_reflns_shell.number_possible 
_reflns_shell.number_unique_all 
_reflns_shell.number_unique_obs 
_reflns_shell.percent_possible_all 
_reflns_shell.percent_possible_obs 
_reflns_shell.Rmerge_F_all 
_reflns_shell.Rmerge_F_obs 
_reflns_shell.Rmerge_I_all 
_reflns_shell.Rmerge_I_obs 
_reflns_shell.meanI_over_sigI_gt 
_reflns_shell.meanI_over_uI_all 
_reflns_shell.meanI_over_uI_gt 
_reflns_shell.number_measured_gt 
_reflns_shell.number_unique_gt 
_reflns_shell.percent_possible_gt 
_reflns_shell.Rmerge_F_gt 
_reflns_shell.Rmerge_I_gt 
_reflns_shell.pdbx_redundancy 
_reflns_shell.pdbx_Rsym_value 
_reflns_shell.pdbx_chi_squared 
_reflns_shell.pdbx_netI_over_sigmaI_all 
_reflns_shell.pdbx_netI_over_sigmaI_obs 
_reflns_shell.pdbx_Rrim_I_all 
_reflns_shell.pdbx_Rpim_I_all 
_reflns_shell.pdbx_rejects 
_reflns_shell.pdbx_ordinal 
_reflns_shell.pdbx_diffrn_id 
_reflns_shell.pdbx_CC_half 
_reflns_shell.pdbx_R_split 
1.980 2.03   ? 10.2   46301 ? ? 1687 ? 99.900  ? ? ? ? 0.339 ? ? ? ? ? ? ? ? 25.9   0.330 ? ? 10.700 ? 0.064 0 1  1 ? ? 
2.090 2.220  ? 3.200  46370 ? ? 1616 ? 100.000 ? ? ? ? 0.226 ? ? ? ? ? ? ? ? 28.700 0.226 ? ? 15.000 ? 0.043 0 2  1 ? ? 
2.220 2.370  ? 4.300  43640 ? ? 1527 ? 100.000 ? ? ? ? 0.172 ? ? ? ? ? ? ? ? 28.600 0.172 ? ? 19.200 ? 0.032 0 3  1 ? ? 
2.370 2.560  ? 6.000  40371 ? ? 1414 ? 100.000 ? ? ? ? 0.120 ? ? ? ? ? ? ? ? 28.600 0.120 ? ? 24.900 ? 0.023 0 4  1 ? ? 
2.560 2.800  ? 7.100  37668 ? ? 1329 ? 100.000 ? ? ? ? 0.097 ? ? ? ? ? ? ? ? 28.300 0.097 ? ? 30.700 ? 0.019 0 5  1 ? ? 
2.800 3.130  ? 9.500  33865 ? ? 1205 ? 100.000 ? ? ? ? 0.069 ? ? ? ? ? ? ? ? 28.100 0.069 ? ? 40.200 ? 0.013 0 6  1 ? ? 
3.130 3.620  ? 10.500 29933 ? ? 1079 ? 100.000 ? ? ? ? 0.057 ? ? ? ? ? ? ? ? 27.700 0.057 ? ? 51.300 ? 0.011 0 7  1 ? ? 
3.620 4.430  ? 8.700  25594 ? ? 938  ? 100.000 ? ? ? ? 0.068 ? ? ? ? ? ? ? ? 27.300 0.068 ? ? 57.900 ? 0.013 0 8  1 ? ? 
4.430 6.270  ? 10.200 19557 ? ? 749  ? 100.000 ? ? ? ? 0.058 ? ? ? ? ? ? ? ? 26.100 0.058 ? ? 56.800 ? 0.011 0 9  1 ? ? 
6.270 33.889 ? 14.600 10380 ? ? 455  ? 97.900  ? ? ? ? 0.042 ? ? ? ? ? ? ? ? 22.800 0.042 ? ? 51.800 ? 0.009 0 10 1 ? ? 
# 
_refine.aniso_B[1][1]                            1.7100 
_refine.aniso_B[1][2]                            0.0000 
_refine.aniso_B[1][3]                            0.0000 
_refine.aniso_B[2][2]                            1.7100 
_refine.aniso_B[2][3]                            0.0000 
_refine.aniso_B[3][3]                            -3.4300 
_refine.B_iso_max                                88.390 
_refine.B_iso_mean                               35.1980 
_refine.B_iso_min                                18.700 
_refine.correlation_coeff_Fo_to_Fc               0.9420 
_refine.correlation_coeff_Fo_to_Fc_free          0.9310 
_refine.details                                  'U VALUES      : REFINED INDIVIDUALLY' 
_refine.diff_density_max                         ? 
_refine.diff_density_max_esd                     ? 
_refine.diff_density_min                         ? 
_refine.diff_density_min_esd                     ? 
_refine.diff_density_rms                         ? 
_refine.diff_density_rms_esd                     ? 
_refine.entry_id                                 4Z8W 
_refine.pdbx_refine_id                           'X-RAY DIFFRACTION' 
_refine.ls_abs_structure_details                 ? 
_refine.ls_abs_structure_Flack                   ? 
_refine.ls_abs_structure_Flack_esd               ? 
_refine.ls_abs_structure_Rogers                  ? 
_refine.ls_abs_structure_Rogers_esd              ? 
_refine.ls_d_res_high                            1.9800 
_refine.ls_d_res_low                             39.46 
_refine.ls_extinction_coef                       ? 
_refine.ls_extinction_coef_esd                   ? 
_refine.ls_extinction_expression                 ? 
_refine.ls_extinction_method                     ? 
_refine.ls_goodness_of_fit_all                   ? 
_refine.ls_goodness_of_fit_all_esd               ? 
_refine.ls_goodness_of_fit_obs                   ? 
_refine.ls_goodness_of_fit_obs_esd               ? 
_refine.ls_hydrogen_treatment                    ? 
_refine.ls_matrix_type                           ? 
_refine.ls_number_constraints                    ? 
_refine.ls_number_parameters                     ? 
_refine.ls_number_reflns_all                     ? 
_refine.ls_number_reflns_obs                     11378 
_refine.ls_number_reflns_R_free                  572 
_refine.ls_number_reflns_R_work                  ? 
_refine.ls_number_restraints                     ? 
_refine.ls_percent_reflns_obs                    99.8200 
_refine.ls_percent_reflns_R_free                 4.8000 
_refine.ls_R_factor_all                          ? 
_refine.ls_R_factor_obs                          0.2183 
_refine.ls_R_factor_R_free                       0.2477 
_refine.ls_R_factor_R_free_error                 ? 
_refine.ls_R_factor_R_free_error_details         ? 
_refine.ls_R_factor_R_work                       0.2168 
_refine.ls_R_Fsqd_factor_obs                     ? 
_refine.ls_R_I_factor_obs                        ? 
_refine.ls_redundancy_reflns_all                 ? 
_refine.ls_redundancy_reflns_obs                 ? 
_refine.ls_restrained_S_all                      ? 
_refine.ls_restrained_S_obs                      ? 
_refine.ls_shift_over_esd_max                    ? 
_refine.ls_shift_over_esd_mean                   ? 
_refine.ls_structure_factor_coef                 ? 
_refine.ls_weighting_details                     ? 
_refine.ls_weighting_scheme                      ? 
_refine.ls_wR_factor_all                         ? 
_refine.ls_wR_factor_obs                         ? 
_refine.ls_wR_factor_R_free                      0.2601 
_refine.ls_wR_factor_R_work                      0.2217 
_refine.occupancy_max                            ? 
_refine.occupancy_min                            ? 
_refine.solvent_model_details                    MASK 
_refine.solvent_model_param_bsol                 ? 
_refine.solvent_model_param_ksol                 ? 
_refine.ls_R_factor_gt                           ? 
_refine.ls_goodness_of_fit_gt                    ? 
_refine.ls_goodness_of_fit_ref                   ? 
_refine.ls_shift_over_su_max                     ? 
_refine.ls_shift_over_su_max_lt                  ? 
_refine.ls_shift_over_su_mean                    ? 
_refine.ls_shift_over_su_mean_lt                 ? 
_refine.pdbx_ls_sigma_I                          ? 
_refine.pdbx_ls_sigma_F                          0.000 
_refine.pdbx_ls_sigma_Fsqd                       ? 
_refine.pdbx_data_cutoff_high_absF               ? 
_refine.pdbx_data_cutoff_high_rms_absF           ? 
_refine.pdbx_data_cutoff_low_absF                ? 
_refine.pdbx_isotropic_thermal_model             ? 
_refine.pdbx_ls_cross_valid_method               THROUGHOUT 
_refine.pdbx_method_to_determine_struct          SAD 
_refine.pdbx_starting_model                      ? 
_refine.pdbx_stereochemistry_target_values       'MAXIMUM LIKELIHOOD' 
_refine.pdbx_R_Free_selection_details            RANDOM 
_refine.pdbx_stereochem_target_val_spec_case     ? 
_refine.pdbx_overall_ESU_R                       0.1680 
_refine.pdbx_overall_ESU_R_Free                  0.1520 
_refine.pdbx_solvent_vdw_probe_radii             1.2000 
_refine.pdbx_solvent_ion_probe_radii             0.8000 
_refine.pdbx_solvent_shrinkage_radii             0.8000 
_refine.pdbx_real_space_R                        ? 
_refine.pdbx_density_correlation                 ? 
_refine.pdbx_pd_number_of_powder_patterns        ? 
_refine.pdbx_pd_number_of_points                 ? 
_refine.pdbx_pd_meas_number_of_points            ? 
_refine.pdbx_pd_proc_ls_prof_R_factor            ? 
_refine.pdbx_pd_proc_ls_prof_wR_factor           ? 
_refine.pdbx_pd_Marquardt_correlation_coeff      ? 
_refine.pdbx_pd_Fsqrd_R_factor                   ? 
_refine.pdbx_pd_ls_matrix_band_width             ? 
_refine.pdbx_overall_phase_error                 ? 
_refine.pdbx_overall_SU_R_free_Cruickshank_DPI   ? 
_refine.pdbx_overall_SU_R_free_Blow_DPI          ? 
_refine.pdbx_overall_SU_R_Blow_DPI               ? 
_refine.pdbx_TLS_residual_ADP_flag               ? 
_refine.pdbx_diffrn_id                           1 
_refine.overall_SU_B                             3.9370 
_refine.overall_SU_ML                            0.1130 
_refine.overall_SU_R_Cruickshank_DPI             0.1679 
_refine.overall_SU_R_free                        0.1521 
_refine.overall_FOM_free_R_set                   ? 
_refine.overall_FOM_work_R_set                   0.8136 
_refine.pdbx_average_fsc_overall                 ? 
_refine.pdbx_average_fsc_work                    ? 
_refine.pdbx_average_fsc_free                    ? 
# 
_refine_hist.cycle_id                         final 
_refine_hist.pdbx_refine_id                   'X-RAY DIFFRACTION' 
_refine_hist.d_res_high                       1.9800 
_refine_hist.d_res_low                        39.46 
_refine_hist.pdbx_number_atoms_ligand         1 
_refine_hist.number_atoms_solvent             66 
_refine_hist.number_atoms_total               1035 
_refine_hist.pdbx_number_residues_total       125 
_refine_hist.pdbx_B_iso_mean_ligand           30.27 
_refine_hist.pdbx_B_iso_mean_solvent          38.11 
_refine_hist.pdbx_number_atoms_protein        968 
_refine_hist.pdbx_number_atoms_nucleic_acid   0 
# 
loop_
_refine_ls_restr.pdbx_refine_id 
_refine_ls_restr.criterion 
_refine_ls_restr.dev_ideal 
_refine_ls_restr.dev_ideal_target 
_refine_ls_restr.number 
_refine_ls_restr.rejects 
_refine_ls_restr.type 
_refine_ls_restr.weight 
_refine_ls_restr.pdbx_restraint_function 
'X-RAY DIFFRACTION' ? 0.020  0.019  1012 ? r_bond_refined_d       ? ? 
'X-RAY DIFFRACTION' ? 1.873  1.974  1371 ? r_angle_refined_deg    ? ? 
'X-RAY DIFFRACTION' ? 6.992  5.000  133  ? r_dihedral_angle_1_deg ? ? 
'X-RAY DIFFRACTION' ? 32.006 24.884 43   ? r_dihedral_angle_2_deg ? ? 
'X-RAY DIFFRACTION' ? 15.994 15.000 196  ? r_dihedral_angle_3_deg ? ? 
'X-RAY DIFFRACTION' ? 11.701 15.000 6    ? r_dihedral_angle_4_deg ? ? 
'X-RAY DIFFRACTION' ? 0.142  0.200  156  ? r_chiral_restr         ? ? 
'X-RAY DIFFRACTION' ? 0.010  0.021  740  ? r_gen_planes_refined   ? ? 
'X-RAY DIFFRACTION' ? 3.568  3.259  509  ? r_mcbond_it            ? ? 
'X-RAY DIFFRACTION' ? 4.549  4.859  636  ? r_mcangle_it           ? ? 
'X-RAY DIFFRACTION' ? 4.326  3.672  503  ? r_scbond_it            ? ? 
# 
_refine_ls_shell.pdbx_refine_id                   'X-RAY DIFFRACTION' 
_refine_ls_shell.d_res_high                       1.9820 
_refine_ls_shell.d_res_low                        2.0330 
_refine_ls_shell.number_reflns_all                842 
_refine_ls_shell.number_reflns_obs                ? 
_refine_ls_shell.number_reflns_R_free             42 
_refine_ls_shell.number_reflns_R_work             800 
_refine_ls_shell.percent_reflns_obs               99.6400 
_refine_ls_shell.percent_reflns_R_free            ? 
_refine_ls_shell.R_factor_all                     ? 
_refine_ls_shell.R_factor_obs                     ? 
_refine_ls_shell.R_factor_R_free                  0.3090 
_refine_ls_shell.R_factor_R_free_error            ? 
_refine_ls_shell.R_factor_R_work                  0.2310 
_refine_ls_shell.redundancy_reflns_all            ? 
_refine_ls_shell.redundancy_reflns_obs            ? 
_refine_ls_shell.wR_factor_all                    ? 
_refine_ls_shell.wR_factor_obs                    ? 
_refine_ls_shell.wR_factor_R_free                 ? 
_refine_ls_shell.wR_factor_R_work                 ? 
_refine_ls_shell.pdbx_total_number_of_bins_used   20 
_refine_ls_shell.pdbx_phase_error                 ? 
_refine_ls_shell.pdbx_fsc_work                    ? 
_refine_ls_shell.pdbx_fsc_free                    ? 
# 
_struct.entry_id                     4Z8W 
_struct.title                        'Crystal Structure of the Major Plantain Pollen Allergen Pla l 1' 
_struct.pdbx_model_details           ? 
_struct.pdbx_formula_weight          ? 
_struct.pdbx_formula_weight_method   ? 
_struct.pdbx_model_type_details      ? 
_struct.pdbx_CASP_flag               ? 
# 
_struct_keywords.entry_id        4Z8W 
_struct_keywords.text            'Major plantain pollen allergen Ole e 1-like, allergen' 
_struct_keywords.pdbx_keywords   ALLERGEN 
# 
loop_
_struct_asym.id 
_struct_asym.pdbx_blank_PDB_chainid_flag 
_struct_asym.pdbx_modified 
_struct_asym.entity_id 
_struct_asym.details 
A N N 1 ? 
B N N 2 ? 
C N N 3 ? 
# 
_struct_ref.id                         1 
_struct_ref.db_name                    UNP 
_struct_ref.db_code                    PLAL1_PLALA 
_struct_ref.pdbx_db_accession          P82242 
_struct_ref.pdbx_db_isoform            ? 
_struct_ref.entity_id                  1 
_struct_ref.pdbx_seq_one_letter_code   
;TQTSHPAKFHVEGEVYCNVCHSRNLINELSERMAGAQVQLDCKDDSKKVIYSIGGETDQDGVYRLPVVGYHEDCEIKLVK
SSRPDCSEIPKLAKGTIQTSKVDLSKNTTITEKTRHVKPLSFRAKTDAPGC
;
_struct_ref.pdbx_align_begin           1 
# 
_struct_ref_seq.align_id                      1 
_struct_ref_seq.ref_id                        1 
_struct_ref_seq.pdbx_PDB_id_code              4Z8W 
_struct_ref_seq.pdbx_strand_id                A 
_struct_ref_seq.seq_align_beg                 1 
_struct_ref_seq.pdbx_seq_align_beg_ins_code   ? 
_struct_ref_seq.seq_align_end                 131 
_struct_ref_seq.pdbx_seq_align_end_ins_code   ? 
_struct_ref_seq.pdbx_db_accession             P82242 
_struct_ref_seq.db_align_beg                  1 
_struct_ref_seq.pdbx_db_align_beg_ins_code    ? 
_struct_ref_seq.db_align_end                  131 
_struct_ref_seq.pdbx_db_align_end_ins_code    ? 
_struct_ref_seq.pdbx_auth_seq_align_beg       1 
_struct_ref_seq.pdbx_auth_seq_align_end       131 
# 
_pdbx_struct_assembly.id                   1 
_pdbx_struct_assembly.details              software_defined_assembly 
_pdbx_struct_assembly.method_details       PISA 
_pdbx_struct_assembly.oligomeric_details   monomeric 
_pdbx_struct_assembly.oligomeric_count     1 
# 
loop_
_pdbx_struct_assembly_prop.biol_id 
_pdbx_struct_assembly_prop.type 
_pdbx_struct_assembly_prop.value 
_pdbx_struct_assembly_prop.details 
1 'ABSA (A^2)' 70   ? 
1 MORE         -19  ? 
1 'SSA (A^2)'  7440 ? 
# 
_pdbx_struct_assembly_gen.assembly_id       1 
_pdbx_struct_assembly_gen.oper_expression   1 
_pdbx_struct_assembly_gen.asym_id_list      A,B,C 
# 
_pdbx_struct_oper_list.id                   1 
_pdbx_struct_oper_list.type                 'identity operation' 
_pdbx_struct_oper_list.name                 1_555 
_pdbx_struct_oper_list.symmetry_operation   x,y,z 
_pdbx_struct_oper_list.matrix[1][1]         1.0000000000 
_pdbx_struct_oper_list.matrix[1][2]         0.0000000000 
_pdbx_struct_oper_list.matrix[1][3]         0.0000000000 
_pdbx_struct_oper_list.vector[1]            0.0000000000 
_pdbx_struct_oper_list.matrix[2][1]         0.0000000000 
_pdbx_struct_oper_list.matrix[2][2]         1.0000000000 
_pdbx_struct_oper_list.matrix[2][3]         0.0000000000 
_pdbx_struct_oper_list.vector[2]            0.0000000000 
_pdbx_struct_oper_list.matrix[3][1]         0.0000000000 
_pdbx_struct_oper_list.matrix[3][2]         0.0000000000 
_pdbx_struct_oper_list.matrix[3][3]         1.0000000000 
_pdbx_struct_oper_list.vector[3]            0.0000000000 
# 
loop_
_struct_conn.id 
_struct_conn.conn_type_id 
_struct_conn.pdbx_leaving_atom_flag 
_struct_conn.pdbx_PDB_id 
_struct_conn.ptnr1_label_asym_id 
_struct_conn.ptnr1_label_comp_id 
_struct_conn.ptnr1_label_seq_id 
_struct_conn.ptnr1_label_atom_id 
_struct_conn.pdbx_ptnr1_label_alt_id 
_struct_conn.pdbx_ptnr1_PDB_ins_code 
_struct_conn.pdbx_ptnr1_standard_comp_id 
_struct_conn.ptnr1_symmetry 
_struct_conn.ptnr2_label_asym_id 
_struct_conn.ptnr2_label_comp_id 
_struct_conn.ptnr2_label_seq_id 
_struct_conn.ptnr2_label_atom_id 
_struct_conn.pdbx_ptnr2_label_alt_id 
_struct_conn.pdbx_ptnr2_PDB_ins_code 
_struct_conn.ptnr1_auth_asym_id 
_struct_conn.ptnr1_auth_comp_id 
_struct_conn.ptnr1_auth_seq_id 
_struct_conn.ptnr2_auth_asym_id 
_struct_conn.ptnr2_auth_comp_id 
_struct_conn.ptnr2_auth_seq_id 
_struct_conn.ptnr2_symmetry 
_struct_conn.pdbx_ptnr3_label_atom_id 
_struct_conn.pdbx_ptnr3_label_seq_id 
_struct_conn.pdbx_ptnr3_label_comp_id 
_struct_conn.pdbx_ptnr3_label_asym_id 
_struct_conn.pdbx_ptnr3_label_alt_id 
_struct_conn.pdbx_ptnr3_PDB_ins_code 
_struct_conn.details 
_struct_conn.pdbx_dist_value 
_struct_conn.pdbx_value_order 
_struct_conn.pdbx_role 
disulf1 disulf ? ? A CYS 17 SG  ? ? ? 1_555 A CYS 86  SG ? ? A CYS 17 A CYS 86  1_555 ? ? ? ? ? ? ? 2.026 ? ? 
disulf2 disulf ? ? A CYS 20 SG  ? ? ? 1_555 A CYS 131 SG A ? A CYS 20 A CYS 131 1_555 ? ? ? ? ? ? ? 2.086 ? ? 
disulf3 disulf ? ? A CYS 20 SG  ? ? ? 1_555 A CYS 131 SG B ? A CYS 20 A CYS 131 1_555 ? ? ? ? ? ? ? 2.042 ? ? 
disulf4 disulf ? ? A CYS 42 SG  ? ? ? 1_555 A CYS 74  SG ? ? A CYS 42 A CYS 74  1_555 ? ? ? ? ? ? ? 2.200 ? ? 
metalc1 metalc ? ? A HIS 21 NE2 ? ? ? 1_555 B ZN  .   ZN ? ? A HIS 21 A ZN  201 4_575 ? ? ? ? ? ? ? 1.957 ? ? 
metalc2 metalc ? ? A ASP 45 OD1 ? ? ? 1_555 B ZN  .   ZN ? ? A ASP 45 A ZN  201 1_555 ? ? ? ? ? ? ? 1.954 ? ? 
metalc3 metalc ? ? A ASP 73 OD1 ? ? ? 1_555 B ZN  .   ZN ? ? A ASP 73 A ZN  201 1_555 ? ? ? ? ? ? ? 2.016 ? ? 
metalc4 metalc ? ? A ASP 73 OD2 ? ? ? 1_555 B ZN  .   ZN ? ? A ASP 73 A ZN  201 1_555 ? ? ? ? ? ? ? 2.670 ? ? 
metalc5 metalc ? ? A GLU 88 OE2 ? ? ? 1_555 B ZN  .   ZN ? ? A GLU 88 A ZN  201 4_575 ? ? ? ? ? ? ? 1.903 ? ? 
# 
loop_
_struct_conn_type.id 
_struct_conn_type.criteria 
_struct_conn_type.reference 
disulf ? ? 
metalc ? ? 
# 
loop_
_pdbx_struct_conn_angle.id 
_pdbx_struct_conn_angle.ptnr1_label_atom_id 
_pdbx_struct_conn_angle.ptnr1_label_alt_id 
_pdbx_struct_conn_angle.ptnr1_label_asym_id 
_pdbx_struct_conn_angle.ptnr1_label_comp_id 
_pdbx_struct_conn_angle.ptnr1_label_seq_id 
_pdbx_struct_conn_angle.ptnr1_auth_atom_id 
_pdbx_struct_conn_angle.ptnr1_auth_asym_id 
_pdbx_struct_conn_angle.ptnr1_auth_comp_id 
_pdbx_struct_conn_angle.ptnr1_auth_seq_id 
_pdbx_struct_conn_angle.ptnr1_PDB_ins_code 
_pdbx_struct_conn_angle.ptnr1_symmetry 
_pdbx_struct_conn_angle.ptnr2_label_atom_id 
_pdbx_struct_conn_angle.ptnr2_label_alt_id 
_pdbx_struct_conn_angle.ptnr2_label_asym_id 
_pdbx_struct_conn_angle.ptnr2_label_comp_id 
_pdbx_struct_conn_angle.ptnr2_label_seq_id 
_pdbx_struct_conn_angle.ptnr2_auth_atom_id 
_pdbx_struct_conn_angle.ptnr2_auth_asym_id 
_pdbx_struct_conn_angle.ptnr2_auth_comp_id 
_pdbx_struct_conn_angle.ptnr2_auth_seq_id 
_pdbx_struct_conn_angle.ptnr2_PDB_ins_code 
_pdbx_struct_conn_angle.ptnr2_symmetry 
_pdbx_struct_conn_angle.ptnr3_label_atom_id 
_pdbx_struct_conn_angle.ptnr3_label_alt_id 
_pdbx_struct_conn_angle.ptnr3_label_asym_id 
_pdbx_struct_conn_angle.ptnr3_label_comp_id 
_pdbx_struct_conn_angle.ptnr3_label_seq_id 
_pdbx_struct_conn_angle.ptnr3_auth_atom_id 
_pdbx_struct_conn_angle.ptnr3_auth_asym_id 
_pdbx_struct_conn_angle.ptnr3_auth_comp_id 
_pdbx_struct_conn_angle.ptnr3_auth_seq_id 
_pdbx_struct_conn_angle.ptnr3_PDB_ins_code 
_pdbx_struct_conn_angle.ptnr3_symmetry 
_pdbx_struct_conn_angle.value 
_pdbx_struct_conn_angle.value_esd 
1  NE2 ? A HIS 21 ? A HIS 21 ? 1_555 ZN ? B ZN . ? A ZN 201 ? 4_575 OD1 ? A ASP 45 ? A ASP 45 ? 1_555 122.4 ? 
2  NE2 ? A HIS 21 ? A HIS 21 ? 1_555 ZN ? B ZN . ? A ZN 201 ? 4_575 OD1 ? A ASP 73 ? A ASP 73 ? 1_555 119.7 ? 
3  OD1 ? A ASP 45 ? A ASP 45 ? 1_555 ZN ? B ZN . ? A ZN 201 ? 4_575 OD1 ? A ASP 73 ? A ASP 73 ? 1_555 3.1   ? 
4  NE2 ? A HIS 21 ? A HIS 21 ? 1_555 ZN ? B ZN . ? A ZN 201 ? 4_575 OD2 ? A ASP 73 ? A ASP 73 ? 1_555 123.0 ? 
5  OD1 ? A ASP 45 ? A ASP 45 ? 1_555 ZN ? B ZN . ? A ZN 201 ? 4_575 OD2 ? A ASP 73 ? A ASP 73 ? 1_555 3.0   ? 
6  OD1 ? A ASP 73 ? A ASP 73 ? 1_555 ZN ? B ZN . ? A ZN 201 ? 4_575 OD2 ? A ASP 73 ? A ASP 73 ? 1_555 3.7   ? 
7  NE2 ? A HIS 21 ? A HIS 21 ? 1_555 ZN ? B ZN . ? A ZN 201 ? 4_575 OE2 ? A GLU 88 ? A GLU 88 ? 1_555 103.6 ? 
8  OD1 ? A ASP 45 ? A ASP 45 ? 1_555 ZN ? B ZN . ? A ZN 201 ? 4_575 OE2 ? A GLU 88 ? A GLU 88 ? 1_555 76.7  ? 
9  OD1 ? A ASP 73 ? A ASP 73 ? 1_555 ZN ? B ZN . ? A ZN 201 ? 4_575 OE2 ? A GLU 88 ? A GLU 88 ? 1_555 75.6  ? 
10 OD2 ? A ASP 73 ? A ASP 73 ? 1_555 ZN ? B ZN . ? A ZN 201 ? 4_575 OE2 ? A GLU 88 ? A GLU 88 ? 1_555 73.6  ? 
# 
loop_
_pdbx_modification_feature.ordinal 
_pdbx_modification_feature.label_comp_id 
_pdbx_modification_feature.label_asym_id 
_pdbx_modification_feature.label_seq_id 
_pdbx_modification_feature.label_alt_id 
_pdbx_modification_feature.modified_residue_label_comp_id 
_pdbx_modification_feature.modified_residue_label_asym_id 
_pdbx_modification_feature.modified_residue_label_seq_id 
_pdbx_modification_feature.modified_residue_label_alt_id 
_pdbx_modification_feature.auth_comp_id 
_pdbx_modification_feature.auth_asym_id 
_pdbx_modification_feature.auth_seq_id 
_pdbx_modification_feature.PDB_ins_code 
_pdbx_modification_feature.symmetry 
_pdbx_modification_feature.modified_residue_auth_comp_id 
_pdbx_modification_feature.modified_residue_auth_asym_id 
_pdbx_modification_feature.modified_residue_auth_seq_id 
_pdbx_modification_feature.modified_residue_PDB_ins_code 
_pdbx_modification_feature.modified_residue_symmetry 
_pdbx_modification_feature.comp_id_linking_atom 
_pdbx_modification_feature.modified_residue_id_linking_atom 
_pdbx_modification_feature.modified_residue_id 
_pdbx_modification_feature.ref_pcm_id 
_pdbx_modification_feature.ref_comp_id 
_pdbx_modification_feature.type 
_pdbx_modification_feature.category 
1 CYS A 17 ? CYS A 86  ? CYS A 17 ? 1_555 CYS A 86  ? 1_555 SG SG . . . None 'Disulfide bridge' 
2 CYS A 20 ? CYS A 131 A CYS A 20 ? 1_555 CYS A 131 ? 1_555 SG SG . . . None 'Disulfide bridge' 
3 CYS A 20 ? CYS A 131 B CYS A 20 ? 1_555 CYS A 131 ? 1_555 SG SG . . . None 'Disulfide bridge' 
4 CYS A 42 ? CYS A 74  ? CYS A 42 ? 1_555 CYS A 74  ? 1_555 SG SG . . . None 'Disulfide bridge' 
# 
loop_
_struct_sheet.id 
_struct_sheet.type 
_struct_sheet.number_strands 
_struct_sheet.details 
AA1 ? 3 ? 
AA2 ? 3 ? 
AA3 ? 4 ? 
# 
loop_
_struct_sheet_order.sheet_id 
_struct_sheet_order.range_id_1 
_struct_sheet_order.range_id_2 
_struct_sheet_order.offset 
_struct_sheet_order.sense 
AA1 1 2 ? anti-parallel 
AA1 2 3 ? parallel      
AA2 1 2 ? anti-parallel 
AA2 2 3 ? parallel      
AA3 1 2 ? anti-parallel 
AA3 2 3 ? anti-parallel 
AA3 3 4 ? anti-parallel 
# 
loop_
_struct_sheet_range.sheet_id 
_struct_sheet_range.id 
_struct_sheet_range.beg_label_comp_id 
_struct_sheet_range.beg_label_asym_id 
_struct_sheet_range.beg_label_seq_id 
_struct_sheet_range.pdbx_beg_PDB_ins_code 
_struct_sheet_range.end_label_comp_id 
_struct_sheet_range.end_label_asym_id 
_struct_sheet_range.end_label_seq_id 
_struct_sheet_range.pdbx_end_PDB_ins_code 
_struct_sheet_range.beg_auth_comp_id 
_struct_sheet_range.beg_auth_asym_id 
_struct_sheet_range.beg_auth_seq_id 
_struct_sheet_range.end_auth_comp_id 
_struct_sheet_range.end_auth_asym_id 
_struct_sheet_range.end_auth_seq_id 
AA1 1 GLU A 31  ? ARG A 32  ? GLU A 31  ARG A 32  
AA1 2 LYS A 8   ? ASN A 18  ? LYS A 8   ASN A 18  
AA1 3 THR A 114 ? HIS A 116 ? THR A 114 HIS A 116 
AA2 1 VAL A 62  ? VAL A 68  ? VAL A 62  VAL A 68  
AA2 2 LYS A 8   ? ASN A 18  ? LYS A 8   ASN A 18  
AA2 3 LEU A 120 ? ARG A 123 ? LEU A 120 ARG A 123 
AA3 1 TYR A 51  ? GLU A 56  ? TYR A 51  GLU A 56  
AA3 2 GLN A 37  ? CYS A 42  ? GLN A 37  CYS A 42  
AA3 3 CYS A 74  ? LYS A 80  ? CYS A 74  LYS A 80  
AA3 4 SER A 100 ? VAL A 102 ? SER A 100 VAL A 102 
# 
loop_
_pdbx_struct_sheet_hbond.sheet_id 
_pdbx_struct_sheet_hbond.range_id_1 
_pdbx_struct_sheet_hbond.range_id_2 
_pdbx_struct_sheet_hbond.range_1_label_atom_id 
_pdbx_struct_sheet_hbond.range_1_label_comp_id 
_pdbx_struct_sheet_hbond.range_1_label_asym_id 
_pdbx_struct_sheet_hbond.range_1_label_seq_id 
_pdbx_struct_sheet_hbond.range_1_PDB_ins_code 
_pdbx_struct_sheet_hbond.range_1_auth_atom_id 
_pdbx_struct_sheet_hbond.range_1_auth_comp_id 
_pdbx_struct_sheet_hbond.range_1_auth_asym_id 
_pdbx_struct_sheet_hbond.range_1_auth_seq_id 
_pdbx_struct_sheet_hbond.range_2_label_atom_id 
_pdbx_struct_sheet_hbond.range_2_label_comp_id 
_pdbx_struct_sheet_hbond.range_2_label_asym_id 
_pdbx_struct_sheet_hbond.range_2_label_seq_id 
_pdbx_struct_sheet_hbond.range_2_PDB_ins_code 
_pdbx_struct_sheet_hbond.range_2_auth_atom_id 
_pdbx_struct_sheet_hbond.range_2_auth_comp_id 
_pdbx_struct_sheet_hbond.range_2_auth_asym_id 
_pdbx_struct_sheet_hbond.range_2_auth_seq_id 
AA1 1 2 O GLU A 31 ? O GLU A 31 N CYS A 17  ? N CYS A 17  
AA1 2 3 N GLU A 12 ? N GLU A 12 O ARG A 115 ? O ARG A 115 
AA2 1 2 O VAL A 67 ? O VAL A 67 N PHE A 9   ? N PHE A 9   
AA2 2 3 N ASN A 18 ? N ASN A 18 O PHE A 122 ? O PHE A 122 
AA3 1 2 O ILE A 53 ? O ILE A 53 N LEU A 40  ? N LEU A 40  
AA3 2 3 N GLN A 37 ? N GLN A 37 O LYS A 80  ? O LYS A 80  
AA3 3 4 N ILE A 76 ? N ILE A 76 O SER A 100 ? O SER A 100 
# 
_struct_site.id                   AC1 
_struct_site.pdbx_evidence_code   Software 
_struct_site.pdbx_auth_asym_id    A 
_struct_site.pdbx_auth_comp_id    ZN 
_struct_site.pdbx_auth_seq_id     201 
_struct_site.pdbx_auth_ins_code   ? 
_struct_site.pdbx_num_residues    4 
_struct_site.details              'binding site for residue ZN A 201' 
# 
loop_
_struct_site_gen.id 
_struct_site_gen.site_id 
_struct_site_gen.pdbx_num_res 
_struct_site_gen.label_comp_id 
_struct_site_gen.label_asym_id 
_struct_site_gen.label_seq_id 
_struct_site_gen.pdbx_auth_ins_code 
_struct_site_gen.auth_comp_id 
_struct_site_gen.auth_asym_id 
_struct_site_gen.auth_seq_id 
_struct_site_gen.label_atom_id 
_struct_site_gen.label_alt_id 
_struct_site_gen.symmetry 
_struct_site_gen.details 
1 AC1 4 HIS A 21 ? HIS A 21 . ? 3_744 ? 
2 AC1 4 ASP A 45 ? ASP A 45 . ? 1_555 ? 
3 AC1 4 ASP A 73 ? ASP A 73 . ? 1_555 ? 
4 AC1 4 GLU A 88 ? GLU A 88 . ? 3_744 ? 
# 
_pdbx_entry_details.entry_id                   4Z8W 
_pdbx_entry_details.compound_details           ? 
_pdbx_entry_details.source_details             ? 
_pdbx_entry_details.nonpolymer_details         ? 
_pdbx_entry_details.sequence_details           ? 
_pdbx_entry_details.has_ligand_of_interest     ? 
_pdbx_entry_details.has_protein_modification   Y 
# 
loop_
_pdbx_validate_torsion.id 
_pdbx_validate_torsion.PDB_model_num 
_pdbx_validate_torsion.auth_comp_id 
_pdbx_validate_torsion.auth_asym_id 
_pdbx_validate_torsion.auth_seq_id 
_pdbx_validate_torsion.PDB_ins_code 
_pdbx_validate_torsion.label_alt_id 
_pdbx_validate_torsion.phi 
_pdbx_validate_torsion.psi 
1 1 ASP A 58 ? ? -102.63 -160.49 
2 1 VAL A 79 ? ? -122.37 -59.18  
# 
loop_
_pdbx_phasing_MAD_set_site.id 
_pdbx_phasing_MAD_set_site.atom_type_symbol 
_pdbx_phasing_MAD_set_site.Cartn_x 
_pdbx_phasing_MAD_set_site.Cartn_y 
_pdbx_phasing_MAD_set_site.Cartn_z 
_pdbx_phasing_MAD_set_site.occupancy 
_pdbx_phasing_MAD_set_site.b_iso 
1   CA -82.689 -84.147  55.976 1.00 20.00 
2   C  -82.691 -85.638  56.296 1.00 20.00 
3   O  -83.756 -86.237  56.429 1.00 20.00 
4   N  -81.505 -86.238  56.422 1.00 20.00 
5   CA -81.393 -87.660  56.729 1.00 20.00 
6   CB -80.510 -88.366  55.695 1.00 20.00 
7   C  -80.848 -87.881  58.135 1.00 20.00 
8   O  -79.758 -87.411  58.456 1.00 20.00 
9   N  -81.601 -88.594  58.978 1.00 20.00 
10  CA -81.175 -88.864  60.346 1.00 20.00 
11  CB -82.091 -88.152  61.347 1.00 20.00 
12  C  -81.142 -90.364  60.624 1.00 20.00 
13  O  -81.833 -91.129  59.956 1.00 20.00 
14  N  -80.342 -90.785  61.608 1.00 20.00 
15  CA -80.235 -92.197  61.956 1.00 20.00 
16  CB -78.864 -92.750  61.551 1.00 20.00 
17  C  -80.481 -92.414  63.444 1.00 20.00 
18  O  -80.005 -91.635  64.267 1.00 20.00 
19  N  -81.225 -93.467  63.794 1.00 20.00 
20  CA -81.522 -93.766  65.190 1.00 20.00 
21  CB -83.034 -93.843  65.428 1.00 20.00 
22  C  -80.848 -95.070  65.604 1.00 20.00 
23  O  -81.399 -96.147  65.383 1.00 20.00 
24  N  -79.657 -94.978  66.202 1.00 20.00 
25  CA -78.925 -96.163  66.638 1.00 20.00 
26  CB -77.438 -96.020  66.294 1.00 20.00 
27  C  -79.109 -96.428  68.129 1.00 20.00 
28  O  -79.040 -95.500  68.932 1.00 20.00 
29  N  -79.341 -97.689  68.500 1.00 20.00 
30  CA -79.532 -98.053  69.900 1.00 20.00 
31  CB -80.981 -98.477  70.160 1.00 20.00 
32  C  -78.568 -99.164  70.301 1.00 20.00 
33  O  -78.251 -100.029 69.488 1.00 20.00 
34  N  -78.100 -99.145  71.552 1.00 20.00 
35  CA -77.172 -100.159 72.040 1.00 20.00 
36  CB -76.299 -99.598  73.167 1.00 20.00 
37  C  -77.924 -101.399 72.512 1.00 20.00 
38  O  -78.848 -101.292 73.314 1.00 20.00 
39  N  -77.531 -102.577 72.017 1.00 20.00 
40  CA -78.181 -103.825 72.401 1.00 20.00 
41  CA -80.459 -99.884  91.885 1.00 20.00 
42  C  -80.611 -99.727  90.375 1.00 20.00 
43  O  -80.292 -100.646 89.625 1.00 20.00 
44  N  -81.097 -98.566  89.929 1.00 20.00 
45  CA -81.284 -98.310  88.505 1.00 20.00 
46  CB -82.531 -97.452  88.270 1.00 20.00 
47  C  -80.044 -97.642  87.918 1.00 20.00 
48  O  -79.415 -96.820  88.581 1.00 20.00 
49  N  -79.691 -97.993  86.678 1.00 20.00 
50  CA -78.523 -97.415  86.022 1.00 20.00 
51  CB -77.886 -98.521  85.175 1.00 20.00 
52  C  -78.748 -96.160  85.185 1.00 20.00 
53  O  -79.744 -96.066  84.471 1.00 20.00 
54  N  -77.827 -95.196  85.271 1.00 20.00 
55  CA -77.945 -93.955  84.513 1.00 20.00 
56  CB -77.117 -92.842  85.163 1.00 20.00 
57  C  -77.518 -94.163  83.064 1.00 20.00 
58  O  -77.040 -95.240  82.711 1.00 20.00 
59  N  -77.687 -93.138  82.223 1.00 20.00 
60  CA -77.312 -93.231  80.816 1.00 20.00 
61  CB -78.357 -92.529  79.944 1.00 20.00 
62  C  -75.924 -92.651  80.563 1.00 20.00 
63  O  -75.284 -92.996  79.573 1.00 20.00 
64  N  -75.458 -91.771  81.454 1.00 20.00 
65  CA -74.143 -91.155  81.307 1.00 20.00 
66  CB -74.249 -89.627  81.305 1.00 20.00 
67  C  -73.213 -91.626  82.420 1.00 20.00 
68  O  -73.625 -92.397  83.283 1.00 20.00 
69  N  -71.958 -91.166  82.401 1.00 20.00 
70  CA -70.985 -91.554  83.418 1.00 20.00 
71  CB -69.813 -92.320  82.798 1.00 20.00 
72  C  -70.487 -90.316  84.157 1.00 20.00 
73  O  -69.731 -89.526  83.597 1.00 20.00 
74  N  -70.908 -90.145  85.413 1.00 20.00 
75  CA -70.493 -88.996  86.211 1.00 20.00 
76  CB -71.227 -88.975  87.555 1.00 20.00 
77  C  -68.982 -89.003  86.425 1.00 20.00 
78  O  -68.372 -90.070  86.470 1.00 20.00 
79  N  -68.378 -87.820  86.557 1.00 20.00 
80  CA -66.938 -87.713  86.765 1.00 20.00 
81  CB -66.542 -86.251  86.994 1.00 20.00 
82  C  -66.473 -88.582  87.929 1.00 20.00 
83  O  -67.159 -88.671  88.945 1.00 20.00 
84  N  -65.311 -89.225  87.786 1.00 20.00 
85  CA -64.774 -90.082  88.836 1.00 20.00 
86  CA -79.714 -86.727  66.668 1.00 20.00 
87  C  -79.388 -86.611  68.153 1.00 20.00 
88  O  -78.273 -86.922  68.566 1.00 20.00 
89  N  -80.356 -86.163  68.957 1.00 20.00 
90  CA -80.152 -86.013  70.394 1.00 20.00 
91  CB -81.010 -84.870  70.944 1.00 20.00 
92  C  -80.460 -87.319  71.120 1.00 20.00 
93  O  -80.702 -88.338  70.477 1.00 20.00 
94  N  -80.452 -87.291  72.455 1.00 20.00 
95  CA -80.733 -88.483  73.248 1.00 20.00 
96  CB -80.146 -88.345  74.657 1.00 20.00 
97  C  -82.239 -88.717  73.290 1.00 20.00 
98  O  -83.011 -87.761  73.324 1.00 20.00 
99  N  -82.661 -89.984  73.288 1.00 20.00 
100 CA -84.080 -90.321  73.326 1.00 20.00 
101 CB -84.542 -90.864  71.971 1.00 20.00 
102 C  -84.361 -91.325  74.439 1.00 20.00 
103 O  -83.659 -92.326  74.557 1.00 20.00 
104 N  -85.385 -91.062  75.255 1.00 20.00 
105 CA -85.741 -91.956  76.352 1.00 20.00 
106 CB -86.259 -91.157  77.552 1.00 20.00 
107 C  -86.774 -92.966  75.865 1.00 20.00 
108 O  -87.952 -92.638  75.751 1.00 20.00 
109 N  -86.336 -94.195  75.576 1.00 20.00 
110 CA -87.239 -95.239  75.103 1.00 20.00 
111 CB -86.791 -95.758  73.733 1.00 20.00 
112 C  -87.318 -96.376  76.115 1.00 20.00 
113 O  -87.793 -97.461  75.788 1.00 20.00 
114 N  -86.854 -96.134  77.345 1.00 20.00 
115 CA -86.881 -97.151  78.389 1.00 20.00 
116 CB -86.074 -96.693  79.609 1.00 20.00 
117 C  -88.316 -97.482  78.785 1.00 20.00 
118 O  -89.194 -96.627  78.693 1.00 20.00 
119 N  -88.558 -98.720  79.226 1.00 20.00 
120 CA -89.895 -99.142  79.631 1.00 20.00 
121 CB -90.230 -100.515 79.037 1.00 20.00 
122 C  -90.023 -99.169  81.150 1.00 20.00 
123 O  -91.062 -99.565  81.674 1.00 20.00 
124 N  -88.970 -98.751  81.859 1.00 20.00 
125 CA -88.986 -98.735  83.318 1.00 20.00 
126 CB -87.613 -99.124  83.876 1.00 20.00 
127 C  -89.409 -97.379  83.873 1.00 20.00 
128 O  -88.934 -96.970  84.930 1.00 20.00 
129 N  -90.303 -96.682  83.166 1.00 20.00 
130 CA -90.777 -95.374  83.605 1.00 20.00 
131 CB -90.241 -94.270  82.687 1.00 20.00 
132 C  -92.296 -95.268  83.680 1.00 20.00 
133 O  -93.000 -96.192  83.280 1.00 20.00 
134 N  -92.805 -94.143  84.192 1.00 20.00 
135 CA -94.244 -93.938  84.310 1.00 20.00 
136 CB -94.580 -93.215  85.619 1.00 20.00 
137 C  -94.758 -93.160  83.103 1.00 20.00 
138 O  -95.869 -92.635  83.135 1.00 20.00 
139 N  -93.955 -93.082  82.039 1.00 20.00 
140 CA -94.348 -92.363  80.832 1.00 20.00 
141 CB -93.114 -91.967  80.014 1.00 20.00 
142 C  -95.305 -93.196  79.987 1.00 20.00 
143 O  -95.060 -94.379  79.762 1.00 20.00 
144 N  -96.397 -92.584  79.518 1.00 20.00 
145 CA -97.378 -93.287  78.699 1.00 20.00 
146 CB -98.769 -93.203  79.335 1.00 20.00 
147 C  -97.433 -92.760  77.268 1.00 20.00 
148 O  -97.953 -93.435  76.382 1.00 20.00 
149 N  -96.899 -91.557  77.040 1.00 20.00 
150 CA -96.898 -90.959  75.709 1.00 20.00 
151 CB -96.269 -89.563  75.746 1.00 20.00 
152 C  -96.167 -91.853  74.714 1.00 20.00 
153 O  -94.997 -92.172  74.915 1.00 20.00 
154 N  -96.851 -92.260  73.641 1.00 20.00 
155 CA -96.248 -93.118  72.626 1.00 20.00 
156 CB -97.329 -93.874  71.848 1.00 20.00 
157 C  -95.371 -92.308  71.678 1.00 20.00 
158 O  -94.843 -92.853  70.710 1.00 20.00 
159 N  -95.211 -91.010  71.951 1.00 20.00 
160 CA -94.392 -90.144  71.109 1.00 20.00 
161 CB -95.268 -89.132  70.365 1.00 20.00 
162 C  -93.327 -89.429  71.933 1.00 20.00 
163 O  -93.652 -88.759  72.912 1.00 20.00 
164 N  -92.057 -89.567  71.544 1.00 20.00 
165 CA -90.960 -88.926  72.261 1.00 20.00 
166 CB -89.896 -89.957  72.652 1.00 20.00 
167 C  -90.449 -87.843  71.318 1.00 20.00 
168 O  -90.334 -88.076  70.115 1.00 20.00 
169 N  -90.141 -86.660  71.855 1.00 20.00 
170 CA -89.643 -85.554  71.044 1.00 20.00 
171 CA -89.868 -97.579  66.700 1.00 20.00 
172 C  -90.604 -98.804  67.234 1.00 20.00 
173 O  -91.789 -98.722  67.550 1.00 20.00 
174 N  -89.906 -99.938  67.337 1.00 20.00 
175 CA -90.511 -101.168 67.835 1.00 20.00 
176 CB -90.436 -102.243 66.746 1.00 20.00 
177 C  -89.887 -101.674 69.132 1.00 20.00 
178 O  -88.671 -101.828 69.211 1.00 20.00 
179 N  -90.716 -101.932 70.148 1.00 20.00 
180 CA -90.225 -102.418 71.432 1.00 20.00 
181 CB -89.357 -103.665 71.232 1.00 20.00 
182 C  -89.449 -101.339 72.180 1.00 20.00 
183 O  -89.076 -100.327 71.589 1.00 20.00 
184 N  -89.205 -101.548 73.476 1.00 20.00 
185 CA -88.472 -100.581 74.284 1.00 20.00 
186 CB -88.737 -100.724 75.787 1.00 20.00 
187 C  -86.995 -100.804 73.977 1.00 20.00 
188 O  -86.638 -101.807 73.364 1.00 20.00 
189 N  -86.136 -99.872  74.399 1.00 20.00 
190 CA -84.702 -99.986  74.157 1.00 20.00 
191 CB -84.378 -99.699  72.687 1.00 20.00 
192 C  -83.917 -99.051  75.071 1.00 20.00 
193 O  -84.508 -98.214  75.751 1.00 20.00 
194 N  -82.588 -99.190  75.091 1.00 20.00 
195 CA -81.742 -98.347  75.931 1.00 20.00 
196 CB -81.263 -99.092  77.180 1.00 20.00 
197 C  -80.555 -97.862  75.107 1.00 20.00 
198 O  -80.230 -98.459  74.083 1.00 20.00 
199 N  -79.907 -96.781  75.549 1.00 20.00 
200 CA -78.757 -96.232  74.837 1.00 20.00 
201 CB -77.580 -97.214  74.827 1.00 20.00 
202 C  -79.170 -95.877  73.413 1.00 20.00 
203 O  -78.545 -96.331  72.457 1.00 20.00 
204 N  -80.221 -95.065  73.267 1.00 20.00 
205 CA -80.701 -94.660  71.950 1.00 20.00 
206 CB -82.215 -94.852  71.809 1.00 20.00 
207 C  -80.316 -93.330  71.711 1.00 20.00 
208 O  -80.587 -92.426  72.498 1.00 20.00 
209 N  -79.655 -93.119  70.570 1.00 20.00 
210 CA -79.208 -91.786  70.178 1.00 20.00 
211 CB -77.696 -91.644  70.382 1.00 20.00 
212 C  -79.596 -91.509  68.730 1.00 20.00 
213 O  -79.611 -92.424  67.910 1.00 20.00 
214 N  -79.909 -90.249  68.413 1.00 20.00 
215 CA -80.295 -89.874  67.057 1.00 20.00 
216 CB -81.663 -89.187  66.997 1.00 20.00 
217 C  -79.206 -88.947  66.525 1.00 20.00 
218 O  -78.955 -87.894  67.105 1.00 20.00 
219 N  -78.558 -89.336  65.422 1.00 20.00 
220 CA -77.500 -88.526  64.829 1.00 20.00 
221 CB -76.192 -89.321  64.771 1.00 20.00 
222 C  -77.885 -88.025  63.442 1.00 20.00 
223 O  -78.752 -88.609  62.795 1.00 20.00 
224 N  -77.247 -86.946  62.982 1.00 20.00 
225 CA -77.538 -86.383  61.668 1.00 20.00 
226 CB -77.146 -84.904  61.622 1.00 20.00 
227 C  -76.833 -87.160  60.561 1.00 20.00 
228 O  -75.649 -87.468  60.681 1.00 20.00 
229 N  -77.555 -87.476  59.481 1.00 20.00 
230 CA -76.979 -88.216  58.364 1.00 20.00 
231 CB -78.049 -88.522  57.311 1.00 20.00 
232 C  -75.817 -87.448  57.742 1.00 20.00 
233 O  -75.920 -86.990  56.606 1.00 20.00 
234 N  -74.714 -87.307  58.481 1.00 20.00 
235 CA -73.544 -86.590  57.983 1.00 20.00 
236 CA -90.906 -93.585  64.330 1.00 20.00 
237 C  -91.040 -93.123  65.778 1.00 20.00 
238 O  -90.037 -92.922  66.457 1.00 20.00 
239 N  -92.278 -92.954  66.252 1.00 20.00 
240 CA -92.522 -92.515  67.621 1.00 20.00 
241 CB -92.409 -93.693  68.593 1.00 20.00 
242 C  -91.543 -91.402  67.981 1.00 20.00 
243 O  -91.934 -90.412  68.595 1.00 20.00 
244 N  -90.272 -91.560  67.601 1.00 20.00 
245 CA -89.254 -90.557  67.893 1.00 20.00 
246 CB -87.850 -91.145  67.716 1.00 20.00 
247 C  -89.441 -89.328  67.009 1.00 20.00 
248 O  -89.069 -89.349  65.839 1.00 20.00 
249 N  -90.014 -88.257  67.566 1.00 20.00 
250 CA -90.240 -87.030  66.810 1.00 20.00 
251 CB -91.674 -86.527  67.015 1.00 20.00 
252 C  -89.237 -85.948  67.197 1.00 20.00 
253 O  -89.087 -85.641  68.378 1.00 20.00 
254 N  -88.550 -85.371  66.208 1.00 20.00 
255 CA -87.564 -84.327  66.467 1.00 20.00 
256 CB -86.207 -84.940  66.821 1.00 20.00 
257 C  -87.434 -83.390  65.270 1.00 20.00 
258 O  -87.762 -83.773  64.149 1.00 20.00 
259 N  -86.957 -82.164  65.503 1.00 20.00 
260 CA -86.792 -81.188  64.430 1.00 20.00 
261 CB -87.333 -79.820  64.857 1.00 20.00 
262 C  -85.327 -81.088  64.019 1.00 20.00 
263 O  -84.442 -81.148  64.871 1.00 20.00 
264 N  -85.066 -80.935  62.718 1.00 20.00 
265 CA -83.701 -80.828  62.216 1.00 20.00 
266 CB -83.349 -82.040  61.347 1.00 20.00 
267 C  -83.506 -79.534  61.436 1.00 20.00 
268 O  -84.307 -79.215  60.560 1.00 20.00 
269 N  -82.444 -78.786  61.749 1.00 20.00 
270 CA -82.164 -77.527  61.065 1.00 20.00 
271 CA -77.108 -71.156  64.595 1.00 20.00 
272 C  -76.551 -71.852  63.357 1.00 20.00 
273 O  -75.352 -71.781  63.099 1.00 20.00 
274 N  -77.418 -72.523  62.593 1.00 20.00 
275 CA -76.991 -73.224  61.386 1.00 20.00 
276 CB -78.147 -74.044  60.804 1.00 20.00 
277 C  -76.439 -72.294  60.311 1.00 20.00 
278 O  -75.452 -72.624  59.658 1.00 20.00 
279 N  -77.071 -71.131  60.126 1.00 20.00 
280 CA -76.626 -70.168  59.125 1.00 20.00 
281 CB -77.767 -69.219  58.747 1.00 20.00 
282 C  -75.415 -69.383  59.618 1.00 20.00 
283 O  -74.783 -68.674  58.839 1.00 20.00 
284 N  -75.092 -69.506  60.909 1.00 20.00 
285 CA -73.954 -68.798  61.483 1.00 20.00 
286 CB -74.330 -68.118  62.804 1.00 20.00 
287 C  -72.797 -69.771  61.692 1.00 20.00 
288 O  -72.694 -70.389  62.749 1.00 20.00 
289 N  -71.927 -69.909  60.688 1.00 20.00 
290 CA -70.785 -70.812  60.781 1.00 20.00 
291 CB -69.933 -70.732  59.511 1.00 20.00 
292 C  -69.940 -70.508  62.014 1.00 20.00 
293 O  -69.392 -71.422  62.626 1.00 20.00 
294 N  -69.833 -69.228  62.380 1.00 20.00 
295 CA -69.050 -68.827  63.544 1.00 20.00 
296 CB -69.055 -67.302  63.698 1.00 20.00 
297 C  -69.570 -69.496  64.811 1.00 20.00 
298 O  -68.847 -69.588  65.801 1.00 20.00 
299 N  -70.821 -69.962  64.786 1.00 20.00 
300 CA -71.418 -70.619  65.944 1.00 20.00 
301 CB -72.505 -69.657  66.432 1.00 20.00 
302 C  -71.966 -72.039  65.838 1.00 20.00 
303 O  -71.906 -72.644  64.770 1.00 20.00 
304 N  -72.498 -72.572  66.941 1.00 20.00 
305 CA -73.052 -73.922  66.950 1.00 20.00 
306 CB -72.016 -74.911  67.496 1.00 20.00 
307 C  -74.345 -74.001  67.754 1.00 20.00 
308 O  -74.327 -74.412  68.912 1.00 20.00 
309 N  -75.467 -73.611  67.142 1.00 20.00 
310 CA -76.760 -73.646  67.819 1.00 20.00 
311 CB -76.696 -72.773  69.076 1.00 20.00 
312 C  -77.922 -73.222  66.929 1.00 20.00 
313 O  -77.705 -72.763  65.809 1.00 20.00 
314 N  -79.156 -73.372  67.420 1.00 20.00 
315 CA -80.338 -72.997  66.652 1.00 20.00 
316 CB -81.467 -74.032  66.703 1.00 20.00 
317 C  -80.793 -71.677  67.266 1.00 20.00 
318 O  -80.924 -71.576  68.484 1.00 20.00 
319 N  -81.034 -70.665  66.427 1.00 20.00 
320 CA -81.473 -69.359  66.907 1.00 20.00 
321 CB -80.299 -68.377  66.953 1.00 20.00 
322 C  -82.597 -68.811  66.034 1.00 20.00 
323 O  -83.214 -69.561  65.282 1.00 20.00 
324 N  -82.865 -67.507  66.132 1.00 20.00 
325 CA -83.921 -66.879  65.344 1.00 20.00 
326 CB -84.165 -65.446  65.825 1.00 20.00 
327 C  -83.589 -66.896  63.854 1.00 20.00 
328 O  -84.479 -66.730  63.023 1.00 20.00 
329 N  -82.312 -67.094  63.516 1.00 20.00 
330 CA -81.886 -67.129  62.121 1.00 20.00 
331 CB -80.496 -66.498  61.990 1.00 20.00 
332 C  -81.892 -68.539  61.540 1.00 20.00 
333 O  -81.783 -68.706  60.327 1.00 20.00 
334 N  -82.019 -69.553  62.400 1.00 20.00 
335 CA -82.036 -70.941  61.952 1.00 20.00 
336 CB -82.210 -71.893  63.140 1.00 20.00 
337 C  -83.140 -71.163  60.922 1.00 20.00 
338 O  -84.167 -70.489  60.964 1.00 20.00 
339 N  -82.932 -72.105  59.997 1.00 20.00 
340 CA -83.922 -72.398  58.966 1.00 20.00 
341 CB -83.436 -71.922  57.593 1.00 20.00 
342 C  -84.237 -73.890  58.936 1.00 20.00 
343 O  -83.329 -74.709  58.822 1.00 20.00 
344 N  -85.521 -74.245  59.038 1.00 20.00 
345 CA -85.934 -75.644  59.020 1.00 20.00 
346 CB -87.453 -75.769  59.176 1.00 20.00 
347 C  -85.468 -76.317  57.732 1.00 20.00 
348 O  -85.687 -75.787  56.646 1.00 20.00 
349 N  -84.829 -77.484  57.851 1.00 20.00 
350 CA -84.342 -78.214  56.685 1.00 20.00 
351 CB -82.893 -78.660  56.907 1.00 20.00 
352 C  -85.228 -79.411  56.359 1.00 20.00 
353 O  -85.470 -80.252  57.220 1.00 20.00 
354 N  -85.715 -79.489  55.117 1.00 20.00 
355 CA -86.573 -80.592  54.698 1.00 20.00 
356 CB -87.733 -80.078  53.839 1.00 20.00 
357 C  -85.774 -81.649  53.943 1.00 20.00 
358 O  -84.772 -81.326  53.308 1.00 20.00 
359 N  -86.211 -82.909  54.010 1.00 20.00 
360 CA -85.521 -83.997  53.325 1.00 20.00 
361 CB -85.684 -83.850  51.809 1.00 20.00 
362 C  -84.045 -84.066  53.702 1.00 20.00 
363 O  -83.691 -83.836  54.856 1.00 20.00 
364 N  -83.181 -84.384  52.732 1.00 20.00 
365 CA -81.747 -84.478  52.983 1.00 20.00 
366 CA -74.781 -105.059 74.162 1.00 20.00 
367 C  -73.880 -103.828 74.196 1.00 20.00 
368 O  -74.239 -102.820 74.801 1.00 20.00 
369 N  -72.714 -103.906 73.551 1.00 20.00 
370 CA -71.777 -102.787 73.520 1.00 20.00 
371 CB -70.392 -103.230 74.002 1.00 20.00 
372 C  -71.676 -102.167 72.131 1.00 20.00 
373 O  -70.780 -101.365 71.879 1.00 20.00 
374 N  -72.589 -102.536 71.229 1.00 20.00 
375 CA -72.584 -102.004 69.871 1.00 20.00 
376 CB -71.873 -102.968 68.916 1.00 20.00 
377 C  -74.041 -101.759 69.490 1.00 20.00 
378 O  -74.944 -102.166 70.217 1.00 20.00 
379 N  -74.272 -101.096 68.353 1.00 20.00 
380 CA -75.627 -100.808 67.896 1.00 20.00 
381 CB -75.599 -99.863  66.691 1.00 20.00 
382 C  -76.385 -102.086 67.548 1.00 20.00 
383 O  -75.871 -102.925 66.812 1.00 20.00 
384 N  -77.603 -102.235 68.075 1.00 20.00 
385 CA -78.414 -103.418 67.809 1.00 20.00 
386 CB -78.750 -104.147 69.114 1.00 20.00 
387 C  -79.689 -103.052 67.056 1.00 20.00 
388 O  -80.163 -103.829 66.231 1.00 20.00 
389 N  -80.247 -101.871 67.339 1.00 20.00 
390 CA -81.467 -101.422 66.677 1.00 20.00 
391 CB -82.604 -101.265 67.694 1.00 20.00 
392 C  -81.089 -100.122 65.976 1.00 20.00 
393 O  -80.518 -99.230  66.599 1.00 20.00 
394 N  -81.404 -100.011 64.683 1.00 20.00 
395 CA -81.088 -98.811  63.916 1.00 20.00 
396 CB -79.791 -99.003  63.124 1.00 20.00 
397 C  -82.201 -98.389  62.965 1.00 20.00 
398 O  -82.572 -99.150  62.073 1.00 20.00 
399 N  -82.738 -97.179  63.150 1.00 20.00 
400 CA -83.809 -96.676  62.296 1.00 20.00 
401 CB -85.078 -96.422  63.116 1.00 20.00 
402 C  -83.325 -95.411  61.595 1.00 20.00 
403 O  -82.814 -94.502  62.247 1.00 20.00 
404 N  -83.482 -95.348  60.270 1.00 20.00 
405 CA -83.054 -94.185  59.502 1.00 20.00 
406 CB -81.935 -94.547  58.520 1.00 20.00 
407 C  -84.248 -93.592  58.760 1.00 20.00 
408 O  -85.048 -94.331  58.190 1.00 20.00 
409 N  -84.370 -92.262  58.764 1.00 20.00 
410 CA -85.474 -91.592  58.085 1.00 20.00 
411 CB -86.705 -91.521  58.995 1.00 20.00 
412 C  -85.064 -90.196  57.628 1.00 20.00 
413 O  -83.943 -89.766  57.892 1.00 20.00 
414 N  -85.966 -89.488  56.943 1.00 20.00 
415 CA -85.677 -88.142  56.458 1.00 20.00 
416 CB -85.708 -88.108  54.927 1.00 20.00 
417 C  -86.651 -87.122  57.038 1.00 20.00 
418 O  -87.755 -87.483  57.440 1.00 20.00 
419 N  -86.247 -85.850  57.082 1.00 20.00 
420 CA -87.100 -84.793  57.618 1.00 20.00 
421 CB -86.235 -83.600  58.037 1.00 20.00 
422 C  -88.183 -84.353  56.639 1.00 20.00 
423 O  -88.027 -84.517  55.431 1.00 20.00 
424 N  -89.281 -83.793  57.155 1.00 20.00 
425 CA -90.379 -83.336  56.309 1.00 20.00 
426 CB -91.700 -83.601  57.038 1.00 20.00 
427 C  -90.286 -81.875  55.881 1.00 20.00 
428 O  -89.197 -81.307  55.862 1.00 20.00 
429 N  -91.425 -81.267  55.538 1.00 20.00 
430 CA -91.449 -79.871  55.113 1.00 20.00 
431 CB -92.827 -79.204  55.054 1.00 20.00 
432 C  -90.597 -79.245  56.212 1.00 20.00 
433 O  -91.112 -78.909  57.276 1.00 20.00 
434 N  -89.295 -79.088  55.959 1.00 20.00 
435 CA -88.389 -78.500  56.941 1.00 20.00 
436 CA -78.722 -79.379  56.275 1.00 20.00 
437 C  -78.088 -80.417  55.354 1.00 20.00 
438 O  -77.190 -80.089  54.581 1.00 20.00 
439 N  -78.551 -81.668  55.434 1.00 20.00 
440 CA -78.015 -82.738  54.599 1.00 20.00 
441 CB -78.465 -84.106  55.122 1.00 20.00 
442 C  -78.424 -82.570  53.139 1.00 20.00 
443 O  -77.635 -82.854  52.242 1.00 20.00 
444 N  -79.655 -82.109  52.899 1.00 20.00 
445 CA -80.147 -81.911  51.540 1.00 20.00 
446 CB -81.663 -82.126  51.479 1.00 20.00 
447 C  -79.772 -80.519  51.042 1.00 20.00 
448 O  -79.883 -80.240  49.850 1.00 20.00 
449 N  -79.328 -79.644  51.949 1.00 20.00 
450 CA -78.942 -78.286  51.581 1.00 20.00 
451 CB -79.079 -77.343  52.779 1.00 20.00 
452 C  -77.528 -78.170  51.021 1.00 20.00 
453 O  -76.577 -78.634  51.647 1.00 20.00 
454 N  -77.386 -77.553  49.844 1.00 20.00 
455 CA -76.078 -77.387  49.219 1.00 20.00 
456 CB -76.148 -77.190  47.702 1.00 20.00 
457 C  -75.454 -76.169  49.891 1.00 20.00 
458 O  -75.804 -75.038  49.563 1.00 20.00 
459 N  -74.531 -76.395  50.830 1.00 20.00 
460 CA -73.871 -75.302  51.536 1.00 20.00 
461 CB -74.207 -73.957  50.882 1.00 20.00 
462 C  -74.257 -75.293  53.011 1.00 20.00 
463 O  -73.928 -74.352  53.729 1.00 20.00 
464 N  -74.953 -76.339  53.465 1.00 20.00 
465 CA -75.373 -76.433  54.859 1.00 20.00 
466 CB -76.776 -75.847  55.051 1.00 20.00 
467 C  -75.330 -77.883  55.328 1.00 20.00 
468 O  -76.304 -78.380  55.887 1.00 20.00 
469 N  -74.202 -78.564  55.102 1.00 20.00 
470 CA -74.053 -79.957  55.508 1.00 20.00 
471 CB -73.826 -80.829  54.269 1.00 20.00 
472 C  -72.936 -80.167  56.525 1.00 20.00 
473 O  -72.430 -81.278  56.664 1.00 20.00 
474 N  -72.551 -79.104  57.236 1.00 20.00 
475 CA -71.492 -79.194  58.236 1.00 20.00 
476 CB -70.837 -77.829  58.472 1.00 20.00 
477 C  -72.052 -79.754  59.538 1.00 20.00 
478 O  -73.093 -79.299  60.008 1.00 20.00 
479 N  -71.366 -80.739  60.125 1.00 20.00 
480 CA -71.813 -81.346  61.374 1.00 20.00 
481 CB -71.617 -82.865  61.383 1.00 20.00 
482 C  -71.037 -80.698  62.516 1.00 20.00 
483 O  -69.963 -81.173  62.879 1.00 20.00 
484 N  -71.575 -79.615  63.082 1.00 20.00 
485 CA -70.916 -78.918  64.182 1.00 20.00 
486 CB -71.896 -78.034  64.962 1.00 20.00 
487 C  -70.281 -79.844  65.013 1.00 20.00 
488 O  -70.759 -80.952  65.246 1.00 20.00 
489 N  -69.091 -79.459  65.482 1.00 20.00 
490 CA -68.271 -80.339  66.308 1.00 20.00 
491 CB -66.838 -80.409  65.769 1.00 20.00 
492 C  -68.276 -79.875  67.761 1.00 20.00 
493 O  -67.936 -78.728  68.043 1.00 20.00 
494 N  -68.659 -80.762  68.684 1.00 20.00 
495 CA -68.700 -80.423  70.102 1.00 20.00 
496 CB -69.119 -81.639  70.934 1.00 20.00 
497 C  -67.354 -79.887  70.576 1.00 20.00 
498 O  -66.321 -80.505  70.324 1.00 20.00 
499 N  -67.359 -78.741  71.261 1.00 20.00 
500 CA -66.127 -78.140  71.760 1.00 20.00 
501 CB -66.284 -76.622  71.895 1.00 20.00 
502 C  -65.715 -78.757  73.093 1.00 20.00 
503 O  -66.427 -78.613  74.085 1.00 20.00 
504 N  -64.570 -79.443  73.121 1.00 20.00 
505 CA -64.083 -80.074  74.342 1.00 20.00 
506 CB -64.870 -81.354  74.645 1.00 20.00 
507 C  -62.592 -80.374  74.237 1.00 20.00 
508 O  -62.003 -80.204  73.172 1.00 20.00 
509 N  -61.979 -80.819  75.339 1.00 20.00 
510 CA -60.555 -81.136  75.348 1.00 20.00 
511 CB -59.748 -79.976  75.939 1.00 20.00 
512 C  -60.288 -82.424  76.120 1.00 20.00 
513 O  -59.235 -82.567  76.736 1.00 20.00 
514 N  -61.240 -83.361  76.091 1.00 20.00 
515 CA -61.088 -84.630  76.795 1.00 20.00 
516 CB -61.562 -85.781  75.901 1.00 20.00 
517 C  -59.656 -84.868  77.262 1.00 20.00 
518 O  -58.793 -85.206  76.455 1.00 20.00 
519 N  -59.401 -84.692  78.561 1.00 20.00 
520 CA -58.065 -84.893  79.115 1.00 20.00 
521 CB -57.939 -86.304  79.700 1.00 20.00 
522 C  -56.984 -84.648  78.068 1.00 20.00 
523 O  -57.172 -83.832  77.167 1.00 20.00 
524 N  -55.853 -85.350  78.183 1.00 20.00 
525 CA -54.755 -85.192  77.236 1.00 20.00 
526 CB -53.485 -84.727  77.955 1.00 20.00 
527 C  -54.495 -86.490  76.477 1.00 20.00 
528 O  -54.518 -86.501  75.249 1.00 20.00 
529 N  -54.250 -87.584  77.205 1.00 20.00 
530 CA -53.990 -88.877  76.581 1.00 20.00 
531 CB -52.613 -89.397  77.003 1.00 20.00 
532 C  -55.074 -89.896  76.914 1.00 20.00 
533 O  -55.080 -90.992  76.359 1.00 20.00 
534 N  -55.991 -89.539  77.818 1.00 20.00 
535 CA -57.072 -90.438  78.209 1.00 20.00 
536 CB -58.042 -89.693  79.132 1.00 20.00 
537 C  -57.816 -91.039  77.021 1.00 20.00 
538 O  -58.201 -92.205  77.061 1.00 20.00 
539 N  -58.019 -90.248  75.964 1.00 20.00 
540 CA -58.718 -90.722  74.775 1.00 20.00 
541 CB -58.917 -89.589  73.763 1.00 20.00 
542 C  -57.951 -91.878  74.142 1.00 20.00 
543 O  -58.546 -92.895  73.793 1.00 20.00 
544 N  -56.633 -91.727  73.992 1.00 20.00 
545 CA -55.803 -92.769  73.399 1.00 20.00 
# 
_phasing.method   SAD 
# 
loop_
_pdbx_unobs_or_zero_occ_residues.id 
_pdbx_unobs_or_zero_occ_residues.PDB_model_num 
_pdbx_unobs_or_zero_occ_residues.polymer_flag 
_pdbx_unobs_or_zero_occ_residues.occupancy_flag 
_pdbx_unobs_or_zero_occ_residues.auth_asym_id 
_pdbx_unobs_or_zero_occ_residues.auth_comp_id 
_pdbx_unobs_or_zero_occ_residues.auth_seq_id 
_pdbx_unobs_or_zero_occ_residues.PDB_ins_code 
_pdbx_unobs_or_zero_occ_residues.label_asym_id 
_pdbx_unobs_or_zero_occ_residues.label_comp_id 
_pdbx_unobs_or_zero_occ_residues.label_seq_id 
1 1 Y 1 A THR 1 ? A THR 1 
2 1 Y 1 A GLN 2 ? A GLN 2 
3 1 Y 1 A THR 3 ? A THR 3 
4 1 Y 1 A SER 4 ? A SER 4 
5 1 Y 1 A HIS 5 ? A HIS 5 
6 1 Y 1 A PRO 6 ? A PRO 6 
# 
loop_
_chem_comp_atom.comp_id 
_chem_comp_atom.atom_id 
_chem_comp_atom.type_symbol 
_chem_comp_atom.pdbx_aromatic_flag 
_chem_comp_atom.pdbx_stereo_config 
_chem_comp_atom.pdbx_ordinal 
ALA N    N  N N 1   
ALA CA   C  N S 2   
ALA C    C  N N 3   
ALA O    O  N N 4   
ALA CB   C  N N 5   
ALA OXT  O  N N 6   
ALA H    H  N N 7   
ALA H2   H  N N 8   
ALA HA   H  N N 9   
ALA HB1  H  N N 10  
ALA HB2  H  N N 11  
ALA HB3  H  N N 12  
ALA HXT  H  N N 13  
ARG N    N  N N 14  
ARG CA   C  N S 15  
ARG C    C  N N 16  
ARG O    O  N N 17  
ARG CB   C  N N 18  
ARG CG   C  N N 19  
ARG CD   C  N N 20  
ARG NE   N  N N 21  
ARG CZ   C  N N 22  
ARG NH1  N  N N 23  
ARG NH2  N  N N 24  
ARG OXT  O  N N 25  
ARG H    H  N N 26  
ARG H2   H  N N 27  
ARG HA   H  N N 28  
ARG HB2  H  N N 29  
ARG HB3  H  N N 30  
ARG HG2  H  N N 31  
ARG HG3  H  N N 32  
ARG HD2  H  N N 33  
ARG HD3  H  N N 34  
ARG HE   H  N N 35  
ARG HH11 H  N N 36  
ARG HH12 H  N N 37  
ARG HH21 H  N N 38  
ARG HH22 H  N N 39  
ARG HXT  H  N N 40  
ASN N    N  N N 41  
ASN CA   C  N S 42  
ASN C    C  N N 43  
ASN O    O  N N 44  
ASN CB   C  N N 45  
ASN CG   C  N N 46  
ASN OD1  O  N N 47  
ASN ND2  N  N N 48  
ASN OXT  O  N N 49  
ASN H    H  N N 50  
ASN H2   H  N N 51  
ASN HA   H  N N 52  
ASN HB2  H  N N 53  
ASN HB3  H  N N 54  
ASN HD21 H  N N 55  
ASN HD22 H  N N 56  
ASN HXT  H  N N 57  
ASP N    N  N N 58  
ASP CA   C  N S 59  
ASP C    C  N N 60  
ASP O    O  N N 61  
ASP CB   C  N N 62  
ASP CG   C  N N 63  
ASP OD1  O  N N 64  
ASP OD2  O  N N 65  
ASP OXT  O  N N 66  
ASP H    H  N N 67  
ASP H2   H  N N 68  
ASP HA   H  N N 69  
ASP HB2  H  N N 70  
ASP HB3  H  N N 71  
ASP HD2  H  N N 72  
ASP HXT  H  N N 73  
CYS N    N  N N 74  
CYS CA   C  N R 75  
CYS C    C  N N 76  
CYS O    O  N N 77  
CYS CB   C  N N 78  
CYS SG   S  N N 79  
CYS OXT  O  N N 80  
CYS H    H  N N 81  
CYS H2   H  N N 82  
CYS HA   H  N N 83  
CYS HB2  H  N N 84  
CYS HB3  H  N N 85  
CYS HG   H  N N 86  
CYS HXT  H  N N 87  
GLN N    N  N N 88  
GLN CA   C  N S 89  
GLN C    C  N N 90  
GLN O    O  N N 91  
GLN CB   C  N N 92  
GLN CG   C  N N 93  
GLN CD   C  N N 94  
GLN OE1  O  N N 95  
GLN NE2  N  N N 96  
GLN OXT  O  N N 97  
GLN H    H  N N 98  
GLN H2   H  N N 99  
GLN HA   H  N N 100 
GLN HB2  H  N N 101 
GLN HB3  H  N N 102 
GLN HG2  H  N N 103 
GLN HG3  H  N N 104 
GLN HE21 H  N N 105 
GLN HE22 H  N N 106 
GLN HXT  H  N N 107 
GLU N    N  N N 108 
GLU CA   C  N S 109 
GLU C    C  N N 110 
GLU O    O  N N 111 
GLU CB   C  N N 112 
GLU CG   C  N N 113 
GLU CD   C  N N 114 
GLU OE1  O  N N 115 
GLU OE2  O  N N 116 
GLU OXT  O  N N 117 
GLU H    H  N N 118 
GLU H2   H  N N 119 
GLU HA   H  N N 120 
GLU HB2  H  N N 121 
GLU HB3  H  N N 122 
GLU HG2  H  N N 123 
GLU HG3  H  N N 124 
GLU HE2  H  N N 125 
GLU HXT  H  N N 126 
GLY N    N  N N 127 
GLY CA   C  N N 128 
GLY C    C  N N 129 
GLY O    O  N N 130 
GLY OXT  O  N N 131 
GLY H    H  N N 132 
GLY H2   H  N N 133 
GLY HA2  H  N N 134 
GLY HA3  H  N N 135 
GLY HXT  H  N N 136 
HIS N    N  N N 137 
HIS CA   C  N S 138 
HIS C    C  N N 139 
HIS O    O  N N 140 
HIS CB   C  N N 141 
HIS CG   C  Y N 142 
HIS ND1  N  Y N 143 
HIS CD2  C  Y N 144 
HIS CE1  C  Y N 145 
HIS NE2  N  Y N 146 
HIS OXT  O  N N 147 
HIS H    H  N N 148 
HIS H2   H  N N 149 
HIS HA   H  N N 150 
HIS HB2  H  N N 151 
HIS HB3  H  N N 152 
HIS HD1  H  N N 153 
HIS HD2  H  N N 154 
HIS HE1  H  N N 155 
HIS HE2  H  N N 156 
HIS HXT  H  N N 157 
HOH O    O  N N 158 
HOH H1   H  N N 159 
HOH H2   H  N N 160 
ILE N    N  N N 161 
ILE CA   C  N S 162 
ILE C    C  N N 163 
ILE O    O  N N 164 
ILE CB   C  N S 165 
ILE CG1  C  N N 166 
ILE CG2  C  N N 167 
ILE CD1  C  N N 168 
ILE OXT  O  N N 169 
ILE H    H  N N 170 
ILE H2   H  N N 171 
ILE HA   H  N N 172 
ILE HB   H  N N 173 
ILE HG12 H  N N 174 
ILE HG13 H  N N 175 
ILE HG21 H  N N 176 
ILE HG22 H  N N 177 
ILE HG23 H  N N 178 
ILE HD11 H  N N 179 
ILE HD12 H  N N 180 
ILE HD13 H  N N 181 
ILE HXT  H  N N 182 
LEU N    N  N N 183 
LEU CA   C  N S 184 
LEU C    C  N N 185 
LEU O    O  N N 186 
LEU CB   C  N N 187 
LEU CG   C  N N 188 
LEU CD1  C  N N 189 
LEU CD2  C  N N 190 
LEU OXT  O  N N 191 
LEU H    H  N N 192 
LEU H2   H  N N 193 
LEU HA   H  N N 194 
LEU HB2  H  N N 195 
LEU HB3  H  N N 196 
LEU HG   H  N N 197 
LEU HD11 H  N N 198 
LEU HD12 H  N N 199 
LEU HD13 H  N N 200 
LEU HD21 H  N N 201 
LEU HD22 H  N N 202 
LEU HD23 H  N N 203 
LEU HXT  H  N N 204 
LYS N    N  N N 205 
LYS CA   C  N S 206 
LYS C    C  N N 207 
LYS O    O  N N 208 
LYS CB   C  N N 209 
LYS CG   C  N N 210 
LYS CD   C  N N 211 
LYS CE   C  N N 212 
LYS NZ   N  N N 213 
LYS OXT  O  N N 214 
LYS H    H  N N 215 
LYS H2   H  N N 216 
LYS HA   H  N N 217 
LYS HB2  H  N N 218 
LYS HB3  H  N N 219 
LYS HG2  H  N N 220 
LYS HG3  H  N N 221 
LYS HD2  H  N N 222 
LYS HD3  H  N N 223 
LYS HE2  H  N N 224 
LYS HE3  H  N N 225 
LYS HZ1  H  N N 226 
LYS HZ2  H  N N 227 
LYS HZ3  H  N N 228 
LYS HXT  H  N N 229 
MET N    N  N N 230 
MET CA   C  N S 231 
MET C    C  N N 232 
MET O    O  N N 233 
MET CB   C  N N 234 
MET CG   C  N N 235 
MET SD   S  N N 236 
MET CE   C  N N 237 
MET OXT  O  N N 238 
MET H    H  N N 239 
MET H2   H  N N 240 
MET HA   H  N N 241 
MET HB2  H  N N 242 
MET HB3  H  N N 243 
MET HG2  H  N N 244 
MET HG3  H  N N 245 
MET HE1  H  N N 246 
MET HE2  H  N N 247 
MET HE3  H  N N 248 
MET HXT  H  N N 249 
PHE N    N  N N 250 
PHE CA   C  N S 251 
PHE C    C  N N 252 
PHE O    O  N N 253 
PHE CB   C  N N 254 
PHE CG   C  Y N 255 
PHE CD1  C  Y N 256 
PHE CD2  C  Y N 257 
PHE CE1  C  Y N 258 
PHE CE2  C  Y N 259 
PHE CZ   C  Y N 260 
PHE OXT  O  N N 261 
PHE H    H  N N 262 
PHE H2   H  N N 263 
PHE HA   H  N N 264 
PHE HB2  H  N N 265 
PHE HB3  H  N N 266 
PHE HD1  H  N N 267 
PHE HD2  H  N N 268 
PHE HE1  H  N N 269 
PHE HE2  H  N N 270 
PHE HZ   H  N N 271 
PHE HXT  H  N N 272 
PRO N    N  N N 273 
PRO CA   C  N S 274 
PRO C    C  N N 275 
PRO O    O  N N 276 
PRO CB   C  N N 277 
PRO CG   C  N N 278 
PRO CD   C  N N 279 
PRO OXT  O  N N 280 
PRO H    H  N N 281 
PRO HA   H  N N 282 
PRO HB2  H  N N 283 
PRO HB3  H  N N 284 
PRO HG2  H  N N 285 
PRO HG3  H  N N 286 
PRO HD2  H  N N 287 
PRO HD3  H  N N 288 
PRO HXT  H  N N 289 
SER N    N  N N 290 
SER CA   C  N S 291 
SER C    C  N N 292 
SER O    O  N N 293 
SER CB   C  N N 294 
SER OG   O  N N 295 
SER OXT  O  N N 296 
SER H    H  N N 297 
SER H2   H  N N 298 
SER HA   H  N N 299 
SER HB2  H  N N 300 
SER HB3  H  N N 301 
SER HG   H  N N 302 
SER HXT  H  N N 303 
THR N    N  N N 304 
THR CA   C  N S 305 
THR C    C  N N 306 
THR O    O  N N 307 
THR CB   C  N R 308 
THR OG1  O  N N 309 
THR CG2  C  N N 310 
THR OXT  O  N N 311 
THR H    H  N N 312 
THR H2   H  N N 313 
THR HA   H  N N 314 
THR HB   H  N N 315 
THR HG1  H  N N 316 
THR HG21 H  N N 317 
THR HG22 H  N N 318 
THR HG23 H  N N 319 
THR HXT  H  N N 320 
TYR N    N  N N 321 
TYR CA   C  N S 322 
TYR C    C  N N 323 
TYR O    O  N N 324 
TYR CB   C  N N 325 
TYR CG   C  Y N 326 
TYR CD1  C  Y N 327 
TYR CD2  C  Y N 328 
TYR CE1  C  Y N 329 
TYR CE2  C  Y N 330 
TYR CZ   C  Y N 331 
TYR OH   O  N N 332 
TYR OXT  O  N N 333 
TYR H    H  N N 334 
TYR H2   H  N N 335 
TYR HA   H  N N 336 
TYR HB2  H  N N 337 
TYR HB3  H  N N 338 
TYR HD1  H  N N 339 
TYR HD2  H  N N 340 
TYR HE1  H  N N 341 
TYR HE2  H  N N 342 
TYR HH   H  N N 343 
TYR HXT  H  N N 344 
VAL N    N  N N 345 
VAL CA   C  N S 346 
VAL C    C  N N 347 
VAL O    O  N N 348 
VAL CB   C  N N 349 
VAL CG1  C  N N 350 
VAL CG2  C  N N 351 
VAL OXT  O  N N 352 
VAL H    H  N N 353 
VAL H2   H  N N 354 
VAL HA   H  N N 355 
VAL HB   H  N N 356 
VAL HG11 H  N N 357 
VAL HG12 H  N N 358 
VAL HG13 H  N N 359 
VAL HG21 H  N N 360 
VAL HG22 H  N N 361 
VAL HG23 H  N N 362 
VAL HXT  H  N N 363 
ZN  ZN   ZN N N 364 
# 
loop_
_chem_comp_bond.comp_id 
_chem_comp_bond.atom_id_1 
_chem_comp_bond.atom_id_2 
_chem_comp_bond.value_order 
_chem_comp_bond.pdbx_aromatic_flag 
_chem_comp_bond.pdbx_stereo_config 
_chem_comp_bond.pdbx_ordinal 
ALA N   CA   sing N N 1   
ALA N   H    sing N N 2   
ALA N   H2   sing N N 3   
ALA CA  C    sing N N 4   
ALA CA  CB   sing N N 5   
ALA CA  HA   sing N N 6   
ALA C   O    doub N N 7   
ALA C   OXT  sing N N 8   
ALA CB  HB1  sing N N 9   
ALA CB  HB2  sing N N 10  
ALA CB  HB3  sing N N 11  
ALA OXT HXT  sing N N 12  
ARG N   CA   sing N N 13  
ARG N   H    sing N N 14  
ARG N   H2   sing N N 15  
ARG CA  C    sing N N 16  
ARG CA  CB   sing N N 17  
ARG CA  HA   sing N N 18  
ARG C   O    doub N N 19  
ARG C   OXT  sing N N 20  
ARG CB  CG   sing N N 21  
ARG CB  HB2  sing N N 22  
ARG CB  HB3  sing N N 23  
ARG CG  CD   sing N N 24  
ARG CG  HG2  sing N N 25  
ARG CG  HG3  sing N N 26  
ARG CD  NE   sing N N 27  
ARG CD  HD2  sing N N 28  
ARG CD  HD3  sing N N 29  
ARG NE  CZ   sing N N 30  
ARG NE  HE   sing N N 31  
ARG CZ  NH1  sing N N 32  
ARG CZ  NH2  doub N N 33  
ARG NH1 HH11 sing N N 34  
ARG NH1 HH12 sing N N 35  
ARG NH2 HH21 sing N N 36  
ARG NH2 HH22 sing N N 37  
ARG OXT HXT  sing N N 38  
ASN N   CA   sing N N 39  
ASN N   H    sing N N 40  
ASN N   H2   sing N N 41  
ASN CA  C    sing N N 42  
ASN CA  CB   sing N N 43  
ASN CA  HA   sing N N 44  
ASN C   O    doub N N 45  
ASN C   OXT  sing N N 46  
ASN CB  CG   sing N N 47  
ASN CB  HB2  sing N N 48  
ASN CB  HB3  sing N N 49  
ASN CG  OD1  doub N N 50  
ASN CG  ND2  sing N N 51  
ASN ND2 HD21 sing N N 52  
ASN ND2 HD22 sing N N 53  
ASN OXT HXT  sing N N 54  
ASP N   CA   sing N N 55  
ASP N   H    sing N N 56  
ASP N   H2   sing N N 57  
ASP CA  C    sing N N 58  
ASP CA  CB   sing N N 59  
ASP CA  HA   sing N N 60  
ASP C   O    doub N N 61  
ASP C   OXT  sing N N 62  
ASP CB  CG   sing N N 63  
ASP CB  HB2  sing N N 64  
ASP CB  HB3  sing N N 65  
ASP CG  OD1  doub N N 66  
ASP CG  OD2  sing N N 67  
ASP OD2 HD2  sing N N 68  
ASP OXT HXT  sing N N 69  
CYS N   CA   sing N N 70  
CYS N   H    sing N N 71  
CYS N   H2   sing N N 72  
CYS CA  C    sing N N 73  
CYS CA  CB   sing N N 74  
CYS CA  HA   sing N N 75  
CYS C   O    doub N N 76  
CYS C   OXT  sing N N 77  
CYS CB  SG   sing N N 78  
CYS CB  HB2  sing N N 79  
CYS CB  HB3  sing N N 80  
CYS SG  HG   sing N N 81  
CYS OXT HXT  sing N N 82  
GLN N   CA   sing N N 83  
GLN N   H    sing N N 84  
GLN N   H2   sing N N 85  
GLN CA  C    sing N N 86  
GLN CA  CB   sing N N 87  
GLN CA  HA   sing N N 88  
GLN C   O    doub N N 89  
GLN C   OXT  sing N N 90  
GLN CB  CG   sing N N 91  
GLN CB  HB2  sing N N 92  
GLN CB  HB3  sing N N 93  
GLN CG  CD   sing N N 94  
GLN CG  HG2  sing N N 95  
GLN CG  HG3  sing N N 96  
GLN CD  OE1  doub N N 97  
GLN CD  NE2  sing N N 98  
GLN NE2 HE21 sing N N 99  
GLN NE2 HE22 sing N N 100 
GLN OXT HXT  sing N N 101 
GLU N   CA   sing N N 102 
GLU N   H    sing N N 103 
GLU N   H2   sing N N 104 
GLU CA  C    sing N N 105 
GLU CA  CB   sing N N 106 
GLU CA  HA   sing N N 107 
GLU C   O    doub N N 108 
GLU C   OXT  sing N N 109 
GLU CB  CG   sing N N 110 
GLU CB  HB2  sing N N 111 
GLU CB  HB3  sing N N 112 
GLU CG  CD   sing N N 113 
GLU CG  HG2  sing N N 114 
GLU CG  HG3  sing N N 115 
GLU CD  OE1  doub N N 116 
GLU CD  OE2  sing N N 117 
GLU OE2 HE2  sing N N 118 
GLU OXT HXT  sing N N 119 
GLY N   CA   sing N N 120 
GLY N   H    sing N N 121 
GLY N   H2   sing N N 122 
GLY CA  C    sing N N 123 
GLY CA  HA2  sing N N 124 
GLY CA  HA3  sing N N 125 
GLY C   O    doub N N 126 
GLY C   OXT  sing N N 127 
GLY OXT HXT  sing N N 128 
HIS N   CA   sing N N 129 
HIS N   H    sing N N 130 
HIS N   H2   sing N N 131 
HIS CA  C    sing N N 132 
HIS CA  CB   sing N N 133 
HIS CA  HA   sing N N 134 
HIS C   O    doub N N 135 
HIS C   OXT  sing N N 136 
HIS CB  CG   sing N N 137 
HIS CB  HB2  sing N N 138 
HIS CB  HB3  sing N N 139 
HIS CG  ND1  sing Y N 140 
HIS CG  CD2  doub Y N 141 
HIS ND1 CE1  doub Y N 142 
HIS ND1 HD1  sing N N 143 
HIS CD2 NE2  sing Y N 144 
HIS CD2 HD2  sing N N 145 
HIS CE1 NE2  sing Y N 146 
HIS CE1 HE1  sing N N 147 
HIS NE2 HE2  sing N N 148 
HIS OXT HXT  sing N N 149 
HOH O   H1   sing N N 150 
HOH O   H2   sing N N 151 
ILE N   CA   sing N N 152 
ILE N   H    sing N N 153 
ILE N   H2   sing N N 154 
ILE CA  C    sing N N 155 
ILE CA  CB   sing N N 156 
ILE CA  HA   sing N N 157 
ILE C   O    doub N N 158 
ILE C   OXT  sing N N 159 
ILE CB  CG1  sing N N 160 
ILE CB  CG2  sing N N 161 
ILE CB  HB   sing N N 162 
ILE CG1 CD1  sing N N 163 
ILE CG1 HG12 sing N N 164 
ILE CG1 HG13 sing N N 165 
ILE CG2 HG21 sing N N 166 
ILE CG2 HG22 sing N N 167 
ILE CG2 HG23 sing N N 168 
ILE CD1 HD11 sing N N 169 
ILE CD1 HD12 sing N N 170 
ILE CD1 HD13 sing N N 171 
ILE OXT HXT  sing N N 172 
LEU N   CA   sing N N 173 
LEU N   H    sing N N 174 
LEU N   H2   sing N N 175 
LEU CA  C    sing N N 176 
LEU CA  CB   sing N N 177 
LEU CA  HA   sing N N 178 
LEU C   O    doub N N 179 
LEU C   OXT  sing N N 180 
LEU CB  CG   sing N N 181 
LEU CB  HB2  sing N N 182 
LEU CB  HB3  sing N N 183 
LEU CG  CD1  sing N N 184 
LEU CG  CD2  sing N N 185 
LEU CG  HG   sing N N 186 
LEU CD1 HD11 sing N N 187 
LEU CD1 HD12 sing N N 188 
LEU CD1 HD13 sing N N 189 
LEU CD2 HD21 sing N N 190 
LEU CD2 HD22 sing N N 191 
LEU CD2 HD23 sing N N 192 
LEU OXT HXT  sing N N 193 
LYS N   CA   sing N N 194 
LYS N   H    sing N N 195 
LYS N   H2   sing N N 196 
LYS CA  C    sing N N 197 
LYS CA  CB   sing N N 198 
LYS CA  HA   sing N N 199 
LYS C   O    doub N N 200 
LYS C   OXT  sing N N 201 
LYS CB  CG   sing N N 202 
LYS CB  HB2  sing N N 203 
LYS CB  HB3  sing N N 204 
LYS CG  CD   sing N N 205 
LYS CG  HG2  sing N N 206 
LYS CG  HG3  sing N N 207 
LYS CD  CE   sing N N 208 
LYS CD  HD2  sing N N 209 
LYS CD  HD3  sing N N 210 
LYS CE  NZ   sing N N 211 
LYS CE  HE2  sing N N 212 
LYS CE  HE3  sing N N 213 
LYS NZ  HZ1  sing N N 214 
LYS NZ  HZ2  sing N N 215 
LYS NZ  HZ3  sing N N 216 
LYS OXT HXT  sing N N 217 
MET N   CA   sing N N 218 
MET N   H    sing N N 219 
MET N   H2   sing N N 220 
MET CA  C    sing N N 221 
MET CA  CB   sing N N 222 
MET CA  HA   sing N N 223 
MET C   O    doub N N 224 
MET C   OXT  sing N N 225 
MET CB  CG   sing N N 226 
MET CB  HB2  sing N N 227 
MET CB  HB3  sing N N 228 
MET CG  SD   sing N N 229 
MET CG  HG2  sing N N 230 
MET CG  HG3  sing N N 231 
MET SD  CE   sing N N 232 
MET CE  HE1  sing N N 233 
MET CE  HE2  sing N N 234 
MET CE  HE3  sing N N 235 
MET OXT HXT  sing N N 236 
PHE N   CA   sing N N 237 
PHE N   H    sing N N 238 
PHE N   H2   sing N N 239 
PHE CA  C    sing N N 240 
PHE CA  CB   sing N N 241 
PHE CA  HA   sing N N 242 
PHE C   O    doub N N 243 
PHE C   OXT  sing N N 244 
PHE CB  CG   sing N N 245 
PHE CB  HB2  sing N N 246 
PHE CB  HB3  sing N N 247 
PHE CG  CD1  doub Y N 248 
PHE CG  CD2  sing Y N 249 
PHE CD1 CE1  sing Y N 250 
PHE CD1 HD1  sing N N 251 
PHE CD2 CE2  doub Y N 252 
PHE CD2 HD2  sing N N 253 
PHE CE1 CZ   doub Y N 254 
PHE CE1 HE1  sing N N 255 
PHE CE2 CZ   sing Y N 256 
PHE CE2 HE2  sing N N 257 
PHE CZ  HZ   sing N N 258 
PHE OXT HXT  sing N N 259 
PRO N   CA   sing N N 260 
PRO N   CD   sing N N 261 
PRO N   H    sing N N 262 
PRO CA  C    sing N N 263 
PRO CA  CB   sing N N 264 
PRO CA  HA   sing N N 265 
PRO C   O    doub N N 266 
PRO C   OXT  sing N N 267 
PRO CB  CG   sing N N 268 
PRO CB  HB2  sing N N 269 
PRO CB  HB3  sing N N 270 
PRO CG  CD   sing N N 271 
PRO CG  HG2  sing N N 272 
PRO CG  HG3  sing N N 273 
PRO CD  HD2  sing N N 274 
PRO CD  HD3  sing N N 275 
PRO OXT HXT  sing N N 276 
SER N   CA   sing N N 277 
SER N   H    sing N N 278 
SER N   H2   sing N N 279 
SER CA  C    sing N N 280 
SER CA  CB   sing N N 281 
SER CA  HA   sing N N 282 
SER C   O    doub N N 283 
SER C   OXT  sing N N 284 
SER CB  OG   sing N N 285 
SER CB  HB2  sing N N 286 
SER CB  HB3  sing N N 287 
SER OG  HG   sing N N 288 
SER OXT HXT  sing N N 289 
THR N   CA   sing N N 290 
THR N   H    sing N N 291 
THR N   H2   sing N N 292 
THR CA  C    sing N N 293 
THR CA  CB   sing N N 294 
THR CA  HA   sing N N 295 
THR C   O    doub N N 296 
THR C   OXT  sing N N 297 
THR CB  OG1  sing N N 298 
THR CB  CG2  sing N N 299 
THR CB  HB   sing N N 300 
THR OG1 HG1  sing N N 301 
THR CG2 HG21 sing N N 302 
THR CG2 HG22 sing N N 303 
THR CG2 HG23 sing N N 304 
THR OXT HXT  sing N N 305 
TYR N   CA   sing N N 306 
TYR N   H    sing N N 307 
TYR N   H2   sing N N 308 
TYR CA  C    sing N N 309 
TYR CA  CB   sing N N 310 
TYR CA  HA   sing N N 311 
TYR C   O    doub N N 312 
TYR C   OXT  sing N N 313 
TYR CB  CG   sing N N 314 
TYR CB  HB2  sing N N 315 
TYR CB  HB3  sing N N 316 
TYR CG  CD1  doub Y N 317 
TYR CG  CD2  sing Y N 318 
TYR CD1 CE1  sing Y N 319 
TYR CD1 HD1  sing N N 320 
TYR CD2 CE2  doub Y N 321 
TYR CD2 HD2  sing N N 322 
TYR CE1 CZ   doub Y N 323 
TYR CE1 HE1  sing N N 324 
TYR CE2 CZ   sing Y N 325 
TYR CE2 HE2  sing N N 326 
TYR CZ  OH   sing N N 327 
TYR OH  HH   sing N N 328 
TYR OXT HXT  sing N N 329 
VAL N   CA   sing N N 330 
VAL N   H    sing N N 331 
VAL N   H2   sing N N 332 
VAL CA  C    sing N N 333 
VAL CA  CB   sing N N 334 
VAL CA  HA   sing N N 335 
VAL C   O    doub N N 336 
VAL C   OXT  sing N N 337 
VAL CB  CG1  sing N N 338 
VAL CB  CG2  sing N N 339 
VAL CB  HB   sing N N 340 
VAL CG1 HG11 sing N N 341 
VAL CG1 HG12 sing N N 342 
VAL CG1 HG13 sing N N 343 
VAL CG2 HG21 sing N N 344 
VAL CG2 HG22 sing N N 345 
VAL CG2 HG23 sing N N 346 
VAL OXT HXT  sing N N 347 
# 
_atom_sites.entry_id                    4Z8W 
_atom_sites.fract_transf_matrix[1][1]   0.01251975 
_atom_sites.fract_transf_matrix[1][2]   0.00533737 
_atom_sites.fract_transf_matrix[1][3]   0.01485225 
_atom_sites.fract_transf_matrix[2][1]   0.01385906 
_atom_sites.fract_transf_matrix[2][2]   -0.01278746 
_atom_sites.fract_transf_matrix[2][3]   -0.00708718 
_atom_sites.fract_transf_matrix[3][1]   0.00288097 
_atom_sites.fract_transf_matrix[3][2]   0.00557966 
_atom_sites.fract_transf_matrix[3][3]   -0.00443366 
_atom_sites.fract_transf_vector[1]      1.341736 
_atom_sites.fract_transf_vector[2]      0.859062 
_atom_sites.fract_transf_vector[3]      1.078588 
# 
loop_
_atom_type.symbol 
C  
N  
O  
S  
ZN 
# 
loop_
_atom_site.group_PDB 
_atom_site.id 
_atom_site.type_symbol 
_atom_site.label_atom_id 
_atom_site.label_alt_id 
_atom_site.label_comp_id 
_atom_site.label_asym_id 
_atom_site.label_entity_id 
_atom_site.label_seq_id 
_atom_site.pdbx_PDB_ins_code 
_atom_site.Cartn_x 
_atom_site.Cartn_y 
_atom_site.Cartn_z 
_atom_site.occupancy 
_atom_site.B_iso_or_equiv 
_atom_site.pdbx_formal_charge 
_atom_site.auth_seq_id 
_atom_site.auth_comp_id 
_atom_site.auth_asym_id 
_atom_site.auth_atom_id 
_atom_site.pdbx_PDB_model_num 
ATOM   1    N  N   . ALA A 1 7   ? -13.322 -17.813 6.550   1.00 54.81 ? 7   ALA A N   1 
ATOM   2    C  CA  . ALA A 1 7   ? -13.482 -16.330 6.728   1.00 56.60 ? 7   ALA A CA  1 
ATOM   3    C  C   . ALA A 1 7   ? -13.076 -15.616 5.433   1.00 43.95 ? 7   ALA A C   1 
ATOM   4    O  O   . ALA A 1 7   ? -12.124 -16.042 4.785   1.00 40.58 ? 7   ALA A O   1 
ATOM   5    C  CB  . ALA A 1 7   ? -12.617 -15.822 7.892   1.00 49.42 ? 7   ALA A CB  1 
ATOM   6    N  N   . LYS A 1 8   ? -13.830 -14.579 5.071   0.40 40.99 ? 8   LYS A N   1 
ATOM   7    C  CA  A LYS A 1 8   ? -13.388 -13.718 3.980   0.40 42.47 ? 8   LYS A CA  1 
ATOM   8    C  CA  B LYS A 1 8   ? -13.471 -13.705 3.940   0.40 42.34 ? 8   LYS A CA  1 
ATOM   9    C  C   . LYS A 1 8   ? -13.176 -12.290 4.416   0.40 39.82 ? 8   LYS A C   1 
ATOM   10   O  O   . LYS A 1 8   ? -13.869 -11.774 5.274   0.40 38.87 ? 8   LYS A O   1 
ATOM   11   C  CB  A LYS A 1 8   ? -14.334 -13.749 2.795   0.40 43.53 ? 8   LYS A CB  1 
ATOM   12   C  CB  B LYS A 1 8   ? -14.611 -13.658 2.918   0.40 42.44 ? 8   LYS A CB  1 
ATOM   13   C  CG  A LYS A 1 8   ? -13.606 -14.004 1.481   0.40 44.08 ? 8   LYS A CG  1 
ATOM   14   C  CG  B LYS A 1 8   ? -14.323 -12.858 1.644   0.40 43.45 ? 8   LYS A CG  1 
ATOM   15   C  CD  A LYS A 1 8   ? -14.089 -15.312 0.882   0.40 42.16 ? 8   LYS A CD  1 
ATOM   16   C  CD  B LYS A 1 8   ? -15.478 -13.026 0.656   0.40 41.54 ? 8   LYS A CD  1 
ATOM   17   C  CE  A LYS A 1 8   ? -15.569 -15.478 1.199   0.40 39.91 ? 8   LYS A CE  1 
ATOM   18   C  CE  B LYS A 1 8   ? -15.596 -11.894 -0.345  0.40 41.54 ? 8   LYS A CE  1 
ATOM   19   N  NZ  A LYS A 1 8   ? -16.292 -16.076 0.046   0.40 40.84 ? 8   LYS A NZ  1 
ATOM   20   N  NZ  B LYS A 1 8   ? -16.976 -11.322 -0.325  0.40 39.54 ? 8   LYS A NZ  1 
ATOM   21   N  N   . PHE A 1 9   ? -12.146 -11.686 3.838   1.00 38.88 ? 9   PHE A N   1 
ATOM   22   C  CA  . PHE A 1 9   ? -11.837 -10.293 4.114   1.00 42.76 ? 9   PHE A CA  1 
ATOM   23   C  C   . PHE A 1 9   ? -11.631 -9.534  2.784   1.00 35.52 ? 9   PHE A C   1 
ATOM   24   O  O   . PHE A 1 9   ? -11.363 -10.145 1.749   1.00 37.71 ? 9   PHE A O   1 
ATOM   25   C  CB  . PHE A 1 9   ? -10.539 -10.219 4.938   1.00 41.41 ? 9   PHE A CB  1 
ATOM   26   C  CG  . PHE A 1 9   ? -10.681 -10.704 6.388   1.00 42.49 ? 9   PHE A CG  1 
ATOM   27   C  CD1 . PHE A 1 9   ? -11.355 -9.927  7.361   1.00 43.46 ? 9   PHE A CD1 1 
ATOM   28   C  CD2 . PHE A 1 9   ? -10.059 -11.884 6.801   1.00 39.02 ? 9   PHE A CD2 1 
ATOM   29   C  CE1 . PHE A 1 9   ? -11.462 -10.361 8.688   1.00 48.07 ? 9   PHE A CE1 1 
ATOM   30   C  CE2 . PHE A 1 9   ? -10.154 -12.327 8.146   1.00 44.14 ? 9   PHE A CE2 1 
ATOM   31   C  CZ  . PHE A 1 9   ? -10.847 -11.563 9.093   1.00 43.23 ? 9   PHE A CZ  1 
ATOM   32   N  N   . HIS A 1 10  ? -11.723 -8.208  2.852   1.00 38.12 ? 10  HIS A N   1 
ATOM   33   C  CA  . HIS A 1 10  ? -11.145 -7.326  1.815   1.00 36.75 ? 10  HIS A CA  1 
ATOM   34   C  C   . HIS A 1 10  ? -10.158 -6.324  2.467   1.00 30.86 ? 10  HIS A C   1 
ATOM   35   O  O   . HIS A 1 10  ? -10.474 -5.671  3.429   1.00 33.47 ? 10  HIS A O   1 
ATOM   36   C  CB  . HIS A 1 10  ? -12.261 -6.609  1.014   1.00 42.67 ? 10  HIS A CB  1 
ATOM   37   C  CG  . HIS A 1 10  ? -13.051 -7.542  0.123   1.00 43.85 ? 10  HIS A CG  1 
ATOM   38   N  ND1 . HIS A 1 10  ? -14.174 -8.211  0.557   1.00 42.79 ? 10  HIS A ND1 1 
ATOM   39   C  CD2 . HIS A 1 10  ? -12.854 -7.934  -1.164  1.00 44.61 ? 10  HIS A CD2 1 
ATOM   40   C  CE1 . HIS A 1 10  ? -14.639 -8.977  -0.413  1.00 45.14 ? 10  HIS A CE1 1 
ATOM   41   N  NE2 . HIS A 1 10  ? -13.846 -8.836  -1.468  1.00 45.60 ? 10  HIS A NE2 1 
ATOM   42   N  N   . VAL A 1 11  ? -8.956  -6.202  1.911   1.00 26.01 ? 11  VAL A N   1 
ATOM   43   C  CA  . VAL A 1 11  ? -8.066  -5.228  2.458   1.00 26.30 ? 11  VAL A CA  1 
ATOM   44   C  C   . VAL A 1 11  ? -8.113  -3.985  1.591   1.00 25.50 ? 11  VAL A C   1 
ATOM   45   O  O   . VAL A 1 11  ? -7.772  -4.068  0.413   1.00 25.99 ? 11  VAL A O   1 
ATOM   46   C  CB  . VAL A 1 11  ? -6.672  -5.816  2.503   1.00 26.93 ? 11  VAL A CB  1 
ATOM   47   C  CG1 . VAL A 1 11  ? -5.706  -4.734  2.969   1.00 22.17 ? 11  VAL A CG1 1 
ATOM   48   C  CG2 . VAL A 1 11  ? -6.680  -7.026  3.460   1.00 26.41 ? 11  VAL A CG2 1 
ATOM   49   N  N   . GLU A 1 12  ? -8.415  -2.840  2.191   1.00 24.01 ? 12  GLU A N   1 
ATOM   50   C  CA  . GLU A 1 12  ? -8.615  -1.646  1.373   1.00 26.30 ? 12  GLU A CA  1 
ATOM   51   C  C   . GLU A 1 12  ? -7.609  -0.576  1.728   1.00 28.50 ? 12  GLU A C   1 
ATOM   52   O  O   . GLU A 1 12  ? -7.345  -0.333  2.900   1.00 27.17 ? 12  GLU A O   1 
ATOM   53   C  CB  . GLU A 1 12  ? -10.008 -1.106  1.599   1.00 29.76 ? 12  GLU A CB  1 
ATOM   54   C  CG  . GLU A 1 12  ? -10.614 -0.613  0.318   1.00 40.65 ? 12  GLU A CG  1 
ATOM   55   C  CD  . GLU A 1 12  ? -12.126 -0.476  0.426   1.00 45.89 ? 12  GLU A CD  1 
ATOM   56   O  OE1 . GLU A 1 12  ? -12.527 0.344   1.253   1.00 39.26 ? 12  GLU A OE1 1 
ATOM   57   O  OE2 . GLU A 1 12  ? -12.864 -1.146  -0.337  1.00 41.37 ? 12  GLU A OE2 1 
ATOM   58   N  N   . GLY A 1 13  ? -7.021  0.055   0.718   1.00 28.87 ? 13  GLY A N   1 
ATOM   59   C  CA  . GLY A 1 13  ? -6.093  1.163   0.976   1.00 26.81 ? 13  GLY A CA  1 
ATOM   60   C  C   . GLY A 1 13  ? -5.992  2.014   -0.284  1.00 26.40 ? 13  GLY A C   1 
ATOM   61   O  O   . GLY A 1 13  ? -6.595  1.712   -1.298  1.00 21.96 ? 13  GLY A O   1 
ATOM   62   N  N   . GLU A 1 14  ? -5.234  3.095   -0.166  1.00 25.66 ? 14  GLU A N   1 
ATOM   63   C  CA  A GLU A 1 14  ? -5.038  4.063   -1.258  0.80 28.49 ? 14  GLU A CA  1 
ATOM   64   C  CA  B GLU A 1 14  ? -5.041  4.038   -1.282  0.20 25.52 ? 14  GLU A CA  1 
ATOM   65   C  C   . GLU A 1 14  ? -3.592  4.126   -1.771  1.00 26.31 ? 14  GLU A C   1 
ATOM   66   O  O   . GLU A 1 14  ? -2.660  3.909   -0.980  1.00 23.30 ? 14  GLU A O   1 
ATOM   67   C  CB  A GLU A 1 14  ? -5.449  5.473   -0.793  0.80 28.09 ? 14  GLU A CB  1 
ATOM   68   C  CB  B GLU A 1 14  ? -5.516  5.427   -0.859  0.20 24.45 ? 14  GLU A CB  1 
ATOM   69   C  CG  A GLU A 1 14  ? -6.944  5.685   -0.563  0.80 35.84 ? 14  GLU A CG  1 
ATOM   70   C  CG  B GLU A 1 14  ? -7.033  5.526   -0.715  0.20 23.87 ? 14  GLU A CG  1 
ATOM   71   C  CD  A GLU A 1 14  ? -7.384  5.153   0.789   0.80 43.49 ? 14  GLU A CD  1 
ATOM   72   C  CD  B GLU A 1 14  ? -7.482  6.847   -0.120  0.20 24.30 ? 14  GLU A CD  1 
ATOM   73   O  OE1 A GLU A 1 14  ? -6.922  5.699   1.821   0.80 47.09 ? 14  GLU A OE1 1 
ATOM   74   O  OE1 B GLU A 1 14  ? -6.607  7.589   0.398   0.20 25.47 ? 14  GLU A OE1 1 
ATOM   75   O  OE2 A GLU A 1 14  ? -8.191  4.203   0.827   0.80 45.01 ? 14  GLU A OE2 1 
ATOM   76   O  OE2 B GLU A 1 14  ? -8.754  7.047   -0.108  0.20 25.74 ? 14  GLU A OE2 1 
ATOM   77   N  N   . VAL A 1 15  ? -3.385  4.469   -3.056  1.00 24.05 ? 15  VAL A N   1 
ATOM   78   C  CA  . VAL A 1 15  ? -2.041  4.754   -3.545  1.00 22.67 ? 15  VAL A CA  1 
ATOM   79   C  C   . VAL A 1 15  ? -2.071  6.171   -4.153  1.00 24.23 ? 15  VAL A C   1 
ATOM   80   O  O   . VAL A 1 15  ? -2.985  6.484   -4.925  1.00 25.99 ? 15  VAL A O   1 
ATOM   81   C  CB  . VAL A 1 15  ? -1.604  3.699   -4.609  1.00 19.83 ? 15  VAL A CB  1 
ATOM   82   C  CG1 . VAL A 1 15  ? -0.241  4.045   -5.254  1.00 18.70 ? 15  VAL A CG1 1 
ATOM   83   C  CG2 . VAL A 1 15  ? -1.516  2.328   -3.938  1.00 19.19 ? 15  VAL A CG2 1 
ATOM   84   N  N   . TYR A 1 16  ? -1.078  6.991   -3.839  1.00 22.42 ? 16  TYR A N   1 
ATOM   85   C  CA  . TYR A 1 16  ? -0.923  8.305   -4.420  1.00 23.85 ? 16  TYR A CA  1 
ATOM   86   C  C   . TYR A 1 16  ? 0.417   8.469   -5.217  1.00 22.39 ? 16  TYR A C   1 
ATOM   87   O  O   . TYR A 1 16  ? 1.383   7.716   -5.011  1.00 24.49 ? 16  TYR A O   1 
ATOM   88   C  CB  . TYR A 1 16  ? -0.896  9.370   -3.274  1.00 24.12 ? 16  TYR A CB  1 
ATOM   89   C  CG  . TYR A 1 16  ? -2.182  9.541   -2.517  1.00 25.84 ? 16  TYR A CG  1 
ATOM   90   C  CD1 . TYR A 1 16  ? -2.573  8.606   -1.525  1.00 25.11 ? 16  TYR A CD1 1 
ATOM   91   C  CD2 . TYR A 1 16  ? -3.029  10.585  -2.808  1.00 25.09 ? 16  TYR A CD2 1 
ATOM   92   C  CE1 . TYR A 1 16  ? -3.748  8.759   -0.823  1.00 29.15 ? 16  TYR A CE1 1 
ATOM   93   C  CE2 . TYR A 1 16  ? -4.225  10.723  -2.099  1.00 26.56 ? 16  TYR A CE2 1 
ATOM   94   C  CZ  . TYR A 1 16  ? -4.585  9.792   -1.129  1.00 28.55 ? 16  TYR A CZ  1 
ATOM   95   O  OH  . TYR A 1 16  ? -5.779  9.934   -0.410  1.00 32.47 ? 16  TYR A OH  1 
ATOM   96   N  N   . CYS A 1 17  ? 0.505   9.556   -5.957  1.00 23.92 ? 17  CYS A N   1 
ATOM   97   C  CA  . CYS A 1 17  ? 1.793   10.118  -6.442  1.00 25.68 ? 17  CYS A CA  1 
ATOM   98   C  C   . CYS A 1 17  ? 2.088   11.312  -5.459  1.00 23.56 ? 17  CYS A C   1 
ATOM   99   O  O   . CYS A 1 17  ? 1.316   12.227  -5.346  1.00 24.22 ? 17  CYS A O   1 
ATOM   100  C  CB  . CYS A 1 17  ? 1.640   10.680  -7.882  1.00 26.61 ? 17  CYS A CB  1 
ATOM   101  S  SG  . CYS A 1 17  ? 3.196   11.494  -8.443  1.00 30.52 ? 17  CYS A SG  1 
ATOM   102  N  N   . ASN A 1 18  ? 3.228   11.257  -4.754  1.00 24.77 ? 18  ASN A N   1 
ATOM   103  C  CA  . ASN A 1 18  ? 3.744   12.415  -4.017  1.00 21.46 ? 18  ASN A CA  1 
ATOM   104  C  C   . ASN A 1 18  ? 4.511   13.239  -5.080  1.00 24.81 ? 18  ASN A C   1 
ATOM   105  O  O   . ASN A 1 18  ? 5.530   12.781  -5.590  1.00 21.90 ? 18  ASN A O   1 
ATOM   106  C  CB  . ASN A 1 18  ? 4.627   11.917  -2.878  1.00 20.90 ? 18  ASN A CB  1 
ATOM   107  C  CG  . ASN A 1 18  ? 5.566   13.012  -2.320  1.00 19.34 ? 18  ASN A CG  1 
ATOM   108  O  OD1 . ASN A 1 18  ? 5.206   14.207  -2.358  1.00 23.95 ? 18  ASN A OD1 1 
ATOM   109  N  ND2 . ASN A 1 18  ? 6.731   12.614  -1.801  1.00 22.02 ? 18  ASN A ND2 1 
ATOM   110  N  N   . VAL A 1 19  ? 4.054   14.466  -5.355  1.00 24.21 ? 19  VAL A N   1 
ATOM   111  C  CA  . VAL A 1 19  ? 4.683   15.321  -6.350  1.00 25.56 ? 19  VAL A CA  1 
ATOM   112  C  C   . VAL A 1 19  ? 5.904   16.123  -5.824  1.00 29.50 ? 19  VAL A C   1 
ATOM   113  O  O   . VAL A 1 19  ? 6.487   16.954  -6.535  1.00 26.66 ? 19  VAL A O   1 
ATOM   114  C  CB  . VAL A 1 19  ? 3.634   16.207  -7.013  1.00 26.77 ? 19  VAL A CB  1 
ATOM   115  C  CG1 . VAL A 1 19  ? 2.434   15.356  -7.493  1.00 27.87 ? 19  VAL A CG1 1 
ATOM   116  C  CG2 . VAL A 1 19  ? 3.084   17.267  -6.017  1.00 23.57 ? 19  VAL A CG2 1 
ATOM   117  N  N   . CYS A 1 20  ? 6.292   15.858  -4.579  1.00 23.87 ? 20  CYS A N   1 
ATOM   118  C  CA  . CYS A 1 20  ? 7.498   16.516  -3.994  1.00 28.95 ? 20  CYS A CA  1 
ATOM   119  C  C   . CYS A 1 20  ? 8.596   15.538  -3.868  1.00 27.10 ? 20  CYS A C   1 
ATOM   120  O  O   . CYS A 1 20  ? 8.714   14.798  -2.843  1.00 27.48 ? 20  CYS A O   1 
ATOM   121  C  CB  . CYS A 1 20  ? 7.215   17.144  -2.607  1.00 27.78 ? 20  CYS A CB  1 
ATOM   122  S  SG  . CYS A 1 20  ? 5.753   18.200  -2.575  1.00 35.26 ? 20  CYS A SG  1 
ATOM   123  N  N   . HIS A 1 21  ? 9.479   15.522  -4.867  1.00 26.10 ? 21  HIS A N   1 
ATOM   124  C  CA  . HIS A 1 21  ? 10.593  14.588  -4.813  1.00 25.24 ? 21  HIS A CA  1 
ATOM   125  C  C   . HIS A 1 21  ? 11.446  14.791  -3.550  1.00 29.18 ? 21  HIS A C   1 
ATOM   126  O  O   . HIS A 1 21  ? 12.077  13.846  -3.097  1.00 25.99 ? 21  HIS A O   1 
ATOM   127  C  CB  . HIS A 1 21  ? 11.517  14.720  -6.048  1.00 26.64 ? 21  HIS A CB  1 
ATOM   128  C  CG  . HIS A 1 21  ? 12.692  13.796  -6.000  1.00 30.30 ? 21  HIS A CG  1 
ATOM   129  N  ND1 . HIS A 1 21  ? 13.955  14.203  -5.604  1.00 31.46 ? 21  HIS A ND1 1 
ATOM   130  C  CD2 . HIS A 1 21  ? 12.787  12.471  -6.263  1.00 32.71 ? 21  HIS A CD2 1 
ATOM   131  C  CE1 . HIS A 1 21  ? 14.783  13.163  -5.650  1.00 33.78 ? 21  HIS A CE1 1 
ATOM   132  N  NE2 . HIS A 1 21  ? 14.101  12.106  -6.060  1.00 32.66 ? 21  HIS A NE2 1 
ATOM   133  N  N   . SER A 1 22  ? 11.525  16.040  -3.035  1.00 25.99 ? 22  SER A N   1 
ATOM   134  C  CA  A SER A 1 22  ? 12.395  16.340  -1.878  0.40 25.14 ? 22  SER A CA  1 
ATOM   135  C  CA  B SER A 1 22  ? 12.413  16.323  -1.892  0.20 25.89 ? 22  SER A CA  1 
ATOM   136  C  C   . SER A 1 22  ? 11.900  15.761  -0.550  1.00 29.70 ? 22  SER A C   1 
ATOM   137  O  O   . SER A 1 22  ? 12.645  15.762  0.460   1.00 30.78 ? 22  SER A O   1 
ATOM   138  C  CB  A SER A 1 22  ? 12.534  17.865  -1.723  0.40 21.04 ? 22  SER A CB  1 
ATOM   139  C  CB  B SER A 1 22  ? 12.683  17.844  -1.782  0.20 23.17 ? 22  SER A CB  1 
ATOM   140  O  OG  A SER A 1 22  ? 13.284  18.385  -2.779  0.40 20.26 ? 22  SER A OG  1 
ATOM   141  O  OG  B SER A 1 22  ? 11.450  18.585  -1.622  0.20 21.80 ? 22  SER A OG  1 
ATOM   142  N  N   . ARG A 1 23  ? 10.646  15.309  -0.530  1.00 24.79 ? 23  ARG A N   1 
ATOM   143  C  CA  . ARG A 1 23  ? 9.945   14.897  0.691   1.00 29.08 ? 23  ARG A CA  1 
ATOM   144  C  C   . ARG A 1 23  ? 9.407   13.482  0.560   1.00 31.31 ? 23  ARG A C   1 
ATOM   145  O  O   . ARG A 1 23  ? 9.496   12.906  -0.510  1.00 29.29 ? 23  ARG A O   1 
ATOM   146  C  CB  . ARG A 1 23  ? 8.827   15.880  0.983   1.00 26.97 ? 23  ARG A CB  1 
ATOM   147  C  CG  . ARG A 1 23  ? 9.355   17.358  1.050   1.00 28.59 ? 23  ARG A CG  1 
ATOM   148  C  CD  . ARG A 1 23  ? 8.397   18.256  1.806   1.00 29.40 ? 23  ARG A CD  1 
ATOM   149  N  NE  . ARG A 1 23  ? 8.427   17.862  3.199   1.00 24.90 ? 23  ARG A NE  1 
ATOM   150  C  CZ  . ARG A 1 23  ? 7.471   18.139  4.064   1.00 28.89 ? 23  ARG A CZ  1 
ATOM   151  N  NH1 . ARG A 1 23  ? 6.428   18.802  3.655   1.00 25.57 ? 23  ARG A NH1 1 
ATOM   152  N  NH2 . ARG A 1 23  ? 7.561   17.756  5.361   1.00 31.55 ? 23  ARG A NH2 1 
ATOM   153  N  N   . ASN A 1 24  ? 8.922   12.897  1.644   1.00 28.47 ? 24  ASN A N   1 
ATOM   154  C  CA  . ASN A 1 24  ? 8.323   11.521  1.564   1.00 28.46 ? 24  ASN A CA  1 
ATOM   155  C  C   . ASN A 1 24  ? 7.091   11.525  2.409   1.00 31.08 ? 24  ASN A C   1 
ATOM   156  O  O   . ASN A 1 24  ? 7.116   11.317  3.663   1.00 32.94 ? 24  ASN A O   1 
ATOM   157  C  CB  . ASN A 1 24  ? 9.295   10.461  2.052   1.00 29.36 ? 24  ASN A CB  1 
ATOM   158  C  CG  . ASN A 1 24  ? 8.673   9.072   2.065   1.00 32.37 ? 24  ASN A CG  1 
ATOM   159  O  OD1 . ASN A 1 24  ? 7.629   8.863   1.490   1.00 28.59 ? 24  ASN A OD1 1 
ATOM   160  N  ND2 . ASN A 1 24  ? 9.361   8.117   2.669   1.00 34.89 ? 24  ASN A ND2 1 
ATOM   161  N  N   . LEU A 1 25  ? 6.008   11.877  1.758   1.00 27.09 ? 25  LEU A N   1 
ATOM   162  C  CA  . LEU A 1 25  ? 4.745   11.986  2.442   1.00 33.64 ? 25  LEU A CA  1 
ATOM   163  C  C   . LEU A 1 25  ? 3.608   12.152  1.479   1.00 29.54 ? 25  LEU A C   1 
ATOM   164  O  O   . LEU A 1 25  ? 3.803   12.383  0.250   1.00 33.47 ? 25  LEU A O   1 
ATOM   165  C  CB  . LEU A 1 25  ? 4.757   13.236  3.415   1.00 39.18 ? 25  LEU A CB  1 
ATOM   166  C  CG  . LEU A 1 25  ? 4.392   14.618  2.833   1.00 38.46 ? 25  LEU A CG  1 
ATOM   167  C  CD1 . LEU A 1 25  ? 4.256   15.727  3.882   1.00 30.81 ? 25  LEU A CD1 1 
ATOM   168  C  CD2 . LEU A 1 25  ? 5.309   15.051  1.707   1.00 36.03 ? 25  LEU A CD2 1 
ATOM   169  N  N   . ILE A 1 26  ? 2.402   12.016  2.018   1.00 28.70 ? 26  ILE A N   1 
ATOM   170  C  CA  . ILE A 1 26  ? 1.202   12.282  1.297   1.00 27.29 ? 26  ILE A CA  1 
ATOM   171  C  C   . ILE A 1 26  ? 0.617   13.547  1.899   1.00 32.36 ? 26  ILE A C   1 
ATOM   172  O  O   . ILE A 1 26  ? 0.381   13.594  3.117   1.00 30.36 ? 26  ILE A O   1 
ATOM   173  C  CB  . ILE A 1 26  ? 0.170   11.117  1.427   1.00 34.43 ? 26  ILE A CB  1 
ATOM   174  C  CG1 . ILE A 1 26  ? 0.730   9.879   0.686   1.00 32.16 ? 26  ILE A CG1 1 
ATOM   175  C  CG2 . ILE A 1 26  ? -1.220  11.569  0.944   1.00 32.10 ? 26  ILE A CG2 1 
ATOM   176  C  CD1 . ILE A 1 26  ? -0.095  8.609   0.835   1.00 33.52 ? 26  ILE A CD1 1 
ATOM   177  N  N   . ASN A 1 27  ? 0.326   14.534  1.061   1.00 32.11 ? 27  ASN A N   1 
ATOM   178  C  CA  . ASN A 1 27  ? -0.225  15.820  1.540   1.00 36.36 ? 27  ASN A CA  1 
ATOM   179  C  C   . ASN A 1 27  ? -1.222  16.336  0.547   1.00 38.56 ? 27  ASN A C   1 
ATOM   180  O  O   . ASN A 1 27  ? -1.640  15.585  -0.305  1.00 32.66 ? 27  ASN A O   1 
ATOM   181  C  CB  . ASN A 1 27  ? 0.892   16.834  1.806   1.00 39.27 ? 27  ASN A CB  1 
ATOM   182  C  CG  . ASN A 1 27  ? 1.741   17.169  0.558   1.00 41.84 ? 27  ASN A CG  1 
ATOM   183  O  OD1 . ASN A 1 27  ? 1.367   16.950  -0.612  1.00 35.91 ? 27  ASN A OD1 1 
ATOM   184  N  ND2 . ASN A 1 27  ? 2.882   17.795  0.824   1.00 39.15 ? 27  ASN A ND2 1 
ATOM   185  N  N   . GLU A 1 28  ? -1.639  17.601  0.659   1.00 37.43 ? 28  GLU A N   1 
ATOM   186  C  CA  . GLU A 1 28  ? -2.671  18.125  -0.219  1.00 41.56 ? 28  GLU A CA  1 
ATOM   187  C  C   . GLU A 1 28  ? -2.191  18.191  -1.641  1.00 37.74 ? 28  GLU A C   1 
ATOM   188  O  O   . GLU A 1 28  ? -2.999  18.356  -2.503  1.00 41.12 ? 28  GLU A O   1 
ATOM   189  C  CB  . GLU A 1 28  ? -3.131  19.547  0.201   1.00 50.83 ? 28  GLU A CB  1 
ATOM   190  C  CG  . GLU A 1 28  ? -2.000  20.472  0.634   1.00 64.15 ? 28  GLU A CG  1 
ATOM   191  C  CD  . GLU A 1 28  ? -1.461  20.111  2.021   1.00 74.47 ? 28  GLU A CD  1 
ATOM   192  O  OE1 . GLU A 1 28  ? -2.284  19.948  2.951   1.00 88.39 ? 28  GLU A OE1 1 
ATOM   193  O  OE2 . GLU A 1 28  ? -0.227  19.970  2.189   1.00 72.66 ? 28  GLU A OE2 1 
ATOM   194  N  N   . LEU A 1 29  ? -0.880  18.149  -1.897  1.00 37.03 ? 29  LEU A N   1 
ATOM   195  C  CA  . LEU A 1 29  ? -0.462  18.177  -3.303  1.00 34.79 ? 29  LEU A CA  1 
ATOM   196  C  C   . LEU A 1 29  ? -0.531  16.796  -3.906  1.00 33.94 ? 29  LEU A C   1 
ATOM   197  O  O   . LEU A 1 29  ? -0.450  16.675  -5.125  1.00 37.82 ? 29  LEU A O   1 
ATOM   198  C  CB  . LEU A 1 29  ? 0.918   18.807  -3.543  1.00 37.02 ? 29  LEU A CB  1 
ATOM   199  C  CG  . LEU A 1 29  ? 1.052   20.309  -3.256  1.00 37.39 ? 29  LEU A CG  1 
ATOM   200  C  CD1 . LEU A 1 29  ? 2.497   20.770  -3.381  1.00 30.92 ? 29  LEU A CD1 1 
ATOM   201  C  CD2 . LEU A 1 29  ? 0.126   21.177  -4.093  1.00 31.85 ? 29  LEU A CD2 1 
ATOM   202  N  N   . SER A 1 30  ? -0.620  15.767  -3.058  1.00 31.93 ? 30  SER A N   1 
ATOM   203  C  CA  . SER A 1 30  ? -0.609  14.366  -3.495  1.00 28.75 ? 30  SER A CA  1 
ATOM   204  C  C   . SER A 1 30  ? -1.810  14.032  -4.423  1.00 29.77 ? 30  SER A C   1 
ATOM   205  O  O   . SER A 1 30  ? -2.901  14.587  -4.246  1.00 27.90 ? 30  SER A O   1 
ATOM   206  C  CB  . SER A 1 30  ? -0.484  13.419  -2.304  1.00 23.34 ? 30  SER A CB  1 
ATOM   207  O  OG  . SER A 1 30  ? 0.709   13.785  -1.561  1.00 26.63 ? 30  SER A OG  1 
ATOM   208  N  N   . GLU A 1 31  ? -1.569  13.185  -5.445  1.00 26.70 ? 31  GLU A N   1 
ATOM   209  C  CA  . GLU A 1 31  ? -2.597  12.802  -6.455  1.00 27.10 ? 31  GLU A CA  1 
ATOM   210  C  C   . GLU A 1 31  ? -2.882  11.315  -6.413  1.00 23.36 ? 31  GLU A C   1 
ATOM   211  O  O   . GLU A 1 31  ? -1.962  10.536  -6.553  1.00 25.14 ? 31  GLU A O   1 
ATOM   212  C  CB  . GLU A 1 31  ? -2.017  13.105  -7.876  1.00 26.47 ? 31  GLU A CB  1 
ATOM   213  C  CG  . GLU A 1 31  ? -1.709  14.598  -8.034  1.00 31.90 ? 31  GLU A CG  1 
ATOM   214  C  CD  . GLU A 1 31  ? -1.066  14.988  -9.370  1.00 35.02 ? 31  GLU A CD  1 
ATOM   215  O  OE1 . GLU A 1 31  ? -0.891  14.134  -10.285 1.00 35.89 ? 31  GLU A OE1 1 
ATOM   216  O  OE2 . GLU A 1 31  ? -0.724  16.172  -9.471  1.00 37.38 ? 31  GLU A OE2 1 
ATOM   217  N  N   . ARG A 1 32  ? -4.129  10.945  -6.203  1.00 28.14 ? 32  ARG A N   1 
ATOM   218  C  CA  . ARG A 1 32  ? -4.610  9.560   -6.305  1.00 30.26 ? 32  ARG A CA  1 
ATOM   219  C  C   . ARG A 1 32  ? -4.152  8.910   -7.608  1.00 31.11 ? 32  ARG A C   1 
ATOM   220  O  O   . ARG A 1 32  ? -4.284  9.498   -8.647  1.00 28.57 ? 32  ARG A O   1 
ATOM   221  C  CB  . ARG A 1 32  ? -6.151  9.562   -6.225  1.00 32.46 ? 32  ARG A CB  1 
ATOM   222  C  CG  . ARG A 1 32  ? -6.703  9.983   -4.839  1.00 36.87 ? 32  ARG A CG  1 
ATOM   223  C  CD  . ARG A 1 32  ? -8.208  10.308  -4.770  1.00 38.09 ? 32  ARG A CD  1 
ATOM   224  N  NE  . ARG A 1 32  ? -8.610  10.550  -3.370  1.00 46.87 ? 32  ARG A NE  1 
ATOM   225  C  CZ  . ARG A 1 32  ? -8.942  9.594   -2.475  1.00 53.71 ? 32  ARG A CZ  1 
ATOM   226  N  NH1 . ARG A 1 32  ? -8.975  8.304   -2.826  1.00 44.48 ? 32  ARG A NH1 1 
ATOM   227  N  NH2 . ARG A 1 32  ? -9.255  9.933   -1.215  1.00 52.78 ? 32  ARG A NH2 1 
ATOM   228  N  N   . MET A 1 33  ? -3.583  7.708   -7.554  1.00 25.87 ? 33  MET A N   1 
ATOM   229  C  CA  . MET A 1 33  ? -3.079  7.030   -8.769  1.00 27.94 ? 33  MET A CA  1 
ATOM   230  C  C   . MET A 1 33  ? -3.929  5.768   -9.114  1.00 31.69 ? 33  MET A C   1 
ATOM   231  O  O   . MET A 1 33  ? -3.920  4.774   -8.360  1.00 27.65 ? 33  MET A O   1 
ATOM   232  C  CB  . MET A 1 33  ? -1.606  6.589   -8.584  1.00 26.69 ? 33  MET A CB  1 
ATOM   233  C  CG  . MET A 1 33  ? -1.007  5.852   -9.781  1.00 21.08 ? 33  MET A CG  1 
ATOM   234  S  SD  . MET A 1 33  ? 0.656   5.268   -9.587  1.00 25.79 ? 33  MET A SD  1 
ATOM   235  C  CE  . MET A 1 33  ? 1.488   6.824   -9.224  1.00 28.23 ? 33  MET A CE  1 
ATOM   236  N  N   . ALA A 1 34  ? -4.593  5.794   -10.278 1.00 27.34 ? 34  ALA A N   1 
ATOM   237  C  CA  . ALA A 1 34  ? -5.233  4.640   -10.898 1.00 28.16 ? 34  ALA A CA  1 
ATOM   238  C  C   . ALA A 1 34  ? -4.255  3.744   -11.591 1.00 30.95 ? 34  ALA A C   1 
ATOM   239  O  O   . ALA A 1 34  ? -3.301  4.197   -12.232 1.00 33.66 ? 34  ALA A O   1 
ATOM   240  C  CB  . ALA A 1 34  ? -6.322  5.108   -11.907 1.00 36.15 ? 34  ALA A CB  1 
ATOM   241  N  N   . GLY A 1 35  ? -4.480  2.440   -11.479 1.00 27.13 ? 35  GLY A N   1 
ATOM   242  C  CA  . GLY A 1 35  ? -3.679  1.478   -12.259 1.00 24.23 ? 35  GLY A CA  1 
ATOM   243  C  C   . GLY A 1 35  ? -2.446  1.057   -11.549 1.00 30.37 ? 35  GLY A C   1 
ATOM   244  O  O   . GLY A 1 35  ? -1.640  0.341   -12.123 1.00 27.10 ? 35  GLY A O   1 
ATOM   245  N  N   . ALA A 1 36  ? -2.231  1.540   -10.297 1.00 25.89 ? 36  ALA A N   1 
ATOM   246  C  CA  . ALA A 1 36  ? -1.036  1.112   -9.598  1.00 28.66 ? 36  ALA A CA  1 
ATOM   247  C  C   . ALA A 1 36  ? -1.231  -0.345  -9.241  1.00 26.47 ? 36  ALA A C   1 
ATOM   248  O  O   . ALA A 1 36  ? -2.331  -0.773  -9.000  1.00 28.53 ? 36  ALA A O   1 
ATOM   249  C  CB  . ALA A 1 36  ? -0.797  1.933   -8.292  1.00 23.11 ? 36  ALA A CB  1 
ATOM   250  N  N   . GLN A 1 37  ? -0.129  -1.088  -9.133  1.00 28.91 ? 37  GLN A N   1 
ATOM   251  C  CA  . GLN A 1 37  ? -0.204  -2.452  -8.700  1.00 30.01 ? 37  GLN A CA  1 
ATOM   252  C  C   . GLN A 1 37  ? 0.453   -2.587  -7.322  1.00 26.78 ? 37  GLN A C   1 
ATOM   253  O  O   . GLN A 1 37  ? 1.593   -2.143  -7.121  1.00 24.08 ? 37  GLN A O   1 
ATOM   254  C  CB  . GLN A 1 37  ? 0.479   -3.370  -9.720  1.00 31.14 ? 37  GLN A CB  1 
ATOM   255  C  CG  . GLN A 1 37  ? -0.216  -3.388  -11.111 1.00 36.80 ? 37  GLN A CG  1 
ATOM   256  C  CD  . GLN A 1 37  ? 0.664   -3.976  -12.223 1.00 43.15 ? 37  GLN A CD  1 
ATOM   257  O  OE1 . GLN A 1 37  ? 1.540   -4.851  -11.989 1.00 45.12 ? 37  GLN A OE1 1 
ATOM   258  N  NE2 . GLN A 1 37  ? 0.486   -3.460  -13.416 1.00 40.58 ? 37  GLN A NE2 1 
ATOM   259  N  N   . VAL A 1 38  ? -0.263  -3.293  -6.429  1.00 26.89 ? 38  VAL A N   1 
ATOM   260  C  CA  . VAL A 1 38  ? 0.148   -3.519  -5.046  1.00 21.48 ? 38  VAL A CA  1 
ATOM   261  C  C   . VAL A 1 38  ? 0.162   -5.038  -4.773  1.00 25.19 ? 38  VAL A C   1 
ATOM   262  O  O   . VAL A 1 38  ? -0.365  -5.845  -5.554  1.00 28.46 ? 38  VAL A O   1 
ATOM   263  C  CB  . VAL A 1 38  ? -0.756  -2.757  -4.040  1.00 22.23 ? 38  VAL A CB  1 
ATOM   264  C  CG1 . VAL A 1 38  ? -0.845  -1.241  -4.339  1.00 20.41 ? 38  VAL A CG1 1 
ATOM   265  C  CG2 . VAL A 1 38  ? -2.175  -3.307  -4.077  1.00 21.44 ? 38  VAL A CG2 1 
ATOM   266  N  N   . GLN A 1 39  ? 0.802   -5.458  -3.701  1.00 23.91 ? 39  GLN A N   1 
ATOM   267  C  CA  . GLN A 1 39  ? 0.770   -6.860  -3.356  1.00 27.71 ? 39  GLN A CA  1 
ATOM   268  C  C   . GLN A 1 39  ? 0.733   -7.035  -1.833  1.00 26.24 ? 39  GLN A C   1 
ATOM   269  O  O   . GLN A 1 39  ? 1.554   -6.419  -1.110  1.00 23.93 ? 39  GLN A O   1 
ATOM   270  C  CB  . GLN A 1 39  ? 2.024   -7.537  -3.918  1.00 31.57 ? 39  GLN A CB  1 
ATOM   271  C  CG  . GLN A 1 39  ? 2.108   -9.037  -3.655  1.00 36.92 ? 39  GLN A CG  1 
ATOM   272  C  CD  . GLN A 1 39  ? 3.195   -9.666  -4.486  1.00 41.02 ? 39  GLN A CD  1 
ATOM   273  O  OE1 . GLN A 1 39  ? 3.228   -9.466  -5.716  1.00 43.07 ? 39  GLN A OE1 1 
ATOM   274  N  NE2 . GLN A 1 39  ? 4.128   -10.369 -3.832  1.00 37.09 ? 39  GLN A NE2 1 
ATOM   275  N  N   . LEU A 1 40  ? -0.255  -7.806  -1.397  1.00 26.32 ? 40  LEU A N   1 
ATOM   276  C  CA  . LEU A 1 40  ? -0.345  -8.380  -0.005  1.00 26.92 ? 40  LEU A CA  1 
ATOM   277  C  C   . LEU A 1 40  ? 0.506   -9.652  0.156   1.00 25.34 ? 40  LEU A C   1 
ATOM   278  O  O   . LEU A 1 40  ? 0.389   -10.591 -0.647  1.00 27.80 ? 40  LEU A O   1 
ATOM   279  C  CB  . LEU A 1 40  ? -1.818  -8.634  0.374   1.00 24.18 ? 40  LEU A CB  1 
ATOM   280  C  CG  . LEU A 1 40  ? -1.953  -9.469  1.702   1.00 29.94 ? 40  LEU A CG  1 
ATOM   281  C  CD1 . LEU A 1 40  ? -1.510  -8.646  2.918   1.00 28.03 ? 40  LEU A CD1 1 
ATOM   282  C  CD2 . LEU A 1 40  ? -3.347  -10.069 1.946   1.00 31.99 ? 40  LEU A CD2 1 
ATOM   283  N  N   . ASP A 1 41  ? 1.433   -9.665  1.114   1.00 24.20 ? 41  ASP A N   1 
ATOM   284  C  CA  . ASP A 1 41  ? 2.260   -10.828 1.445   1.00 28.00 ? 41  ASP A CA  1 
ATOM   285  C  C   . ASP A 1 41  ? 2.151   -11.103 2.922   1.00 26.27 ? 41  ASP A C   1 
ATOM   286  O  O   . ASP A 1 41  ? 2.334   -10.162 3.740   1.00 23.67 ? 41  ASP A O   1 
ATOM   287  C  CB  . ASP A 1 41  ? 3.746   -10.561 1.134   1.00 28.80 ? 41  ASP A CB  1 
ATOM   288  C  CG  . ASP A 1 41  ? 3.993   -10.321 -0.380  1.00 36.02 ? 41  ASP A CG  1 
ATOM   289  O  OD1 . ASP A 1 41  ? 3.541   -11.139 -1.187  1.00 36.29 ? 41  ASP A OD1 1 
ATOM   290  O  OD2 . ASP A 1 41  ? 4.554   -9.282  -0.755  1.00 41.78 ? 41  ASP A OD2 1 
ATOM   291  N  N   . CYS A 1 42  ? 1.867   -12.358 3.273   1.00 25.77 ? 42  CYS A N   1 
ATOM   292  C  CA  . CYS A 1 42  ? 1.744   -12.793 4.691   1.00 27.06 ? 42  CYS A CA  1 
ATOM   293  C  C   . CYS A 1 42  ? 2.688   -13.976 4.874   1.00 30.44 ? 42  CYS A C   1 
ATOM   294  O  O   . CYS A 1 42  ? 2.715   -14.912 4.043   1.00 31.90 ? 42  CYS A O   1 
ATOM   295  C  CB  . CYS A 1 42  ? 0.335   -13.289 5.044   1.00 29.64 ? 42  CYS A CB  1 
ATOM   296  S  SG  . CYS A 1 42  ? -1.049  -12.180 4.758   1.00 31.80 ? 42  CYS A SG  1 
ATOM   297  N  N   . LYS A 1 43  ? 3.447   -13.950 5.953   1.00 28.21 ? 43  LYS A N   1 
ATOM   298  C  CA  . LYS A 1 43  ? 4.344   -15.056 6.292   1.00 30.83 ? 43  LYS A CA  1 
ATOM   299  C  C   . LYS A 1 43  ? 3.667   -16.075 7.174   1.00 34.72 ? 43  LYS A C   1 
ATOM   300  O  O   . LYS A 1 43  ? 4.089   -17.248 7.206   1.00 33.30 ? 43  LYS A O   1 
ATOM   301  C  CB  . LYS A 1 43  ? 5.576   -14.534 6.976   1.00 32.40 ? 43  LYS A CB  1 
ATOM   302  C  CG  . LYS A 1 43  ? 6.296   -13.532 6.090   1.00 37.58 ? 43  LYS A CG  1 
ATOM   303  C  CD  . LYS A 1 43  ? 7.526   -12.980 6.777   1.00 42.25 ? 43  LYS A CD  1 
ATOM   304  C  CE  . LYS A 1 43  ? 8.284   -12.172 5.729   1.00 51.86 ? 43  LYS A CE  1 
ATOM   305  N  NZ  . LYS A 1 43  ? 9.419   -11.443 6.353   1.00 60.37 ? 43  LYS A NZ  1 
ATOM   306  N  N   . ASP A 1 44  ? 2.640   -15.627 7.916   1.00 30.84 ? 44  ASP A N   1 
ATOM   307  C  CA  . ASP A 1 44  ? 1.812   -16.560 8.681   1.00 32.56 ? 44  ASP A CA  1 
ATOM   308  C  C   . ASP A 1 44  ? 2.707   -17.331 9.610   1.00 35.36 ? 44  ASP A C   1 
ATOM   309  O  O   . ASP A 1 44  ? 2.532   -18.527 9.785   1.00 35.06 ? 44  ASP A O   1 
ATOM   310  C  CB  . ASP A 1 44  ? 1.085   -17.523 7.713   1.00 35.33 ? 44  ASP A CB  1 
ATOM   311  C  CG  . ASP A 1 44  ? -0.171  -16.870 7.092   1.00 36.04 ? 44  ASP A CG  1 
ATOM   312  O  OD1 . ASP A 1 44  ? -0.804  -16.020 7.783   1.00 37.57 ? 44  ASP A OD1 1 
ATOM   313  O  OD2 . ASP A 1 44  ? -0.525  -17.192 5.946   1.00 36.40 ? 44  ASP A OD2 1 
ATOM   314  N  N   . ASP A 1 45  ? 3.662   -16.609 10.179  1.00 33.83 ? 45  ASP A N   1 
ATOM   315  C  CA  . ASP A 1 45  ? 4.598   -17.079 11.173  1.00 42.13 ? 45  ASP A CA  1 
ATOM   316  C  C   . ASP A 1 45  ? 5.503   -18.231 10.699  1.00 45.73 ? 45  ASP A C   1 
ATOM   317  O  O   . ASP A 1 45  ? 5.977   -19.006 11.526  1.00 40.28 ? 45  ASP A O   1 
ATOM   318  C  CB  . ASP A 1 45  ? 3.892   -17.399 12.511  1.00 36.60 ? 45  ASP A CB  1 
ATOM   319  C  CG  . ASP A 1 45  ? 3.411   -16.136 13.196  1.00 37.73 ? 45  ASP A CG  1 
ATOM   320  O  OD1 . ASP A 1 45  ? 4.263   -15.257 13.651  1.00 32.78 ? 45  ASP A OD1 1 
ATOM   321  O  OD2 . ASP A 1 45  ? 2.162   -16.042 13.264  1.00 30.28 ? 45  ASP A OD2 1 
ATOM   322  N  N   . SER A 1 46  ? 5.713   -18.325 9.387   1.00 44.57 ? 46  SER A N   1 
ATOM   323  C  CA  . SER A 1 46  ? 6.613   -19.340 8.847   1.00 49.20 ? 46  SER A CA  1 
ATOM   324  C  C   . SER A 1 46  ? 7.923   -18.688 8.416   1.00 50.75 ? 46  SER A C   1 
ATOM   325  O  O   . SER A 1 46  ? 8.824   -19.364 7.926   1.00 60.71 ? 46  SER A O   1 
ATOM   326  C  CB  . SER A 1 46  ? 5.948   -20.120 7.700   1.00 46.08 ? 46  SER A CB  1 
ATOM   327  O  OG  . SER A 1 46  ? 5.997   -19.348 6.507   1.00 51.08 ? 46  SER A OG  1 
ATOM   328  N  N   . LYS A 1 47  ? 8.062   -17.380 8.643   1.00 50.12 ? 47  LYS A N   1 
ATOM   329  C  CA  . LYS A 1 47  ? 9.347   -16.677 8.353   1.00 56.66 ? 47  LYS A CA  1 
ATOM   330  C  C   . LYS A 1 47  ? 9.774   -16.616 6.867   1.00 50.85 ? 47  LYS A C   1 
ATOM   331  O  O   . LYS A 1 47  ? 10.824  -16.089 6.544   1.00 54.09 ? 47  LYS A O   1 
ATOM   332  C  CB  . LYS A 1 47  ? 10.492  -17.218 9.244   1.00 60.61 ? 47  LYS A CB  1 
ATOM   333  C  CG  . LYS A 1 47  ? 10.106  -17.302 10.725  1.00 61.98 ? 47  LYS A CG  1 
ATOM   334  C  CD  . LYS A 1 47  ? 11.143  -18.042 11.548  1.00 66.94 ? 47  LYS A CD  1 
ATOM   335  C  CE  . LYS A 1 47  ? 10.986  -17.727 13.026  1.00 67.66 ? 47  LYS A CE  1 
ATOM   336  N  NZ  . LYS A 1 47  ? 12.308  -17.808 13.718  1.00 66.82 ? 47  LYS A NZ  1 
ATOM   337  N  N   . LYS A 1 48  ? 8.958   -17.161 5.980   1.00 52.95 ? 48  LYS A N   1 
ATOM   338  C  CA  . LYS A 1 48  ? 9.043   -16.875 4.541   1.00 49.89 ? 48  LYS A CA  1 
ATOM   339  C  C   . LYS A 1 48  ? 7.603   -16.509 4.105   1.00 41.87 ? 48  LYS A C   1 
ATOM   340  O  O   . LYS A 1 48  ? 6.666   -16.914 4.776   1.00 36.88 ? 48  LYS A O   1 
ATOM   341  C  CB  . LYS A 1 48  ? 9.567   -18.102 3.779   1.00 58.24 ? 48  LYS A CB  1 
ATOM   342  C  CG  . LYS A 1 48  ? 8.677   -19.356 3.885   1.00 64.85 ? 48  LYS A CG  1 
ATOM   343  C  CD  . LYS A 1 48  ? 9.384   -20.584 3.296   1.00 73.54 ? 48  LYS A CD  1 
ATOM   344  C  CE  . LYS A 1 48  ? 8.851   -20.984 1.910   1.00 70.94 ? 48  LYS A CE  1 
ATOM   345  N  NZ  . LYS A 1 48  ? 8.897   -19.848 0.922   1.00 77.86 ? 48  LYS A NZ  1 
ATOM   346  N  N   . VAL A 1 49  ? 7.429   -15.747 3.023   1.00 36.22 ? 49  VAL A N   1 
ATOM   347  C  CA  . VAL A 1 49  ? 6.086   -15.430 2.493   1.00 36.49 ? 49  VAL A CA  1 
ATOM   348  C  C   . VAL A 1 49  ? 5.370   -16.701 2.081   1.00 41.53 ? 49  VAL A C   1 
ATOM   349  O  O   . VAL A 1 49  ? 5.868   -17.460 1.274   1.00 42.16 ? 49  VAL A O   1 
ATOM   350  C  CB  . VAL A 1 49  ? 6.112   -14.382 1.333   1.00 42.35 ? 49  VAL A CB  1 
ATOM   351  C  CG1 . VAL A 1 49  ? 4.735   -14.192 0.651   1.00 34.11 ? 49  VAL A CG1 1 
ATOM   352  C  CG2 . VAL A 1 49  ? 6.651   -13.049 1.837   1.00 41.16 ? 49  VAL A CG2 1 
ATOM   353  N  N   . ILE A 1 50  ? 4.179   -16.956 2.604   1.00 42.38 ? 50  ILE A N   1 
ATOM   354  C  CA  . ILE A 1 50  ? 3.497   -18.156 2.136   1.00 43.83 ? 50  ILE A CA  1 
ATOM   355  C  C   . ILE A 1 50  ? 2.103   -17.927 1.656   1.00 40.95 ? 50  ILE A C   1 
ATOM   356  O  O   . ILE A 1 50  ? 1.470   -18.853 1.219   1.00 41.96 ? 50  ILE A O   1 
ATOM   357  C  CB  . ILE A 1 50  ? 3.575   -19.342 3.119   1.00 46.02 ? 50  ILE A CB  1 
ATOM   358  C  CG1 . ILE A 1 50  ? 2.926   -19.010 4.453   1.00 41.01 ? 50  ILE A CG1 1 
ATOM   359  C  CG2 . ILE A 1 50  ? 5.030   -19.765 3.330   1.00 52.47 ? 50  ILE A CG2 1 
ATOM   360  C  CD1 . ILE A 1 50  ? 2.870   -20.219 5.369   1.00 45.94 ? 50  ILE A CD1 1 
ATOM   361  N  N   . TYR A 1 51  ? 1.609   -16.683 1.722   1.00 37.14 ? 51  TYR A N   1 
ATOM   362  C  CA  . TYR A 1 51  ? 0.294   -16.345 1.147   1.00 30.39 ? 51  TYR A CA  1 
ATOM   363  C  C   . TYR A 1 51  ? 0.471   -14.953 0.592   1.00 35.53 ? 51  TYR A C   1 
ATOM   364  O  O   . TYR A 1 51  ? 0.963   -14.051 1.326   1.00 32.24 ? 51  TYR A O   1 
ATOM   365  C  CB  . TYR A 1 51  ? -0.802  -16.370 2.192   1.00 35.75 ? 51  TYR A CB  1 
ATOM   366  C  CG  . TYR A 1 51  ? -2.177  -15.952 1.729   1.00 36.99 ? 51  TYR A CG  1 
ATOM   367  C  CD1 . TYR A 1 51  ? -3.019  -16.867 1.138   1.00 38.88 ? 51  TYR A CD1 1 
ATOM   368  C  CD2 . TYR A 1 51  ? -2.657  -14.631 1.919   1.00 38.56 ? 51  TYR A CD2 1 
ATOM   369  C  CE1 . TYR A 1 51  ? -4.307  -16.544 0.732   1.00 35.38 ? 51  TYR A CE1 1 
ATOM   370  C  CE2 . TYR A 1 51  ? -3.945  -14.277 1.471   1.00 38.84 ? 51  TYR A CE2 1 
ATOM   371  C  CZ  . TYR A 1 51  ? -4.758  -15.253 0.866   1.00 40.93 ? 51  TYR A CZ  1 
ATOM   372  O  OH  . TYR A 1 51  ? -6.057  -14.968 0.433   1.00 42.13 ? 51  TYR A OH  1 
ATOM   373  N  N   . SER A 1 52  ? 0.098   -14.796 -0.676  0.50 28.24 ? 52  SER A N   1 
ATOM   374  C  CA  A SER A 1 52  ? 0.312   -13.552 -1.430  0.50 31.86 ? 52  SER A CA  1 
ATOM   375  C  CA  B SER A 1 52  ? 0.291   -13.538 -1.378  0.50 32.16 ? 52  SER A CA  1 
ATOM   376  C  C   . SER A 1 52  ? -0.868  -13.289 -2.315  0.50 30.98 ? 52  SER A C   1 
ATOM   377  O  O   . SER A 1 52  ? -1.405  -14.236 -2.851  0.50 25.92 ? 52  SER A O   1 
ATOM   378  C  CB  A SER A 1 52  ? 1.522   -13.678 -2.344  0.50 32.78 ? 52  SER A CB  1 
ATOM   379  C  CB  B SER A 1 52  ? 1.591   -13.570 -2.169  0.50 33.19 ? 52  SER A CB  1 
ATOM   380  O  OG  A SER A 1 52  ? 2.690   -13.363 -1.644  0.50 33.41 ? 52  SER A OG  1 
ATOM   381  O  OG  B SER A 1 52  ? 1.687   -12.419 -2.969  0.50 35.47 ? 52  SER A OG  1 
ATOM   382  N  N   . ILE A 1 53  ? -1.275  -12.030 -2.441  1.00 32.93 ? 53  ILE A N   1 
ATOM   383  C  CA  . ILE A 1 53  ? -2.346  -11.637 -3.377  1.00 34.75 ? 53  ILE A CA  1 
ATOM   384  C  C   . ILE A 1 53  ? -2.076  -10.219 -3.946  1.00 37.51 ? 53  ILE A C   1 
ATOM   385  O  O   . ILE A 1 53  ? -1.664  -9.318  -3.205  1.00 35.90 ? 53  ILE A O   1 
ATOM   386  C  CB  . ILE A 1 53  ? -3.740  -11.796 -2.818  1.00 36.39 ? 53  ILE A CB  1 
ATOM   387  C  CG1 . ILE A 1 53  ? -4.717  -10.907 -3.578  1.00 39.86 ? 53  ILE A CG1 1 
ATOM   388  C  CG2 . ILE A 1 53  ? -3.778  -11.563 -1.350  1.00 42.79 ? 53  ILE A CG2 1 
ATOM   389  C  CD1 . ILE A 1 53  ? -5.883  -10.502 -2.747  1.00 45.13 ? 53  ILE A CD1 1 
ATOM   390  N  N   . GLY A 1 54  ? -2.285  -10.067 -5.265  1.00 36.40 ? 54  GLY A N   1 
ATOM   391  C  CA  . GLY A 1 54  ? -1.989  -8.841  -6.012  1.00 37.66 ? 54  GLY A CA  1 
ATOM   392  C  C   . GLY A 1 54  ? -3.278  -8.203  -6.496  1.00 35.37 ? 54  GLY A C   1 
ATOM   393  O  O   . GLY A 1 54  ? -4.281  -8.870  -6.538  1.00 37.28 ? 54  GLY A O   1 
ATOM   394  N  N   . GLY A 1 55  ? -3.288  -6.888  -6.732  1.00 30.87 ? 55  GLY A N   1 
ATOM   395  C  CA  . GLY A 1 55  ? -4.439  -6.201  -7.360  1.00 26.09 ? 55  GLY A CA  1 
ATOM   396  C  C   . GLY A 1 55  ? -4.006  -4.786  -7.764  1.00 26.53 ? 55  GLY A C   1 
ATOM   397  O  O   . GLY A 1 55  ? -2.853  -4.342  -7.487  1.00 28.76 ? 55  GLY A O   1 
ATOM   398  N  N   . GLU A 1 56  ? -4.936  -4.089  -8.370  1.00 25.41 ? 56  GLU A N   1 
ATOM   399  C  CA  . GLU A 1 56  ? -4.696  -2.819  -8.991  1.00 32.31 ? 56  GLU A CA  1 
ATOM   400  C  C   . GLU A 1 56  ? -5.598  -1.825  -8.361  1.00 25.76 ? 56  GLU A C   1 
ATOM   401  O  O   . GLU A 1 56  ? -6.658  -2.176  -7.853  1.00 28.97 ? 56  GLU A O   1 
ATOM   402  C  CB  . GLU A 1 56  ? -5.014  -2.908  -10.541 1.00 32.89 ? 56  GLU A CB  1 
ATOM   403  C  CG  . GLU A 1 56  ? -3.964  -3.699  -11.276 1.00 43.89 ? 56  GLU A CG  1 
ATOM   404  C  CD  . GLU A 1 56  ? -3.772  -3.230  -12.713 1.00 50.28 ? 56  GLU A CD  1 
ATOM   405  O  OE1 . GLU A 1 56  ? -4.562  -2.368  -13.206 1.00 49.73 ? 56  GLU A OE1 1 
ATOM   406  O  OE2 . GLU A 1 56  ? -2.803  -3.725  -13.325 1.00 53.58 ? 56  GLU A OE2 1 
ATOM   407  N  N   . THR A 1 57  ? -5.170  -0.559  -8.321  1.00 24.66 ? 57  THR A N   1 
ATOM   408  C  CA  . THR A 1 57  ? -6.037  0.457   -7.754  1.00 22.76 ? 57  THR A CA  1 
ATOM   409  C  C   . THR A 1 57  ? -7.045  0.918   -8.813  1.00 26.94 ? 57  THR A C   1 
ATOM   410  O  O   . THR A 1 57  ? -6.776  0.750   -9.994  1.00 24.75 ? 57  THR A O   1 
ATOM   411  C  CB  . THR A 1 57  ? -5.324  1.702   -7.342  1.00 27.21 ? 57  THR A CB  1 
ATOM   412  O  OG1 . THR A 1 57  ? -4.493  2.174   -8.434  1.00 25.83 ? 57  THR A OG1 1 
ATOM   413  C  CG2 . THR A 1 57  ? -4.430  1.384   -6.081  1.00 24.35 ? 57  THR A CG2 1 
ATOM   414  N  N   . ASP A 1 58  ? -8.115  1.531   -8.367  1.00 24.25 ? 58  ASP A N   1 
ATOM   415  C  CA  . ASP A 1 58  ? -9.160  2.000   -9.268  1.00 34.44 ? 58  ASP A CA  1 
ATOM   416  C  C   . ASP A 1 58  ? -9.042  3.527   -9.469  1.00 38.73 ? 58  ASP A C   1 
ATOM   417  O  O   . ASP A 1 58  ? -7.975  4.171   -9.146  1.00 29.85 ? 58  ASP A O   1 
ATOM   418  C  CB  . ASP A 1 58  ? -10.547 1.613   -8.665  1.00 27.45 ? 58  ASP A CB  1 
ATOM   419  C  CG  . ASP A 1 58  ? -10.896 2.402   -7.457  1.00 38.17 ? 58  ASP A CG  1 
ATOM   420  O  OD1 . ASP A 1 58  ? -10.118 3.302   -7.055  1.00 35.20 ? 58  ASP A OD1 1 
ATOM   421  O  OD2 . ASP A 1 58  ? -11.985 2.141   -6.871  1.00 31.02 ? 58  ASP A OD2 1 
ATOM   422  N  N   . GLN A 1 59  ? -10.140 4.127   -9.921  1.00 35.81 ? 59  GLN A N   1 
ATOM   423  C  CA  . GLN A 1 59  ? -10.175 5.558   -10.243 1.00 38.04 ? 59  GLN A CA  1 
ATOM   424  C  C   . GLN A 1 59  ? -9.907  6.463   -9.098  1.00 42.67 ? 59  GLN A C   1 
ATOM   425  O  O   . GLN A 1 59  ? -9.469  7.587   -9.302  1.00 42.74 ? 59  GLN A O   1 
ATOM   426  C  CB  . GLN A 1 59  ? -11.578 5.946   -10.763 1.00 40.49 ? 59  GLN A CB  1 
ATOM   427  C  CG  . GLN A 1 59  ? -11.832 5.412   -12.148 1.00 42.44 ? 59  GLN A CG  1 
ATOM   428  C  CD  . GLN A 1 59  ? -10.775 5.862   -13.116 1.00 48.21 ? 59  GLN A CD  1 
ATOM   429  O  OE1 . GLN A 1 59  ? -10.765 7.028   -13.553 1.00 50.02 ? 59  GLN A OE1 1 
ATOM   430  N  NE2 . GLN A 1 59  ? -9.870  4.956   -13.457 1.00 47.55 ? 59  GLN A NE2 1 
ATOM   431  N  N   . ASP A 1 60  ? -10.283 6.052   -7.899  1.00 37.73 ? 60  ASP A N   1 
ATOM   432  C  CA  . ASP A 1 60  ? -9.973  6.857   -6.738  1.00 35.74 ? 60  ASP A CA  1 
ATOM   433  C  C   . ASP A 1 60  ? -8.602  6.505   -6.134  1.00 26.60 ? 60  ASP A C   1 
ATOM   434  O  O   . ASP A 1 60  ? -8.299  6.961   -5.040  1.00 32.41 ? 60  ASP A O   1 
ATOM   435  C  CB  . ASP A 1 60  ? -11.057 6.704   -5.670  1.00 37.31 ? 60  ASP A CB  1 
ATOM   436  C  CG  . ASP A 1 60  ? -12.408 7.200   -6.130  1.00 45.45 ? 60  ASP A CG  1 
ATOM   437  O  OD1 . ASP A 1 60  ? -12.517 8.376   -6.548  1.00 43.58 ? 60  ASP A OD1 1 
ATOM   438  O  OD2 . ASP A 1 60  ? -13.364 6.404   -6.060  1.00 52.52 ? 60  ASP A OD2 1 
ATOM   439  N  N   . GLY A 1 61  ? -7.800  5.722   -6.832  1.00 28.01 ? 61  GLY A N   1 
ATOM   440  C  CA  . GLY A 1 61  ? -6.493  5.220   -6.301  1.00 26.85 ? 61  GLY A CA  1 
ATOM   441  C  C   . GLY A 1 61  ? -6.688  4.210   -5.152  1.00 28.32 ? 61  GLY A C   1 
ATOM   442  O  O   . GLY A 1 61  ? -5.819  4.089   -4.277  1.00 23.71 ? 61  GLY A O   1 
ATOM   443  N  N   . VAL A 1 62  ? -7.809  3.479   -5.151  1.00 25.96 ? 62  VAL A N   1 
ATOM   444  C  CA  . VAL A 1 62  ? -8.163  2.536   -4.024  1.00 27.31 ? 62  VAL A CA  1 
ATOM   445  C  C   . VAL A 1 62  ? -8.021  1.122   -4.489  1.00 28.71 ? 62  VAL A C   1 
ATOM   446  O  O   . VAL A 1 62  ? -8.518  0.765   -5.567  1.00 26.60 ? 62  VAL A O   1 
ATOM   447  C  CB  . VAL A 1 62  ? -9.629  2.731   -3.550  1.00 27.85 ? 62  VAL A CB  1 
ATOM   448  C  CG1 . VAL A 1 62  ? -9.985  1.799   -2.377  1.00 25.11 ? 62  VAL A CG1 1 
ATOM   449  C  CG2 . VAL A 1 62  ? -9.866  4.178   -3.133  1.00 26.88 ? 62  VAL A CG2 1 
ATOM   450  N  N   . TYR A 1 63  ? -7.317  0.270   -3.725  1.00 24.18 ? 63  TYR A N   1 
ATOM   451  C  CA  . TYR A 1 63  ? -7.306  -1.133  -4.111  1.00 22.22 ? 63  TYR A CA  1 
ATOM   452  C  C   . TYR A 1 63  ? -8.214  -1.882  -3.096  1.00 26.01 ? 63  TYR A C   1 
ATOM   453  O  O   . TYR A 1 63  ? -8.501  -1.373  -2.022  1.00 25.18 ? 63  TYR A O   1 
ATOM   454  C  CB  . TYR A 1 63  ? -5.890  -1.782  -4.114  1.00 23.15 ? 63  TYR A CB  1 
ATOM   455  C  CG  . TYR A 1 63  ? -5.080  -1.526  -2.796  1.00 24.52 ? 63  TYR A CG  1 
ATOM   456  C  CD1 . TYR A 1 63  ? -5.266  -2.346  -1.637  1.00 22.62 ? 63  TYR A CD1 1 
ATOM   457  C  CD2 . TYR A 1 63  ? -4.169  -0.477  -2.731  1.00 22.57 ? 63  TYR A CD2 1 
ATOM   458  C  CE1 . TYR A 1 63  ? -4.534  -2.101  -0.480  1.00 22.08 ? 63  TYR A CE1 1 
ATOM   459  C  CE2 . TYR A 1 63  ? -3.413  -0.214  -1.544  1.00 20.92 ? 63  TYR A CE2 1 
ATOM   460  C  CZ  . TYR A 1 63  ? -3.608  -1.016  -0.447  1.00 21.83 ? 63  TYR A CZ  1 
ATOM   461  O  OH  . TYR A 1 63  ? -2.885  -0.798  0.690   1.00 21.62 ? 63  TYR A OH  1 
ATOM   462  N  N   . ARG A 1 64  ? -8.590  -3.117  -3.396  1.00 27.21 ? 64  ARG A N   1 
ATOM   463  C  CA  . ARG A 1 64  ? -9.480  -3.860  -2.467  1.00 27.25 ? 64  ARG A CA  1 
ATOM   464  C  C   . ARG A 1 64  ? -9.186  -5.298  -2.762  1.00 28.34 ? 64  ARG A C   1 
ATOM   465  O  O   . ARG A 1 64  ? -9.591  -5.879  -3.789  1.00 33.28 ? 64  ARG A O   1 
ATOM   466  C  CB  . ARG A 1 64  ? -10.937 -3.450  -2.666  1.00 29.05 ? 64  ARG A CB  1 
ATOM   467  C  CG  . ARG A 1 64  ? -11.964 -4.244  -1.924  1.00 36.20 ? 64  ARG A CG  1 
ATOM   468  C  CD  . ARG A 1 64  ? -13.349 -3.661  -2.182  1.00 36.06 ? 64  ARG A CD  1 
ATOM   469  N  NE  . ARG A 1 64  ? -14.387 -4.522  -1.656  1.00 46.79 ? 64  ARG A NE  1 
ATOM   470  C  CZ  . ARG A 1 64  ? -14.924 -4.359  -0.447  1.00 53.56 ? 64  ARG A CZ  1 
ATOM   471  N  NH1 . ARG A 1 64  ? -14.513 -3.357  0.351   1.00 50.22 ? 64  ARG A NH1 1 
ATOM   472  N  NH2 . ARG A 1 64  ? -15.863 -5.198  -0.027  1.00 52.05 ? 64  ARG A NH2 1 
ATOM   473  N  N   . LEU A 1 65  ? -8.360  -5.876  -1.895  1.00 28.60 ? 65  LEU A N   1 
ATOM   474  C  CA  . LEU A 1 65  ? -7.867  -7.206  -2.144  1.00 30.25 ? 65  LEU A CA  1 
ATOM   475  C  C   . LEU A 1 65  ? -8.712  -8.216  -1.385  1.00 32.26 ? 65  LEU A C   1 
ATOM   476  O  O   . LEU A 1 65  ? -8.915  -8.061  -0.158  1.00 32.88 ? 65  LEU A O   1 
ATOM   477  C  CB  . LEU A 1 65  ? -6.416  -7.297  -1.734  1.00 30.48 ? 65  LEU A CB  1 
ATOM   478  C  CG  . LEU A 1 65  ? -5.438  -6.199  -2.178  1.00 29.38 ? 65  LEU A CG  1 
ATOM   479  C  CD1 . LEU A 1 65  ? -4.113  -6.398  -1.420  1.00 32.28 ? 65  LEU A CD1 1 
ATOM   480  C  CD2 . LEU A 1 65  ? -5.185  -6.185  -3.692  1.00 28.59 ? 65  LEU A CD2 1 
ATOM   481  N  N   . PRO A 1 66  ? -9.230  -9.248  -2.094  1.00 35.54 ? 66  PRO A N   1 
ATOM   482  C  CA  . PRO A 1 66  ? -10.121 -10.243 -1.412  1.00 34.55 ? 66  PRO A CA  1 
ATOM   483  C  C   . PRO A 1 66  ? -9.218  -11.303 -0.802  1.00 32.38 ? 66  PRO A C   1 
ATOM   484  O  O   . PRO A 1 66  ? -8.355  -11.827 -1.468  1.00 38.51 ? 66  PRO A O   1 
ATOM   485  C  CB  . PRO A 1 66  ? -10.951 -10.839 -2.591  1.00 33.49 ? 66  PRO A CB  1 
ATOM   486  C  CG  . PRO A 1 66  ? -10.145 -10.566 -3.819  1.00 38.11 ? 66  PRO A CG  1 
ATOM   487  C  CD  . PRO A 1 66  ? -8.972  -9.641  -3.503  1.00 34.85 ? 66  PRO A CD  1 
ATOM   488  N  N   . VAL A 1 67  ? -9.334  -11.526 0.494   1.00 32.59 ? 67  VAL A N   1 
ATOM   489  C  CA  . VAL A 1 67  ? -8.412  -12.450 1.192   1.00 30.21 ? 67  VAL A CA  1 
ATOM   490  C  C   . VAL A 1 67  ? -9.269  -13.614 1.726   1.00 30.60 ? 67  VAL A C   1 
ATOM   491  O  O   . VAL A 1 67  ? -10.367 -13.386 2.165   1.00 30.27 ? 67  VAL A O   1 
ATOM   492  C  CB  . VAL A 1 67  ? -7.802  -11.686 2.368   1.00 30.87 ? 67  VAL A CB  1 
ATOM   493  C  CG1 . VAL A 1 67  ? -7.092  -12.621 3.389   1.00 29.88 ? 67  VAL A CG1 1 
ATOM   494  C  CG2 . VAL A 1 67  ? -6.847  -10.604 1.769   1.00 28.98 ? 67  VAL A CG2 1 
ATOM   495  N  N   . VAL A 1 68  ? -8.771  -14.831 1.657   1.00 34.71 ? 68  VAL A N   1 
ATOM   496  C  CA  . VAL A 1 68  ? -9.500  -15.961 2.242   1.00 34.40 ? 68  VAL A CA  1 
ATOM   497  C  C   . VAL A 1 68  ? -8.714  -16.409 3.473   1.00 30.67 ? 68  VAL A C   1 
ATOM   498  O  O   . VAL A 1 68  ? -7.494  -16.644 3.386   1.00 36.80 ? 68  VAL A O   1 
ATOM   499  C  CB  . VAL A 1 68  ? -9.548  -17.135 1.235   1.00 36.86 ? 68  VAL A CB  1 
ATOM   500  C  CG1 . VAL A 1 68  ? -10.408 -18.306 1.778   1.00 35.08 ? 68  VAL A CG1 1 
ATOM   501  C  CG2 . VAL A 1 68  ? -10.046 -16.647 -0.140  1.00 41.00 ? 68  VAL A CG2 1 
ATOM   502  N  N   . GLY A 1 69  ? -9.389  -16.539 4.599   1.00 33.53 ? 69  GLY A N   1 
ATOM   503  C  CA  . GLY A 1 69  ? -8.766  -17.156 5.790   1.00 40.09 ? 69  GLY A CA  1 
ATOM   504  C  C   . GLY A 1 69  ? -8.186  -16.053 6.678   1.00 43.65 ? 69  GLY A C   1 
ATOM   505  O  O   . GLY A 1 69  ? -8.054  -14.889 6.230   1.00 37.35 ? 69  GLY A O   1 
ATOM   506  N  N   . TYR A 1 70  ? -7.865  -16.392 7.930   1.00 36.00 ? 70  TYR A N   1 
ATOM   507  C  CA  . TYR A 1 70  ? -7.189  -15.419 8.804   1.00 37.23 ? 70  TYR A CA  1 
ATOM   508  C  C   . TYR A 1 70  ? -5.684  -15.516 8.510   1.00 33.12 ? 70  TYR A C   1 
ATOM   509  O  O   . TYR A 1 70  ? -5.215  -16.568 8.028   1.00 29.74 ? 70  TYR A O   1 
ATOM   510  C  CB  . TYR A 1 70  ? -7.482  -15.681 10.299  1.00 38.18 ? 70  TYR A CB  1 
ATOM   511  C  CG  . TYR A 1 70  ? -8.942  -15.552 10.684  1.00 35.77 ? 70  TYR A CG  1 
ATOM   512  C  CD1 . TYR A 1 70  ? -9.503  -14.318 11.001  1.00 37.63 ? 70  TYR A CD1 1 
ATOM   513  C  CD2 . TYR A 1 70  ? -9.767  -16.714 10.763  1.00 45.45 ? 70  TYR A CD2 1 
ATOM   514  C  CE1 . TYR A 1 70  ? -10.852 -14.227 11.384  1.00 40.40 ? 70  TYR A CE1 1 
ATOM   515  C  CE2 . TYR A 1 70  ? -11.101 -16.643 11.145  1.00 39.02 ? 70  TYR A CE2 1 
ATOM   516  C  CZ  . TYR A 1 70  ? -11.628 -15.407 11.451  1.00 43.24 ? 70  TYR A CZ  1 
ATOM   517  O  OH  . TYR A 1 70  ? -12.933 -15.332 11.832  1.00 43.46 ? 70  TYR A OH  1 
ATOM   518  N  N   . HIS A 1 71  ? -4.911  -14.453 8.778   1.00 31.52 ? 71  HIS A N   1 
ATOM   519  C  CA  . HIS A 1 71  ? -3.459  -14.546 8.524   1.00 29.44 ? 71  HIS A CA  1 
ATOM   520  C  C   . HIS A 1 71  ? -2.713  -13.738 9.515   1.00 26.91 ? 71  HIS A C   1 
ATOM   521  O  O   . HIS A 1 71  ? -3.300  -12.926 10.231  1.00 29.83 ? 71  HIS A O   1 
ATOM   522  C  CB  . HIS A 1 71  ? -3.053  -14.138 7.075   1.00 34.18 ? 71  HIS A CB  1 
ATOM   523  C  CG  . HIS A 1 71  ? -3.731  -14.928 5.996   1.00 32.14 ? 71  HIS A CG  1 
ATOM   524  N  ND1 . HIS A 1 71  ? -3.173  -16.046 5.408   1.00 33.77 ? 71  HIS A ND1 1 
ATOM   525  C  CD2 . HIS A 1 71  ? -4.955  -14.778 5.424   1.00 32.27 ? 71  HIS A CD2 1 
ATOM   526  C  CE1 . HIS A 1 71  ? -4.021  -16.552 4.525   1.00 27.20 ? 71  HIS A CE1 1 
ATOM   527  N  NE2 . HIS A 1 71  ? -5.113  -15.810 4.526   1.00 31.56 ? 71  HIS A NE2 1 
ATOM   528  N  N   . GLU A 1 72  ? -1.405  -13.996 9.598   1.00 26.53 ? 72  GLU A N   1 
ATOM   529  C  CA  . GLU A 1 72  ? -0.489  -13.219 10.461  1.00 29.30 ? 72  GLU A CA  1 
ATOM   530  C  C   . GLU A 1 72  ? 0.673   -12.756 9.604   1.00 26.40 ? 72  GLU A C   1 
ATOM   531  O  O   . GLU A 1 72  ? 0.933   -13.351 8.500   1.00 22.27 ? 72  GLU A O   1 
ATOM   532  C  CB  . GLU A 1 72  ? 0.051   -14.099 11.667  1.00 27.35 ? 72  GLU A CB  1 
ATOM   533  C  CG  . GLU A 1 72  ? -1.022  -14.648 12.652  1.00 28.57 ? 72  GLU A CG  1 
ATOM   534  C  CD  . GLU A 1 72  ? -1.792  -13.588 13.494  1.00 28.54 ? 72  GLU A CD  1 
ATOM   535  O  OE1 . GLU A 1 72  ? -1.459  -12.390 13.425  1.00 30.69 ? 72  GLU A OE1 1 
ATOM   536  O  OE2 . GLU A 1 72  ? -2.728  -13.955 14.270  1.00 26.85 ? 72  GLU A OE2 1 
ATOM   537  N  N   . ASP A 1 73  ? 1.308   -11.685 10.074  1.00 24.87 ? 73  ASP A N   1 
ATOM   538  C  CA  . ASP A 1 73  ? 2.549   -11.142 9.506   1.00 29.74 ? 73  ASP A CA  1 
ATOM   539  C  C   . ASP A 1 73  ? 2.247   -10.753 8.078   1.00 29.29 ? 73  ASP A C   1 
ATOM   540  O  O   . ASP A 1 73  ? 2.937   -11.166 7.154   1.00 28.68 ? 73  ASP A O   1 
ATOM   541  C  CB  . ASP A 1 73  ? 3.744   -12.120 9.555   1.00 28.27 ? 73  ASP A CB  1 
ATOM   542  C  CG  . ASP A 1 73  ? 3.886   -12.799 10.894  1.00 35.84 ? 73  ASP A CG  1 
ATOM   543  O  OD1 . ASP A 1 73  ? 3.787   -12.133 11.916  1.00 30.26 ? 73  ASP A OD1 1 
ATOM   544  O  OD2 . ASP A 1 73  ? 4.119   -14.012 10.937  1.00 42.35 ? 73  ASP A OD2 1 
ATOM   545  N  N   . CYS A 1 74  ? 1.229   -9.904  7.932   1.00 24.26 ? 74  CYS A N   1 
ATOM   546  C  CA  . CYS A 1 74  ? 0.787   -9.457  6.622   1.00 25.54 ? 74  CYS A CA  1 
ATOM   547  C  C   . CYS A 1 74  ? 1.139   -8.013  6.355   1.00 26.64 ? 74  CYS A C   1 
ATOM   548  O  O   . CYS A 1 74  ? 0.921   -7.133  7.238   1.00 25.09 ? 74  CYS A O   1 
ATOM   549  C  CB  . CYS A 1 74  ? -0.732  -9.574  6.563   1.00 28.68 ? 74  CYS A CB  1 
ATOM   550  S  SG  . CYS A 1 74  ? -1.310  -11.266 6.742   1.00 35.78 ? 74  CYS A SG  1 
ATOM   551  N  N   . GLU A 1 75  ? 1.541   -7.715  5.123   1.00 22.38 ? 75  GLU A N   1 
ATOM   552  C  CA  . GLU A 1 75  ? 1.740   -6.340  4.753   1.00 22.84 ? 75  GLU A CA  1 
ATOM   553  C  C   . GLU A 1 75  ? 1.610   -6.084  3.288   1.00 23.23 ? 75  GLU A C   1 
ATOM   554  O  O   . GLU A 1 75  ? 1.791   -7.015  2.456   1.00 24.28 ? 75  GLU A O   1 
ATOM   555  C  CB  . GLU A 1 75  ? 3.074   -5.770  5.294   1.00 30.38 ? 75  GLU A CB  1 
ATOM   556  C  CG  . GLU A 1 75  ? 4.282   -6.350  4.619   1.00 39.85 ? 75  GLU A CG  1 
ATOM   557  C  CD  . GLU A 1 75  ? 5.557   -6.173  5.473   1.00 48.82 ? 75  GLU A CD  1 
ATOM   558  O  OE1 . GLU A 1 75  ? 6.641   -6.219  4.889   1.00 54.12 ? 75  GLU A OE1 1 
ATOM   559  O  OE2 . GLU A 1 75  ? 5.479   -6.043  6.710   1.00 53.27 ? 75  GLU A OE2 1 
ATOM   560  N  N   . ILE A 1 76  ? 1.253   -4.839  2.966   1.00 22.11 ? 76  ILE A N   1 
ATOM   561  C  CA  . ILE A 1 76  ? 1.014   -4.415  1.586   1.00 21.72 ? 76  ILE A CA  1 
ATOM   562  C  C   . ILE A 1 76  ? 2.216   -3.608  1.077   1.00 26.21 ? 76  ILE A C   1 
ATOM   563  O  O   . ILE A 1 76  ? 2.633   -2.597  1.714   1.00 21.96 ? 76  ILE A O   1 
ATOM   564  C  CB  . ILE A 1 76  ? -0.304  -3.653  1.385   1.00 22.48 ? 76  ILE A CB  1 
ATOM   565  C  CG1 . ILE A 1 76  ? -1.514  -4.531  1.677   1.00 27.41 ? 76  ILE A CG1 1 
ATOM   566  C  CG2 . ILE A 1 76  ? -0.477  -3.273  -0.109  1.00 21.89 ? 76  ILE A CG2 1 
ATOM   567  C  CD1 . ILE A 1 76  ? -1.800  -4.654  3.153   1.00 31.96 ? 76  ILE A CD1 1 
ATOM   568  N  N   . LYS A 1 77  ? 2.771   -4.021  -0.083  1.00 25.93 ? 77  LYS A N   1 
ATOM   569  C  CA  . LYS A 1 77  ? 3.849   -3.229  -0.739  1.00 23.37 ? 77  LYS A CA  1 
ATOM   570  C  C   . LYS A 1 77  ? 3.461   -2.704  -2.122  1.00 23.07 ? 77  LYS A C   1 
ATOM   571  O  O   . LYS A 1 77  ? 2.632   -3.306  -2.798  1.00 23.08 ? 77  LYS A O   1 
ATOM   572  C  CB  . LYS A 1 77  ? 5.185   -4.020  -0.783  1.00 23.14 ? 77  LYS A CB  1 
ATOM   573  C  CG  . LYS A 1 77  ? 5.202   -5.258  -1.706  1.00 33.11 ? 77  LYS A CG  1 
ATOM   574  C  CD  . LYS A 1 77  ? 6.560   -5.995  -1.521  1.00 34.81 ? 77  LYS A CD  1 
ATOM   575  C  CE  . LYS A 1 77  ? 6.639   -7.301  -2.308  1.00 43.60 ? 77  LYS A CE  1 
ATOM   576  N  NZ  . LYS A 1 77  ? 6.015   -7.147  -3.653  1.00 41.51 ? 77  LYS A NZ  1 
ATOM   577  N  N   . LEU A 1 78  ? 4.008   -1.544  -2.505  1.00 23.56 ? 78  LEU A N   1 
ATOM   578  C  CA  . LEU A 1 78  ? 3.830   -1.046  -3.883  1.00 22.81 ? 78  LEU A CA  1 
ATOM   579  C  C   . LEU A 1 78  ? 4.678   -1.966  -4.781  1.00 24.73 ? 78  LEU A C   1 
ATOM   580  O  O   . LEU A 1 78  ? 5.694   -2.461  -4.338  1.00 26.50 ? 78  LEU A O   1 
ATOM   581  C  CB  . LEU A 1 78  ? 4.412   0.347   -4.039  1.00 21.66 ? 78  LEU A CB  1 
ATOM   582  C  CG  . LEU A 1 78  ? 3.708   1.447   -3.235  1.00 21.77 ? 78  LEU A CG  1 
ATOM   583  C  CD1 . LEU A 1 78  ? 4.423   2.795   -3.428  1.00 21.84 ? 78  LEU A CD1 1 
ATOM   584  C  CD2 . LEU A 1 78  ? 2.237   1.491   -3.604  1.00 20.54 ? 78  LEU A CD2 1 
ATOM   585  N  N   . VAL A 1 79  ? 4.221   -2.258  -5.987  1.00 24.37 ? 79  VAL A N   1 
ATOM   586  C  CA  . VAL A 1 79  ? 5.131   -3.035  -6.902  1.00 25.97 ? 79  VAL A CA  1 
ATOM   587  C  C   . VAL A 1 79  ? 5.332   -2.201  -8.182  1.00 27.51 ? 79  VAL A C   1 
ATOM   588  O  O   . VAL A 1 79  ? 6.480   -1.824  -8.509  1.00 31.75 ? 79  VAL A O   1 
ATOM   589  C  CB  . VAL A 1 79  ? 4.513   -4.390  -7.327  1.00 28.69 ? 79  VAL A CB  1 
ATOM   590  C  CG1 . VAL A 1 79  ? 5.495   -5.148  -8.234  1.00 25.34 ? 79  VAL A CG1 1 
ATOM   591  C  CG2 . VAL A 1 79  ? 4.015   -5.203  -6.108  1.00 28.68 ? 79  VAL A CG2 1 
ATOM   592  N  N   . LYS A 1 80  ? 4.249   -1.887  -8.886  1.00 24.53 ? 80  LYS A N   1 
ATOM   593  C  CA  . LYS A 1 80  ? 4.354   -1.090  -10.102 1.00 26.36 ? 80  LYS A CA  1 
ATOM   594  C  C   . LYS A 1 80  ? 3.489   0.169   -10.170 1.00 26.21 ? 80  LYS A C   1 
ATOM   595  O  O   . LYS A 1 80  ? 2.256   0.171   -9.944  1.00 30.25 ? 80  LYS A O   1 
ATOM   596  C  CB  . LYS A 1 80  ? 3.928   -1.900  -11.365 1.00 27.81 ? 80  LYS A CB  1 
ATOM   597  C  CG  . LYS A 1 80  ? 4.673   -3.219  -11.630 1.00 29.12 ? 80  LYS A CG  1 
ATOM   598  C  CD  . LYS A 1 80  ? 6.199   -3.045  -11.803 1.00 26.06 ? 80  LYS A CD  1 
ATOM   599  C  CE  . LYS A 1 80  ? 6.775   -4.267  -12.570 1.00 32.59 ? 80  LYS A CE  1 
ATOM   600  N  NZ  . LYS A 1 80  ? 8.291   -4.182  -12.537 1.00 32.15 ? 80  LYS A NZ  1 
ATOM   601  N  N   . SER A 1 81  ? 4.123   1.222   -10.672 1.00 25.41 ? 81  SER A N   1 
ATOM   602  C  CA  . SER A 1 81  ? 3.441   2.473   -10.958 1.00 23.89 ? 81  SER A CA  1 
ATOM   603  C  C   . SER A 1 81  ? 2.841   2.484   -12.383 1.00 33.98 ? 81  SER A C   1 
ATOM   604  O  O   . SER A 1 81  ? 3.453   1.924   -13.333 1.00 29.61 ? 81  SER A O   1 
ATOM   605  C  CB  . SER A 1 81  ? 4.473   3.616   -10.817 1.00 22.23 ? 81  SER A CB  1 
ATOM   606  O  OG  . SER A 1 81  ? 3.835   4.861   -11.175 1.00 22.88 ? 81  SER A OG  1 
ATOM   607  N  N   . SER A 1 82  ? 1.688   3.132   -12.555 1.00 28.54 ? 82  SER A N   1 
ATOM   608  C  CA  . SER A 1 82  ? 1.209   3.397   -13.906 1.00 33.96 ? 82  SER A CA  1 
ATOM   609  C  C   . SER A 1 82  ? 1.672   4.761   -14.473 1.00 37.36 ? 82  SER A C   1 
ATOM   610  O  O   . SER A 1 82  ? 1.232   5.136   -15.553 1.00 39.59 ? 82  SER A O   1 
ATOM   611  C  CB  . SER A 1 82  ? -0.292  3.416   -13.921 1.00 28.64 ? 82  SER A CB  1 
ATOM   612  O  OG  . SER A 1 82  ? -0.658  4.399   -13.002 1.00 28.25 ? 82  SER A OG  1 
ATOM   613  N  N   . ARG A 1 83  ? 2.544   5.486   -13.764 1.00 36.55 ? 83  ARG A N   1 
ATOM   614  C  CA  . ARG A 1 83  ? 3.014   6.819   -14.220 1.00 38.37 ? 83  ARG A CA  1 
ATOM   615  C  C   . ARG A 1 83  ? 4.490   6.814   -14.282 1.00 38.47 ? 83  ARG A C   1 
ATOM   616  O  O   . ARG A 1 83  ? 5.166   6.772   -13.245 1.00 31.78 ? 83  ARG A O   1 
ATOM   617  C  CB  . ARG A 1 83  ? 2.574   7.924   -13.303 1.00 37.63 ? 83  ARG A CB  1 
ATOM   618  C  CG  . ARG A 1 83  ? 1.125   8.257   -13.469 1.00 39.97 ? 83  ARG A CG  1 
ATOM   619  C  CD  . ARG A 1 83  ? 0.791   9.310   -12.434 1.00 42.93 ? 83  ARG A CD  1 
ATOM   620  N  NE  . ARG A 1 83  ? 1.572   10.520  -12.654 1.00 41.78 ? 83  ARG A NE  1 
ATOM   621  C  CZ  . ARG A 1 83  ? 1.390   11.669  -11.996 1.00 41.30 ? 83  ARG A CZ  1 
ATOM   622  N  NH1 . ARG A 1 83  ? 0.418   11.818  -11.077 1.00 42.79 ? 83  ARG A NH1 1 
ATOM   623  N  NH2 . ARG A 1 83  ? 2.161   12.687  -12.281 1.00 38.55 ? 83  ARG A NH2 1 
ATOM   624  N  N   . PRO A 1 84  ? 5.038   6.844   -15.516 1.00 48.61 ? 84  PRO A N   1 
ATOM   625  C  CA  . PRO A 1 84  ? 6.506   6.692   -15.568 1.00 42.51 ? 84  PRO A CA  1 
ATOM   626  C  C   . PRO A 1 84  ? 7.187   7.932   -14.932 1.00 37.44 ? 84  PRO A C   1 
ATOM   627  O  O   . PRO A 1 84  ? 8.262   7.800   -14.367 1.00 41.50 ? 84  PRO A O   1 
ATOM   628  C  CB  . PRO A 1 84  ? 6.799   6.564   -17.081 1.00 54.59 ? 84  PRO A CB  1 
ATOM   629  C  CG  . PRO A 1 84  ? 5.428   6.441   -17.772 1.00 52.67 ? 84  PRO A CG  1 
ATOM   630  C  CD  . PRO A 1 84  ? 4.461   7.152   -16.849 1.00 54.72 ? 84  PRO A CD  1 
ATOM   631  N  N   . ASP A 1 85  ? 6.516   9.068   -14.925 1.00 31.28 ? 85  ASP A N   1 
ATOM   632  C  CA  . ASP A 1 85  ? 7.022   10.243  -14.199 1.00 41.62 ? 85  ASP A CA  1 
ATOM   633  C  C   . ASP A 1 85  ? 6.862   10.149  -12.636 1.00 35.73 ? 85  ASP A C   1 
ATOM   634  O  O   . ASP A 1 85  ? 7.250   11.053  -11.911 1.00 37.27 ? 85  ASP A O   1 
ATOM   635  C  CB  . ASP A 1 85  ? 6.265   11.467  -14.725 1.00 41.34 ? 85  ASP A CB  1 
ATOM   636  C  CG  . ASP A 1 85  ? 4.792   11.365  -14.473 1.00 50.35 ? 85  ASP A CG  1 
ATOM   637  O  OD1 . ASP A 1 85  ? 4.279   10.252  -14.645 1.00 60.91 ? 85  ASP A OD1 1 
ATOM   638  O  OD2 . ASP A 1 85  ? 4.137   12.375  -14.128 1.00 51.64 ? 85  ASP A OD2 1 
ATOM   639  N  N   . CYS A 1 86  ? 6.262   9.084   -12.132 1.00 29.72 ? 86  CYS A N   1 
ATOM   640  C  CA  . CYS A 1 86  ? 6.042   9.023   -10.692 1.00 27.40 ? 86  CYS A CA  1 
ATOM   641  C  C   . CYS A 1 86  ? 6.150   7.543   -10.275 1.00 27.38 ? 86  CYS A C   1 
ATOM   642  O  O   . CYS A 1 86  ? 5.124   6.921   -9.965  1.00 27.79 ? 86  CYS A O   1 
ATOM   643  C  CB  . CYS A 1 86  ? 4.691   9.662   -10.369 1.00 29.11 ? 86  CYS A CB  1 
ATOM   644  S  SG  . CYS A 1 86  ? 4.472   9.924   -8.552  1.00 28.37 ? 86  CYS A SG  1 
ATOM   645  N  N   . SER A 1 87  ? 7.377   7.010   -10.231 1.00 23.10 ? 87  SER A N   1 
ATOM   646  C  CA  . SER A 1 87  ? 7.610   5.582   -9.982  1.00 24.98 ? 87  SER A CA  1 
ATOM   647  C  C   . SER A 1 87  ? 8.693   5.306   -8.948  1.00 27.83 ? 87  SER A C   1 
ATOM   648  O  O   . SER A 1 87  ? 9.020   4.128   -8.743  1.00 33.46 ? 87  SER A O   1 
ATOM   649  C  CB  . SER A 1 87  ? 7.959   4.854   -11.267 1.00 26.50 ? 87  SER A CB  1 
ATOM   650  O  OG  . SER A 1 87  ? 9.041   5.481   -12.001 1.00 29.06 ? 87  SER A OG  1 
ATOM   651  N  N   . GLU A 1 88  ? 9.240   6.327   -8.251  1.00 25.11 ? 88  GLU A N   1 
ATOM   652  C  CA  . GLU A 1 88  ? 10.175  5.965   -7.156  1.00 27.54 ? 88  GLU A CA  1 
ATOM   653  C  C   . GLU A 1 88  ? 9.374   5.353   -6.078  1.00 28.52 ? 88  GLU A C   1 
ATOM   654  O  O   . GLU A 1 88  ? 8.259   5.803   -5.853  1.00 27.53 ? 88  GLU A O   1 
ATOM   655  C  CB  . GLU A 1 88  ? 10.900  7.154   -6.467  1.00 27.23 ? 88  GLU A CB  1 
ATOM   656  C  CG  . GLU A 1 88  ? 11.835  7.862   -7.366  1.00 26.24 ? 88  GLU A CG  1 
ATOM   657  C  CD  . GLU A 1 88  ? 12.609  8.943   -6.655  1.00 28.07 ? 88  GLU A CD  1 
ATOM   658  O  OE1 . GLU A 1 88  ? 12.213  9.403   -5.543  1.00 26.82 ? 88  GLU A OE1 1 
ATOM   659  O  OE2 . GLU A 1 88  ? 13.598  9.378   -7.289  1.00 28.58 ? 88  GLU A OE2 1 
ATOM   660  N  N   . ILE A 1 89  ? 10.011  4.421   -5.357  1.00 29.67 ? 89  ILE A N   1 
ATOM   661  C  CA  . ILE A 1 89  ? 9.563   3.903   -4.091  1.00 28.78 ? 89  ILE A CA  1 
ATOM   662  C  C   . ILE A 1 89  ? 10.589  4.409   -3.058  1.00 31.93 ? 89  ILE A C   1 
ATOM   663  O  O   . ILE A 1 89  ? 11.712  3.917   -2.924  1.00 26.05 ? 89  ILE A O   1 
ATOM   664  C  CB  . ILE A 1 89  ? 9.471   2.351   -4.083  1.00 29.72 ? 89  ILE A CB  1 
ATOM   665  C  CG1 . ILE A 1 89  ? 8.439   1.906   -5.124  1.00 24.39 ? 89  ILE A CG1 1 
ATOM   666  C  CG2 . ILE A 1 89  ? 9.153   1.850   -2.654  1.00 30.50 ? 89  ILE A CG2 1 
ATOM   667  C  CD1 . ILE A 1 89  ? 8.245   0.389   -5.401  1.00 30.65 ? 89  ILE A CD1 1 
ATOM   668  N  N   . PRO A 1 90  ? 10.182  5.436   -2.313  1.00 34.46 ? 90  PRO A N   1 
ATOM   669  C  CA  . PRO A 1 90  ? 11.051  6.151   -1.393  1.00 37.30 ? 90  PRO A CA  1 
ATOM   670  C  C   . PRO A 1 90  ? 11.445  5.214   -0.234  1.00 45.15 ? 90  PRO A C   1 
ATOM   671  O  O   . PRO A 1 90  ? 10.567  4.757   0.472   1.00 45.06 ? 90  PRO A O   1 
ATOM   672  C  CB  . PRO A 1 90  ? 10.152  7.311   -0.920  1.00 35.90 ? 90  PRO A CB  1 
ATOM   673  C  CG  . PRO A 1 90  ? 8.742   6.800   -1.089  1.00 40.63 ? 90  PRO A CG  1 
ATOM   674  C  CD  . PRO A 1 90  ? 8.827   6.002   -2.383  1.00 36.11 ? 90  PRO A CD  1 
ATOM   675  N  N   . LYS A 1 91  ? 12.726  4.871   -0.065  1.00 45.66 ? 91  LYS A N   1 
ATOM   676  C  CA  . LYS A 1 91  ? 13.145  4.198   1.179   1.00 46.18 ? 91  LYS A CA  1 
ATOM   677  C  C   . LYS A 1 91  ? 13.082  5.170   2.371   1.00 45.08 ? 91  LYS A C   1 
ATOM   678  O  O   . LYS A 1 91  ? 13.392  6.339   2.224   1.00 45.58 ? 91  LYS A O   1 
ATOM   679  C  CB  . LYS A 1 91  ? 14.552  3.664   1.066   1.00 47.46 ? 91  LYS A CB  1 
ATOM   680  C  CG  . LYS A 1 91  ? 14.569  2.259   0.506   1.00 53.94 ? 91  LYS A CG  1 
ATOM   681  C  CD  . LYS A 1 91  ? 15.976  1.736   0.321   1.00 52.17 ? 91  LYS A CD  1 
ATOM   682  C  CE  . LYS A 1 91  ? 16.033  0.774   -0.863  1.00 58.74 ? 91  LYS A CE  1 
ATOM   683  N  NZ  . LYS A 1 91  ? 15.900  1.498   -2.159  1.00 54.88 ? 91  LYS A NZ  1 
ATOM   684  N  N   . LEU A 1 92  ? 12.688  4.671   3.533   1.00 43.91 ? 92  LEU A N   1 
ATOM   685  C  CA  . LEU A 1 92  ? 12.726  5.412   4.787   1.00 45.13 ? 92  LEU A CA  1 
ATOM   686  C  C   . LEU A 1 92  ? 14.168  5.690   5.277   1.00 49.61 ? 92  LEU A C   1 
ATOM   687  O  O   . LEU A 1 92  ? 15.078  4.892   5.023   1.00 39.58 ? 92  LEU A O   1 
ATOM   688  C  CB  . LEU A 1 92  ? 11.977  4.614   5.862   1.00 52.45 ? 92  LEU A CB  1 
ATOM   689  C  CG  . LEU A 1 92  ? 10.487  4.375   5.613   1.00 56.09 ? 92  LEU A CG  1 
ATOM   690  C  CD1 . LEU A 1 92  ? 9.920   3.434   6.679   1.00 57.64 ? 92  LEU A CD1 1 
ATOM   691  C  CD2 . LEU A 1 92  ? 9.747   5.723   5.550   1.00 55.43 ? 92  LEU A CD2 1 
ATOM   692  N  N   . ALA A 1 93  ? 14.354  6.803   5.997   1.00 52.89 ? 93  ALA A N   1 
ATOM   693  C  CA  . ALA A 1 93  ? 15.629  7.119   6.674   1.00 54.50 ? 93  ALA A CA  1 
ATOM   694  C  C   . ALA A 1 93  ? 16.305  5.913   7.355   1.00 56.87 ? 93  ALA A C   1 
ATOM   695  O  O   . ALA A 1 93  ? 17.520  5.800   7.298   1.00 56.56 ? 93  ALA A O   1 
ATOM   696  C  CB  . ALA A 1 93  ? 15.466  8.274   7.660   1.00 49.74 ? 93  ALA A CB  1 
ATOM   697  N  N   . LYS A 1 94  ? 15.517  5.020   7.963   1.00 67.37 ? 94  LYS A N   1 
ATOM   698  C  CA  . LYS A 1 94  ? 16.004  3.712   8.476   1.00 70.25 ? 94  LYS A CA  1 
ATOM   699  C  C   . LYS A 1 94  ? 16.688  2.806   7.435   1.00 70.85 ? 94  LYS A C   1 
ATOM   700  O  O   . LYS A 1 94  ? 17.438  1.908   7.802   1.00 70.33 ? 94  LYS A O   1 
ATOM   701  C  CB  . LYS A 1 94  ? 14.860  2.931   9.144   1.00 75.98 ? 94  LYS A CB  1 
ATOM   702  C  CG  . LYS A 1 94  ? 14.087  3.717   10.205  1.00 79.05 ? 94  LYS A CG  1 
ATOM   703  C  CD  . LYS A 1 94  ? 12.610  3.378   10.097  1.00 80.53 ? 94  LYS A CD  1 
ATOM   704  C  CE  . LYS A 1 94  ? 11.750  4.250   11.002  1.00 83.36 ? 94  LYS A CE  1 
ATOM   705  N  NZ  . LYS A 1 94  ? 10.351  4.249   10.470  1.00 83.93 ? 94  LYS A NZ  1 
ATOM   706  N  N   . GLY A 1 95  ? 16.427  3.043   6.148   1.00 68.22 ? 95  GLY A N   1 
ATOM   707  C  CA  . GLY A 1 95  ? 17.007  2.265   5.050   1.00 55.88 ? 95  GLY A CA  1 
ATOM   708  C  C   . GLY A 1 95  ? 16.015  1.267   4.464   1.00 54.53 ? 95  GLY A C   1 
ATOM   709  O  O   . GLY A 1 95  ? 16.230  0.718   3.388   1.00 53.31 ? 95  GLY A O   1 
ATOM   710  N  N   . THR A 1 96  ? 14.928  1.035   5.193   1.00 57.49 ? 96  THR A N   1 
ATOM   711  C  CA  . THR A 1 96  ? 13.895  0.068   4.789   1.00 55.66 ? 96  THR A CA  1 
ATOM   712  C  C   . THR A 1 96  ? 12.807  0.684   3.915   1.00 52.81 ? 96  THR A C   1 
ATOM   713  O  O   . THR A 1 96  ? 12.465  1.879   4.044   1.00 42.25 ? 96  THR A O   1 
ATOM   714  C  CB  . THR A 1 96  ? 13.224  -0.577  6.019   1.00 58.16 ? 96  THR A CB  1 
ATOM   715  O  OG1 . THR A 1 96  ? 12.762  0.450   6.910   1.00 53.41 ? 96  THR A OG1 1 
ATOM   716  C  CG2 . THR A 1 96  ? 14.219  -1.488  6.761   1.00 67.88 ? 96  THR A CG2 1 
ATOM   717  N  N   . ILE A 1 97  ? 12.268  -0.149  3.034   1.00 47.16 ? 97  ILE A N   1 
ATOM   718  C  CA  . ILE A 1 97  ? 11.111  0.184   2.230   1.00 46.48 ? 97  ILE A CA  1 
ATOM   719  C  C   . ILE A 1 97  ? 9.867   0.242   3.136   1.00 41.21 ? 97  ILE A C   1 
ATOM   720  O  O   . ILE A 1 97  ? 9.702   -0.598  4.005   1.00 39.92 ? 97  ILE A O   1 
ATOM   721  C  CB  . ILE A 1 97  ? 10.912  -0.917  1.183   1.00 49.34 ? 97  ILE A CB  1 
ATOM   722  C  CG1 . ILE A 1 97  ? 12.147  -1.015  0.262   1.00 53.01 ? 97  ILE A CG1 1 
ATOM   723  C  CG2 . ILE A 1 97  ? 9.571   -0.756  0.466   1.00 53.03 ? 97  ILE A CG2 1 
ATOM   724  C  CD1 . ILE A 1 97  ? 12.027  -0.236  -1.026  1.00 47.76 ? 97  ILE A CD1 1 
ATOM   725  N  N   . GLN A 1 98  ? 8.970   1.198   2.923   1.00 39.26 ? 98  GLN A N   1 
ATOM   726  C  CA  . GLN A 1 98  ? 7.741   1.283   3.757   1.00 39.62 ? 98  GLN A CA  1 
ATOM   727  C  C   . GLN A 1 98  ? 6.604   0.366   3.235   1.00 36.99 ? 98  GLN A C   1 
ATOM   728  O  O   . GLN A 1 98  ? 6.290   0.380   2.045   1.00 38.04 ? 98  GLN A O   1 
ATOM   729  C  CB  . GLN A 1 98  ? 7.245   2.736   3.788   1.00 42.06 ? 98  GLN A CB  1 
ATOM   730  C  CG  . GLN A 1 98  ? 6.035   3.051   4.676   1.00 43.25 ? 98  GLN A CG  1 
ATOM   731  C  CD  . GLN A 1 98  ? 5.502   4.453   4.366   1.00 48.22 ? 98  GLN A CD  1 
ATOM   732  O  OE1 . GLN A 1 98  ? 6.285   5.387   4.164   1.00 47.40 ? 98  GLN A OE1 1 
ATOM   733  N  NE2 . GLN A 1 98  ? 4.177   4.599   4.295   1.00 45.48 ? 98  GLN A NE2 1 
ATOM   734  N  N   . THR A 1 99  ? 5.974   -0.415  4.117   1.00 32.54 ? 99  THR A N   1 
ATOM   735  C  CA  . THR A 1 99  ? 4.853   -1.255  3.656   1.00 29.92 ? 99  THR A CA  1 
ATOM   736  C  C   . THR A 1 99  ? 3.719   -0.884  4.606   1.00 31.47 ? 99  THR A C   1 
ATOM   737  O  O   . THR A 1 99  ? 3.995   -0.352  5.711   1.00 28.39 ? 99  THR A O   1 
ATOM   738  C  CB  . THR A 1 99  ? 5.171   -2.772  3.737   1.00 27.37 ? 99  THR A CB  1 
ATOM   739  O  OG1 . THR A 1 99  ? 5.462   -3.074  5.080   1.00 33.83 ? 99  THR A OG1 1 
ATOM   740  C  CG2 . THR A 1 99  ? 6.389   -3.144  2.916   1.00 31.09 ? 99  THR A CG2 1 
ATOM   741  N  N   . SER A 1 100 ? 2.465   -1.168  4.203   1.00 26.19 ? 100 SER A N   1 
ATOM   742  C  CA  . SER A 1 100 ? 1.324   -0.950  5.068   1.00 29.88 ? 100 SER A CA  1 
ATOM   743  C  C   . SER A 1 100 ? 0.934   -2.241  5.770   1.00 30.38 ? 100 SER A C   1 
ATOM   744  O  O   . SER A 1 100 ? 0.570   -3.212  5.119   1.00 27.79 ? 100 SER A O   1 
ATOM   745  C  CB  . SER A 1 100 ? 0.120   -0.355  4.298   1.00 25.36 ? 100 SER A CB  1 
ATOM   746  O  OG  . SER A 1 100 ? 0.454   0.982   3.974   1.00 31.42 ? 100 SER A OG  1 
ATOM   747  N  N   . LYS A 1 101 ? 0.931   -2.223  7.104   1.00 23.57 ? 101 LYS A N   1 
ATOM   748  C  CA  . LYS A 1 101 ? 0.583   -3.423  7.819   1.00 26.12 ? 101 LYS A CA  1 
ATOM   749  C  C   . LYS A 1 101 ? -0.941  -3.565  7.842   1.00 23.89 ? 101 LYS A C   1 
ATOM   750  O  O   . LYS A 1 101 ? -1.689  -2.589  7.832   1.00 28.01 ? 101 LYS A O   1 
ATOM   751  C  CB  . LYS A 1 101 ? 1.106   -3.336  9.282   1.00 29.81 ? 101 LYS A CB  1 
ATOM   752  C  CG  . LYS A 1 101 ? 2.573   -3.791  9.430   1.00 38.12 ? 101 LYS A CG  1 
ATOM   753  C  CD  . LYS A 1 101 ? 3.455   -3.257  8.354   1.00 35.29 ? 101 LYS A CD  1 
ATOM   754  C  CE  . LYS A 1 101 ? 4.940   -3.297  8.727   1.00 43.51 ? 101 LYS A CE  1 
ATOM   755  N  NZ  . LYS A 1 101 ? 5.471   -2.039  8.135   1.00 39.04 ? 101 LYS A NZ  1 
ATOM   756  N  N   . VAL A 1 102 ? -1.390  -4.779  7.981   1.00 22.60 ? 102 VAL A N   1 
ATOM   757  C  CA  . VAL A 1 102 ? -2.806  -5.014  8.113   1.00 26.29 ? 102 VAL A CA  1 
ATOM   758  C  C   . VAL A 1 102 ? -2.981  -6.085  9.166   1.00 28.91 ? 102 VAL A C   1 
ATOM   759  O  O   . VAL A 1 102 ? -2.130  -6.975  9.325   1.00 23.46 ? 102 VAL A O   1 
ATOM   760  C  CB  . VAL A 1 102 ? -3.470  -5.436  6.769   1.00 23.74 ? 102 VAL A CB  1 
ATOM   761  C  CG1 . VAL A 1 102 ? -2.862  -6.717  6.198   1.00 27.55 ? 102 VAL A CG1 1 
ATOM   762  C  CG2 . VAL A 1 102 ? -4.983  -5.512  6.853   1.00 21.72 ? 102 VAL A CG2 1 
ATOM   763  N  N   . ASP A 1 103 ? -4.123  -6.010  9.846   1.00 28.62 ? 103 ASP A N   1 
ATOM   764  C  CA  . ASP A 1 103 ? -4.535  -6.990  10.873  1.00 31.13 ? 103 ASP A CA  1 
ATOM   765  C  C   . ASP A 1 103 ? -5.599  -7.899  10.289  1.00 26.93 ? 103 ASP A C   1 
ATOM   766  O  O   . ASP A 1 103 ? -6.738  -7.484  10.073  1.00 29.51 ? 103 ASP A O   1 
ATOM   767  C  CB  . ASP A 1 103 ? -5.075  -6.247  12.110  1.00 31.02 ? 103 ASP A CB  1 
ATOM   768  C  CG  . ASP A 1 103 ? -5.797  -7.166  13.104  1.00 36.42 ? 103 ASP A CG  1 
ATOM   769  O  OD1 . ASP A 1 103 ? -5.626  -8.413  13.045  1.00 32.45 ? 103 ASP A OD1 1 
ATOM   770  O  OD2 . ASP A 1 103 ? -6.524  -6.599  13.981  1.00 35.33 ? 103 ASP A OD2 1 
ATOM   771  N  N   . LEU A 1 104 ? -5.218  -9.147  10.066  1.00 22.36 ? 104 LEU A N   1 
ATOM   772  C  CA  . LEU A 1 104 ? -6.142  -10.179 9.587   1.00 27.72 ? 104 LEU A CA  1 
ATOM   773  C  C   . LEU A 1 104 ? -6.185  -11.314 10.643  1.00 28.82 ? 104 LEU A C   1 
ATOM   774  O  O   . LEU A 1 104 ? -6.470  -12.487 10.295  1.00 29.07 ? 104 LEU A O   1 
ATOM   775  C  CB  . LEU A 1 104 ? -5.710  -10.775 8.215   1.00 24.59 ? 104 LEU A CB  1 
ATOM   776  C  CG  . LEU A 1 104 ? -5.691  -9.676  7.085   1.00 25.85 ? 104 LEU A CG  1 
ATOM   777  C  CD1 . LEU A 1 104 ? -4.884  -10.184 5.871   1.00 25.17 ? 104 LEU A CD1 1 
ATOM   778  C  CD2 . LEU A 1 104 ? -7.118  -9.254  6.632   1.00 26.95 ? 104 LEU A CD2 1 
ATOM   779  N  N   . SER A 1 105 ? -5.906  -10.950 11.909  1.00 25.80 ? 105 SER A N   1 
ATOM   780  C  CA  . SER A 1 105 ? -5.828  -11.966 12.999  1.00 29.63 ? 105 SER A CA  1 
ATOM   781  C  C   . SER A 1 105 ? -7.229  -12.370 13.456  1.00 31.58 ? 105 SER A C   1 
ATOM   782  O  O   . SER A 1 105 ? -8.132  -11.483 13.668  1.00 28.90 ? 105 SER A O   1 
ATOM   783  C  CB  . SER A 1 105 ? -5.050  -11.429 14.234  1.00 31.92 ? 105 SER A CB  1 
ATOM   784  O  OG  . SER A 1 105 ? -4.750  -12.458 15.193  1.00 30.67 ? 105 SER A OG  1 
ATOM   785  N  N   . LYS A 1 106 ? -7.415  -13.687 13.593  1.00 31.50 ? 106 LYS A N   1 
ATOM   786  C  CA  . LYS A 1 106 ? -8.577  -14.272 14.261  1.00 31.63 ? 106 LYS A CA  1 
ATOM   787  C  C   . LYS A 1 106 ? -8.697  -13.873 15.730  1.00 31.71 ? 106 LYS A C   1 
ATOM   788  O  O   . LYS A 1 106 ? -9.813  -13.848 16.285  1.00 31.73 ? 106 LYS A O   1 
ATOM   789  C  CB  . LYS A 1 106 ? -8.468  -15.806 14.156  1.00 35.17 ? 106 LYS A CB  1 
ATOM   790  C  CG  . LYS A 1 106 ? -9.650  -16.611 14.707  1.00 36.49 ? 106 LYS A CG  1 
ATOM   791  C  CD  . LYS A 1 106 ? -9.189  -18.068 14.921  1.00 40.89 ? 106 LYS A CD  1 
ATOM   792  C  CE  . LYS A 1 106 ? -10.154 -18.890 15.782  1.00 51.37 ? 106 LYS A CE  1 
ATOM   793  N  NZ  . LYS A 1 106 ? -11.391 -19.179 14.992  1.00 52.76 ? 106 LYS A NZ  1 
ATOM   794  N  N   . ASN A 1 107 ? -7.567  -13.523 16.370  1.00 28.89 ? 107 ASN A N   1 
ATOM   795  C  CA  . ASN A 1 107 ? -7.530  -13.426 17.823  1.00 32.49 ? 107 ASN A CA  1 
ATOM   796  C  C   . ASN A 1 107 ? -7.976  -12.126 18.508  1.00 32.98 ? 107 ASN A C   1 
ATOM   797  O  O   . ASN A 1 107 ? -7.528  -11.806 19.618  1.00 33.70 ? 107 ASN A O   1 
ATOM   798  C  CB  . ASN A 1 107 ? -6.142  -13.887 18.341  1.00 28.51 ? 107 ASN A CB  1 
ATOM   799  C  CG  . ASN A 1 107 ? -5.686  -15.136 17.647  1.00 29.93 ? 107 ASN A CG  1 
ATOM   800  O  OD1 . ASN A 1 107 ? -6.463  -16.083 17.517  1.00 25.60 ? 107 ASN A OD1 1 
ATOM   801  N  ND2 . ASN A 1 107 ? -4.404  -15.171 17.243  1.00 27.96 ? 107 ASN A ND2 1 
ATOM   802  N  N   . THR A 1 108 ? -8.844  -11.378 17.839  1.00 35.00 ? 108 THR A N   1 
ATOM   803  C  CA  . THR A 1 108 ? -9.353  -10.109 18.379  1.00 33.45 ? 108 THR A CA  1 
ATOM   804  C  C   . THR A 1 108 ? -10.879 -10.059 18.456  1.00 36.11 ? 108 THR A C   1 
ATOM   805  O  O   . THR A 1 108 ? -11.584 -10.950 17.954  1.00 34.46 ? 108 THR A O   1 
ATOM   806  C  CB  . THR A 1 108 ? -9.022  -8.929  17.445  1.00 36.22 ? 108 THR A CB  1 
ATOM   807  O  OG1 . THR A 1 108 ? -9.789  -9.073  16.215  1.00 29.10 ? 108 THR A OG1 1 
ATOM   808  C  CG2 . THR A 1 108 ? -7.504  -8.813  17.162  1.00 38.00 ? 108 THR A CG2 1 
ATOM   809  N  N   . THR A 1 109 ? -11.405 -8.970  19.024  1.00 35.63 ? 109 THR A N   1 
ATOM   810  C  CA  . THR A 1 109 ? -12.876 -8.778  19.015  1.00 40.30 ? 109 THR A CA  1 
ATOM   811  C  C   . THR A 1 109 ? -13.313 -7.846  17.854  1.00 40.57 ? 109 THR A C   1 
ATOM   812  O  O   . THR A 1 109 ? -14.419 -7.284  17.892  1.00 48.12 ? 109 THR A O   1 
ATOM   813  C  CB  . THR A 1 109 ? -13.356 -8.193  20.386  1.00 41.96 ? 109 THR A CB  1 
ATOM   814  O  OG1 . THR A 1 109 ? -12.577 -7.028  20.693  1.00 42.31 ? 109 THR A OG1 1 
ATOM   815  C  CG2 . THR A 1 109 ? -13.156 -9.205  21.566  1.00 40.13 ? 109 THR A CG2 1 
ATOM   816  N  N   . ILE A 1 110 ? -12.452 -7.646  16.850  1.00 37.71 ? 110 ILE A N   1 
ATOM   817  C  CA  . ILE A 1 110 ? -12.853 -6.833  15.643  1.00 42.05 ? 110 ILE A CA  1 
ATOM   818  C  C   . ILE A 1 110 ? -13.846 -7.645  14.789  1.00 43.46 ? 110 ILE A C   1 
ATOM   819  O  O   . ILE A 1 110 ? -13.519 -8.772  14.362  1.00 36.80 ? 110 ILE A O   1 
ATOM   820  C  CB  . ILE A 1 110 ? -11.654 -6.392  14.726  1.00 36.66 ? 110 ILE A CB  1 
ATOM   821  C  CG1 . ILE A 1 110 ? -10.498 -5.768  15.530  1.00 35.74 ? 110 ILE A CG1 1 
ATOM   822  C  CG2 . ILE A 1 110 ? -12.143 -5.467  13.563  1.00 29.41 ? 110 ILE A CG2 1 
ATOM   823  C  CD1 . ILE A 1 110 ? -10.875 -4.735  16.582  1.00 44.64 ? 110 ILE A CD1 1 
ATOM   824  N  N   . THR A 1 111 ? -15.025 -7.056  14.537  1.00 41.95 ? 111 THR A N   1 
ATOM   825  C  CA  . THR A 1 111 ? -16.059 -7.637  13.657  1.00 49.56 ? 111 THR A CA  1 
ATOM   826  C  C   . THR A 1 111 ? -16.068 -7.172  12.169  1.00 46.81 ? 111 THR A C   1 
ATOM   827  O  O   . THR A 1 111 ? -16.501 -7.913  11.313  1.00 46.91 ? 111 THR A O   1 
ATOM   828  C  CB  . THR A 1 111 ? -17.453 -7.374  14.244  1.00 54.88 ? 111 THR A CB  1 
ATOM   829  O  OG1 . THR A 1 111 ? -17.507 -5.997  14.648  1.00 65.43 ? 111 THR A OG1 1 
ATOM   830  C  CG2 . THR A 1 111 ? -17.679 -8.246  15.484  1.00 51.04 ? 111 THR A CG2 1 
ATOM   831  N  N   . GLU A 1 112 ? -15.601 -5.967  11.853  1.00 47.35 ? 112 GLU A N   1 
ATOM   832  C  CA  . GLU A 1 112 ? -15.519 -5.534  10.435  1.00 48.84 ? 112 GLU A CA  1 
ATOM   833  C  C   . GLU A 1 112 ? -14.819 -6.558  9.515   1.00 47.02 ? 112 GLU A C   1 
ATOM   834  O  O   . GLU A 1 112 ? -13.755 -7.087  9.854   1.00 50.05 ? 112 GLU A O   1 
ATOM   835  C  CB  . GLU A 1 112 ? -14.806 -4.175  10.309  1.00 57.15 ? 112 GLU A CB  1 
ATOM   836  C  CG  . GLU A 1 112 ? -15.668 -2.973  10.667  1.00 53.92 ? 112 GLU A CG  1 
ATOM   837  C  CD  . GLU A 1 112 ? -15.613 -2.650  12.148  1.00 66.91 ? 112 GLU A CD  1 
ATOM   838  O  OE1 . GLU A 1 112 ? -14.809 -3.280  12.884  1.00 60.87 ? 112 GLU A OE1 1 
ATOM   839  O  OE2 . GLU A 1 112 ? -16.374 -1.755  12.587  1.00 67.73 ? 112 GLU A OE2 1 
ATOM   840  N  N   . LYS A 1 113 ? -15.424 -6.826  8.355   1.00 37.71 ? 113 LYS A N   1 
ATOM   841  C  CA  . LYS A 1 113 ? -14.845 -7.638  7.316   1.00 45.93 ? 113 LYS A CA  1 
ATOM   842  C  C   . LYS A 1 113 ? -13.909 -6.835  6.325   1.00 40.51 ? 113 LYS A C   1 
ATOM   843  O  O   . LYS A 1 113 ? -13.076 -7.437  5.645   1.00 42.76 ? 113 LYS A O   1 
ATOM   844  C  CB  . LYS A 1 113 ? -15.970 -8.334  6.561   1.00 51.41 ? 113 LYS A CB  1 
ATOM   845  C  CG  . LYS A 1 113 ? -15.530 -9.482  5.673   1.00 60.65 ? 113 LYS A CG  1 
ATOM   846  C  CD  . LYS A 1 113 ? -16.756 -10.277 5.190   1.00 76.73 ? 113 LYS A CD  1 
ATOM   847  C  CE  . LYS A 1 113 ? -17.209 -9.914  3.770   1.00 74.14 ? 113 LYS A CE  1 
ATOM   848  N  NZ  . LYS A 1 113 ? -16.560 -10.796 2.742   1.00 79.86 ? 113 LYS A NZ  1 
ATOM   849  N  N   . THR A 1 114 ? -14.049 -5.505  6.248   1.00 39.33 ? 114 THR A N   1 
ATOM   850  C  CA  . THR A 1 114 ? -13.068 -4.682  5.533   1.00 35.03 ? 114 THR A CA  1 
ATOM   851  C  C   . THR A 1 114 ? -11.989 -4.210  6.496   1.00 38.50 ? 114 THR A C   1 
ATOM   852  O  O   . THR A 1 114 ? -12.264 -3.574  7.517   1.00 37.32 ? 114 THR A O   1 
ATOM   853  C  CB  . THR A 1 114 ? -13.720 -3.469  4.822   1.00 39.15 ? 114 THR A CB  1 
ATOM   854  O  OG1 . THR A 1 114 ? -14.698 -3.963  3.914   1.00 37.58 ? 114 THR A OG1 1 
ATOM   855  C  CG2 . THR A 1 114 ? -12.708 -2.703  3.929   1.00 37.73 ? 114 THR A CG2 1 
ATOM   856  N  N   . ARG A 1 115 ? -10.738 -4.497  6.175   1.00 34.73 ? 115 ARG A N   1 
ATOM   857  C  CA  . ARG A 1 115 ? -9.658  -3.911  6.976   1.00 29.15 ? 115 ARG A CA  1 
ATOM   858  C  C   . ARG A 1 115 ? -9.012  -2.820  6.139   1.00 33.74 ? 115 ARG A C   1 
ATOM   859  O  O   . ARG A 1 115 ? -8.605  -3.095  4.999   1.00 31.60 ? 115 ARG A O   1 
ATOM   860  C  CB  . ARG A 1 115 ? -8.691  -5.037  7.363   1.00 28.49 ? 115 ARG A CB  1 
ATOM   861  C  CG  . ARG A 1 115 ? -9.404  -6.222  8.024   1.00 32.54 ? 115 ARG A CG  1 
ATOM   862  C  CD  . ARG A 1 115 ? -9.809  -5.880  9.458   1.00 33.58 ? 115 ARG A CD  1 
ATOM   863  N  NE  . ARG A 1 115 ? -10.797 -6.805  10.063  1.00 36.57 ? 115 ARG A NE  1 
ATOM   864  C  CZ  . ARG A 1 115 ? -10.517 -7.716  11.016  1.00 42.82 ? 115 ARG A CZ  1 
ATOM   865  N  NH1 . ARG A 1 115 ? -9.273  -7.875  11.461  1.00 41.10 ? 115 ARG A NH1 1 
ATOM   866  N  NH2 . ARG A 1 115 ? -11.468 -8.505  11.523  1.00 38.47 ? 115 ARG A NH2 1 
ATOM   867  N  N   . HIS A 1 116 ? -8.923  -1.596  6.681   1.00 30.53 ? 116 HIS A N   1 
ATOM   868  C  CA  . HIS A 1 116 ? -8.350  -0.461  5.985   1.00 31.74 ? 116 HIS A CA  1 
ATOM   869  C  C   . HIS A 1 116 ? -6.914  -0.359  6.370   1.00 35.85 ? 116 HIS A C   1 
ATOM   870  O  O   . HIS A 1 116 ? -6.525  -0.713  7.521   1.00 37.91 ? 116 HIS A O   1 
ATOM   871  C  CB  . HIS A 1 116 ? -9.114  0.832   6.371   1.00 37.74 ? 116 HIS A CB  1 
ATOM   872  C  CG  . HIS A 1 116 ? -10.468 0.930   5.735   1.00 43.43 ? 116 HIS A CG  1 
ATOM   873  N  ND1 . HIS A 1 116 ? -11.636 0.584   6.393   1.00 54.62 ? 116 HIS A ND1 1 
ATOM   874  C  CD2 . HIS A 1 116 ? -10.840 1.290   4.486   1.00 50.34 ? 116 HIS A CD2 1 
ATOM   875  C  CE1 . HIS A 1 116 ? -12.668 0.759   5.588   1.00 51.38 ? 116 HIS A CE1 1 
ATOM   876  N  NE2 . HIS A 1 116 ? -12.212 1.183   4.421   1.00 55.19 ? 116 HIS A NE2 1 
ATOM   877  N  N   . VAL A 1 117 ? -6.077  0.087   5.447   1.00 24.99 ? 117 VAL A N   1 
ATOM   878  C  CA  . VAL A 1 117 ? -4.651  0.235   5.754   1.00 24.15 ? 117 VAL A CA  1 
ATOM   879  C  C   . VAL A 1 117 ? -4.189  1.682   5.486   1.00 24.52 ? 117 VAL A C   1 
ATOM   880  O  O   . VAL A 1 117 ? -4.907  2.442   4.828   1.00 23.86 ? 117 VAL A O   1 
ATOM   881  C  CB  . VAL A 1 117 ? -3.844  -0.870  5.063   1.00 31.28 ? 117 VAL A CB  1 
ATOM   882  C  CG1 . VAL A 1 117 ? -4.450  -2.239  5.420   1.00 32.42 ? 117 VAL A CG1 1 
ATOM   883  C  CG2 . VAL A 1 117 ? -3.860  -0.681  3.563   1.00 24.65 ? 117 VAL A CG2 1 
ATOM   884  N  N   . LYS A 1 118 ? -3.012  2.060   5.994   1.00 22.91 ? 118 LYS A N   1 
ATOM   885  C  CA  . LYS A 1 118 ? -2.405  3.341   5.783   1.00 23.55 ? 118 LYS A CA  1 
ATOM   886  C  C   . LYS A 1 118 ? -2.038  3.511   4.272   1.00 24.36 ? 118 LYS A C   1 
ATOM   887  O  O   . LYS A 1 118 ? -1.730  2.500   3.605   1.00 23.12 ? 118 LYS A O   1 
ATOM   888  C  CB  . LYS A 1 118 ? -1.132  3.500   6.645   1.00 26.36 ? 118 LYS A CB  1 
ATOM   889  C  CG  . LYS A 1 118 ? -1.444  3.658   8.180   1.00 33.37 ? 118 LYS A CG  1 
ATOM   890  C  CD  . LYS A 1 118 ? -0.108  3.865   8.962   1.00 40.16 ? 118 LYS A CD  1 
ATOM   891  C  CE  . LYS A 1 118 ? -0.284  3.913   10.500  1.00 50.77 ? 118 LYS A CE  1 
ATOM   892  N  NZ  . LYS A 1 118 ? 0.660   4.898   11.122  1.00 50.13 ? 118 LYS A NZ  1 
ATOM   893  N  N   . PRO A 1 119 ? -2.079  4.754   3.769   1.00 24.40 ? 119 PRO A N   1 
ATOM   894  C  CA  . PRO A 1 119 ? -1.825  5.013   2.297   1.00 26.35 ? 119 PRO A CA  1 
ATOM   895  C  C   . PRO A 1 119 ? -0.343  4.876   1.930   1.00 24.54 ? 119 PRO A C   1 
ATOM   896  O  O   . PRO A 1 119 ? 0.527   4.983   2.784   1.00 22.31 ? 119 PRO A O   1 
ATOM   897  C  CB  . PRO A 1 119 ? -2.321  6.459   2.089   1.00 25.12 ? 119 PRO A CB  1 
ATOM   898  C  CG  . PRO A 1 119 ? -2.404  7.059   3.454   1.00 27.30 ? 119 PRO A CG  1 
ATOM   899  C  CD  . PRO A 1 119 ? -2.660  5.937   4.454   1.00 26.42 ? 119 PRO A CD  1 
ATOM   900  N  N   . LEU A 1 120 ? -0.066  4.541   0.685   1.00 21.68 ? 120 LEU A N   1 
ATOM   901  C  CA  . LEU A 1 120 ? 1.304   4.457   0.173   1.00 22.31 ? 120 LEU A CA  1 
ATOM   902  C  C   . LEU A 1 120 ? 1.429   5.432   -0.985  1.00 20.83 ? 120 LEU A C   1 
ATOM   903  O  O   . LEU A 1 120 ? 0.434   5.766   -1.625  1.00 20.81 ? 120 LEU A O   1 
ATOM   904  C  CB  . LEU A 1 120 ? 1.583   3.035   -0.375  1.00 23.43 ? 120 LEU A CB  1 
ATOM   905  C  CG  . LEU A 1 120 ? 1.624   1.925   0.691   1.00 25.64 ? 120 LEU A CG  1 
ATOM   906  C  CD1 . LEU A 1 120 ? 1.268   0.571   0.060   1.00 25.18 ? 120 LEU A CD1 1 
ATOM   907  C  CD2 . LEU A 1 120 ? 2.963   1.950   1.393   1.00 24.39 ? 120 LEU A CD2 1 
ATOM   908  N  N   . SER A 1 121 ? 2.637   5.870   -1.276  1.00 21.46 ? 121 SER A N   1 
ATOM   909  C  CA  . SER A 1 121 ? 2.852   6.701   -2.440  1.00 22.91 ? 121 SER A CA  1 
ATOM   910  C  C   . SER A 1 121 ? 4.101   6.293   -3.262  1.00 21.21 ? 121 SER A C   1 
ATOM   911  O  O   . SER A 1 121 ? 5.141   5.935   -2.730  1.00 22.02 ? 121 SER A O   1 
ATOM   912  C  CB  . SER A 1 121 ? 2.954   8.211   -1.997  1.00 22.17 ? 121 SER A CB  1 
ATOM   913  O  OG  . SER A 1 121 ? 4.079   8.367   -1.100  1.00 26.03 ? 121 SER A OG  1 
ATOM   914  N  N   . PHE A 1 122 ? 3.982   6.379   -4.564  1.00 24.58 ? 122 PHE A N   1 
ATOM   915  C  CA  . PHE A 1 122 ? 5.140   6.556   -5.410  1.00 23.95 ? 122 PHE A CA  1 
ATOM   916  C  C   . PHE A 1 122 ? 5.542   8.061   -5.424  1.00 25.10 ? 122 PHE A C   1 
ATOM   917  O  O   . PHE A 1 122 ? 4.763   8.935   -5.079  1.00 25.46 ? 122 PHE A O   1 
ATOM   918  C  CB  . PHE A 1 122 ? 4.737   6.159   -6.843  1.00 21.37 ? 122 PHE A CB  1 
ATOM   919  C  CG  . PHE A 1 122 ? 4.555   4.677   -7.044  1.00 22.27 ? 122 PHE A CG  1 
ATOM   920  C  CD1 . PHE A 1 122 ? 5.664   3.826   -7.015  1.00 23.79 ? 122 PHE A CD1 1 
ATOM   921  C  CD2 . PHE A 1 122 ? 3.278   4.117   -7.171  1.00 22.47 ? 122 PHE A CD2 1 
ATOM   922  C  CE1 . PHE A 1 122 ? 5.524   2.433   -7.148  1.00 24.86 ? 122 PHE A CE1 1 
ATOM   923  C  CE2 . PHE A 1 122 ? 3.128   2.733   -7.370  1.00 18.98 ? 122 PHE A CE2 1 
ATOM   924  C  CZ  . PHE A 1 122 ? 4.244   1.898   -7.391  1.00 22.95 ? 122 PHE A CZ  1 
ATOM   925  N  N   . ARG A 1 123 ? 6.748   8.352   -5.899  1.00 25.68 ? 123 ARG A N   1 
ATOM   926  C  CA  . ARG A 1 123 ? 7.272   9.713   -5.803  1.00 24.32 ? 123 ARG A CA  1 
ATOM   927  C  C   . ARG A 1 123 ? 7.823   10.211  -7.141  1.00 27.16 ? 123 ARG A C   1 
ATOM   928  O  O   . ARG A 1 123 ? 8.415   9.462   -7.851  1.00 24.01 ? 123 ARG A O   1 
ATOM   929  C  CB  . ARG A 1 123 ? 8.283   9.795   -4.655  1.00 21.70 ? 123 ARG A CB  1 
ATOM   930  C  CG  . ARG A 1 123 ? 8.832   11.252  -4.461  1.00 23.37 ? 123 ARG A CG  1 
ATOM   931  C  CD  . ARG A 1 123 ? 9.743   11.272  -3.234  1.00 22.25 ? 123 ARG A CD  1 
ATOM   932  N  NE  . ARG A 1 123 ? 10.941  10.484  -3.388  1.00 27.48 ? 123 ARG A NE  1 
ATOM   933  C  CZ  . ARG A 1 123 ? 11.860  10.356  -2.432  1.00 30.89 ? 123 ARG A CZ  1 
ATOM   934  N  NH1 . ARG A 1 123 ? 11.650  10.883  -1.210  1.00 30.43 ? 123 ARG A NH1 1 
ATOM   935  N  NH2 . ARG A 1 123 ? 12.944  9.677   -2.669  1.00 28.72 ? 123 ARG A NH2 1 
ATOM   936  N  N   . ALA A 1 124 ? 7.482   11.453  -7.500  1.00 26.13 ? 124 ALA A N   1 
ATOM   937  C  CA  . ALA A 1 124 ? 7.976   12.091  -8.657  1.00 28.05 ? 124 ALA A CA  1 
ATOM   938  C  C   . ALA A 1 124 ? 9.487   12.391  -8.567  1.00 29.57 ? 124 ALA A C   1 
ATOM   939  O  O   . ALA A 1 124 ? 10.096  12.353  -7.493  1.00 30.68 ? 124 ALA A O   1 
ATOM   940  C  CB  . ALA A 1 124 ? 7.147   13.350  -8.975  1.00 27.81 ? 124 ALA A CB  1 
ATOM   941  N  N   . LYS A 1 125 ? 10.069  12.718  -9.712  1.00 29.61 ? 125 LYS A N   1 
ATOM   942  C  CA  . LYS A 1 125 ? 11.468  13.035  -9.821  1.00 32.46 ? 125 LYS A CA  1 
ATOM   943  C  C   . LYS A 1 125 ? 11.682  14.528  -9.585  1.00 30.35 ? 125 LYS A C   1 
ATOM   944  O  O   . LYS A 1 125 ? 12.802  14.947  -9.469  1.00 30.48 ? 125 LYS A O   1 
ATOM   945  C  CB  . LYS A 1 125 ? 11.952  12.734  -11.260 1.00 35.94 ? 125 LYS A CB  1 
ATOM   946  C  CG  . LYS A 1 125 ? 11.415  11.413  -11.817 1.00 45.32 ? 125 LYS A CG  1 
ATOM   947  C  CD  . LYS A 1 125 ? 12.109  11.016  -13.113 1.00 45.08 ? 125 LYS A CD  1 
ATOM   948  C  CE  . LYS A 1 125 ? 13.289  10.151  -12.780 1.00 44.77 ? 125 LYS A CE  1 
ATOM   949  N  NZ  . LYS A 1 125 ? 13.762  9.570   -14.047 1.00 50.18 ? 125 LYS A NZ  1 
ATOM   950  N  N   . THR A 1 126 ? 10.635  15.310  -9.615  1.00 27.09 ? 126 THR A N   1 
ATOM   951  C  CA  . THR A 1 126 ? 10.787  16.776  -9.496  1.00 31.72 ? 126 THR A CA  1 
ATOM   952  C  C   . THR A 1 126 ? 10.057  17.234  -8.240  1.00 28.43 ? 126 THR A C   1 
ATOM   953  O  O   . THR A 1 126 ? 9.328   16.444  -7.647  1.00 28.78 ? 126 THR A O   1 
ATOM   954  C  CB  . THR A 1 126 ? 10.087  17.481  -10.685 1.00 30.45 ? 126 THR A CB  1 
ATOM   955  O  OG1 . THR A 1 126 ? 8.782   16.951  -10.791 1.00 35.11 ? 126 THR A OG1 1 
ATOM   956  C  CG2 . THR A 1 126 ? 10.803  17.162  -12.032 1.00 30.57 ? 126 THR A CG2 1 
ATOM   957  N  N   . ASP A 1 127 ? 10.209  18.506  -7.884  1.00 29.68 ? 127 ASP A N   1 
ATOM   958  C  CA  . ASP A 1 127 ? 9.374   19.161  -6.889  1.00 31.12 ? 127 ASP A CA  1 
ATOM   959  C  C   . ASP A 1 127 ? 8.341   20.063  -7.508  1.00 30.28 ? 127 ASP A C   1 
ATOM   960  O  O   . ASP A 1 127 ? 8.681   21.083  -8.008  1.00 33.39 ? 127 ASP A O   1 
ATOM   961  C  CB  . ASP A 1 127 ? 10.252  20.006  -5.930  1.00 31.40 ? 127 ASP A CB  1 
ATOM   962  C  CG  . ASP A 1 127 ? 10.990  19.156  -4.874  1.00 35.75 ? 127 ASP A CG  1 
ATOM   963  O  OD1 . ASP A 1 127 ? 10.405  18.232  -4.279  1.00 36.01 ? 127 ASP A OD1 1 
ATOM   964  O  OD2 . ASP A 1 127 ? 12.166  19.458  -4.592  1.00 42.10 ? 127 ASP A OD2 1 
ATOM   965  N  N   . ALA A 1 128 ? 7.048   19.759  -7.387  1.00 30.59 ? 128 ALA A N   1 
ATOM   966  C  CA  . ALA A 1 128 ? 6.046   20.708  -7.853  1.00 27.57 ? 128 ALA A CA  1 
ATOM   967  C  C   . ALA A 1 128 ? 6.110   22.062  -7.105  1.00 32.38 ? 128 ALA A C   1 
ATOM   968  O  O   . ALA A 1 128 ? 6.705   22.158  -6.011  1.00 25.72 ? 128 ALA A O   1 
ATOM   969  C  CB  . ALA A 1 128 ? 4.655   20.127  -7.708  1.00 29.75 ? 128 ALA A CB  1 
ATOM   970  N  N   . PRO A 1 129 ? 5.496   23.104  -7.696  1.00 31.09 ? 129 PRO A N   1 
ATOM   971  C  CA  . PRO A 1 129 ? 5.474   24.422  -7.037  1.00 36.02 ? 129 PRO A CA  1 
ATOM   972  C  C   . PRO A 1 129 ? 4.758   24.262  -5.706  1.00 40.10 ? 129 PRO A C   1 
ATOM   973  O  O   . PRO A 1 129 ? 3.684   23.602  -5.615  1.00 39.53 ? 129 PRO A O   1 
ATOM   974  C  CB  . PRO A 1 129 ? 4.572   25.268  -7.973  1.00 33.07 ? 129 PRO A CB  1 
ATOM   975  C  CG  . PRO A 1 129 ? 4.842   24.664  -9.344  1.00 32.21 ? 129 PRO A CG  1 
ATOM   976  C  CD  . PRO A 1 129 ? 4.932   23.159  -9.064  1.00 30.77 ? 129 PRO A CD  1 
ATOM   977  N  N   . GLY A 1 130 ? 5.341   24.830  -4.669  1.00 37.15 ? 130 GLY A N   1 
ATOM   978  C  CA  . GLY A 1 130 ? 4.672   24.801  -3.353  1.00 45.11 ? 130 GLY A CA  1 
ATOM   979  C  C   . GLY A 1 130 ? 5.018   23.579  -2.505  1.00 46.85 ? 130 GLY A C   1 
ATOM   980  O  O   . GLY A 1 130 ? 4.362   23.337  -1.480  1.00 44.95 ? 130 GLY A O   1 
ATOM   981  N  N   . CYS A 1 131 ? 6.006   22.802  -2.963  1.00 39.62 ? 131 CYS A N   1 
ATOM   982  C  CA  A CYS A 1 131 ? 6.534   21.659  -2.224  0.80 39.79 ? 131 CYS A CA  1 
ATOM   983  C  CA  B CYS A 1 131 ? 6.531   21.663  -2.203  0.20 42.47 ? 131 CYS A CA  1 
ATOM   984  C  C   . CYS A 1 131 ? 7.412   22.088  -1.016  1.00 48.76 ? 131 CYS A C   1 
ATOM   985  O  O   . CYS A 1 131 ? 8.320   22.946  -1.160  1.00 49.29 ? 131 CYS A O   1 
ATOM   986  C  CB  A CYS A 1 131 ? 7.330   20.761  -3.181  0.80 36.43 ? 131 CYS A CB  1 
ATOM   987  C  CB  B CYS A 1 131 ? 7.300   20.723  -3.132  0.20 39.53 ? 131 CYS A CB  1 
ATOM   988  S  SG  A CYS A 1 131 ? 6.223   19.588  -4.059  0.80 35.80 ? 131 CYS A SG  1 
ATOM   989  S  SG  B CYS A 1 131 ? 6.205   19.580  -4.010  0.20 37.13 ? 131 CYS A SG  1 
HETATM 990  ZN ZN  . ZN  B 2 .   ? 4.125   -13.313 13.514  1.00 30.27 ? 201 ZN  A ZN  1 
HETATM 991  O  O   . HOH C 3 .   ? -0.662  18.160  -7.012  1.00 31.54 ? 301 HOH A O   1 
HETATM 992  O  O   . HOH C 3 .   ? -13.170 3.567   -5.225  1.00 41.50 ? 302 HOH A O   1 
HETATM 993  O  O   . HOH C 3 .   ? 2.400   -6.127  -10.014 1.00 42.15 ? 303 HOH A O   1 
HETATM 994  O  O   . HOH C 3 .   ? -12.547 -10.960 15.216  1.00 47.95 ? 304 HOH A O   1 
HETATM 995  O  O   . HOH C 3 .   ? -4.135  16.765  -4.872  1.00 46.92 ? 305 HOH A O   1 
HETATM 996  O  O   . HOH C 3 .   ? -8.513  -8.826  13.973  1.00 27.64 ? 306 HOH A O   1 
HETATM 997  O  O   . HOH C 3 .   ? 9.143   -4.509  -10.097 1.00 32.92 ? 307 HOH A O   1 
HETATM 998  O  O   . HOH C 3 .   ? -7.160  -2.301  -12.714 1.00 44.72 ? 308 HOH A O   1 
HETATM 999  O  O   . HOH C 3 .   ? -4.906  3.929   2.633   1.00 24.88 ? 309 HOH A O   1 
HETATM 1000 O  O   . HOH C 3 .   ? 4.689   1.403   -15.624 1.00 43.12 ? 310 HOH A O   1 
HETATM 1001 O  O   . HOH C 3 .   ? 8.944   -2.742  -8.086  1.00 27.67 ? 311 HOH A O   1 
HETATM 1002 O  O   . HOH C 3 .   ? -6.463  -18.880 2.361   1.00 48.70 ? 312 HOH A O   1 
HETATM 1003 O  O   . HOH C 3 .   ? -11.504 -18.990 8.122   1.00 60.06 ? 313 HOH A O   1 
HETATM 1004 O  O   . HOH C 3 .   ? 1.628   -7.014  9.825   1.00 38.58 ? 314 HOH A O   1 
HETATM 1005 O  O   . HOH C 3 .   ? -10.904 10.520  -6.635  1.00 51.50 ? 315 HOH A O   1 
HETATM 1006 O  O   . HOH C 3 .   ? -2.135  1.778   0.851   1.00 21.37 ? 316 HOH A O   1 
HETATM 1007 O  O   . HOH C 3 .   ? 1.840   11.295  4.549   1.00 39.23 ? 317 HOH A O   1 
HETATM 1008 O  O   . HOH C 3 .   ? -1.540  0.101   7.800   1.00 22.23 ? 318 HOH A O   1 
HETATM 1009 O  O   . HOH C 3 .   ? -8.631  -18.936 8.422   1.00 45.40 ? 319 HOH A O   1 
HETATM 1010 O  O   . HOH C 3 .   ? 2.663   15.283  -2.697  1.00 26.44 ? 320 HOH A O   1 
HETATM 1011 O  O   . HOH C 3 .   ? 4.168   -7.129  0.849   1.00 29.40 ? 321 HOH A O   1 
HETATM 1012 O  O   . HOH C 3 .   ? 6.462   16.971  -9.254  1.00 28.95 ? 322 HOH A O   1 
HETATM 1013 O  O   . HOH C 3 .   ? -15.332 -4.504  15.447  1.00 51.34 ? 323 HOH A O   1 
HETATM 1014 O  O   . HOH C 3 .   ? -2.096  -16.065 15.878  1.00 32.77 ? 324 HOH A O   1 
HETATM 1015 O  O   . HOH C 3 .   ? 4.925   -9.639  12.028  1.00 43.84 ? 325 HOH A O   1 
HETATM 1016 O  O   . HOH C 3 .   ? 10.687  16.600  4.126   1.00 35.64 ? 326 HOH A O   1 
HETATM 1017 O  O   . HOH C 3 .   ? 11.914  20.082  -9.366  1.00 49.78 ? 327 HOH A O   1 
HETATM 1018 O  O   . HOH C 3 .   ? -6.482  -3.844  14.039  1.00 42.36 ? 328 HOH A O   1 
HETATM 1019 O  O   . HOH C 3 .   ? 6.905   -15.993 13.308  1.00 42.47 ? 329 HOH A O   1 
HETATM 1020 O  O   . HOH C 3 .   ? 7.508   -1.785  -2.361  1.00 32.76 ? 330 HOH A O   1 
HETATM 1021 O  O   . HOH C 3 .   ? -1.650  -10.399 15.357  1.00 26.22 ? 331 HOH A O   1 
HETATM 1022 O  O   . HOH C 3 .   ? 1.828   22.500  -7.373  1.00 31.10 ? 332 HOH A O   1 
HETATM 1023 O  O   . HOH C 3 .   ? 8.604   13.475  -12.142 1.00 36.11 ? 333 HOH A O   1 
HETATM 1024 O  O   . HOH C 3 .   ? 7.296   -15.204 10.214  1.00 40.77 ? 334 HOH A O   1 
HETATM 1025 O  O   . HOH C 3 .   ? -6.147  12.884  -6.230  1.00 38.91 ? 335 HOH A O   1 
HETATM 1026 O  O   . HOH C 3 .   ? -2.779  -10.241 10.933  1.00 26.09 ? 336 HOH A O   1 
HETATM 1027 O  O   . HOH C 3 .   ? -4.923  -15.372 13.233  1.00 28.79 ? 337 HOH A O   1 
HETATM 1028 O  O   . HOH C 3 .   ? 9.687   -15.126 1.441   1.00 49.09 ? 338 HOH A O   1 
HETATM 1029 O  O   . HOH C 3 .   ? 14.260  8.908   -10.021 1.00 26.52 ? 339 HOH A O   1 
HETATM 1030 O  O   . HOH C 3 .   ? 6.649   9.617   -1.099  1.00 33.28 ? 340 HOH A O   1 
HETATM 1031 O  O   . HOH C 3 .   ? -7.581  -4.131  -5.939  1.00 24.31 ? 341 HOH A O   1 
HETATM 1032 O  O   . HOH C 3 .   ? 14.561  16.983  -4.968  1.00 40.57 ? 342 HOH A O   1 
HETATM 1033 O  O   . HOH C 3 .   ? -2.773  -8.595  13.543  1.00 34.62 ? 343 HOH A O   1 
HETATM 1034 O  O   . HOH C 3 .   ? 5.940   -0.210  -0.785  1.00 23.63 ? 344 HOH A O   1 
HETATM 1035 O  O   . HOH C 3 .   ? 5.337   4.845   -0.026  1.00 28.03 ? 345 HOH A O   1 
HETATM 1036 O  O   . HOH C 3 .   ? 1.059   0.381   8.427   1.00 29.12 ? 346 HOH A O   1 
HETATM 1037 O  O   . HOH C 3 .   ? 4.835   0.146   9.981   1.00 42.42 ? 347 HOH A O   1 
HETATM 1038 O  O   . HOH C 3 .   ? -4.329  8.163   -11.993 1.00 45.84 ? 348 HOH A O   1 
HETATM 1039 O  O   . HOH C 3 .   ? 14.664  7.396   -0.203  1.00 47.90 ? 349 HOH A O   1 
HETATM 1040 O  O   . HOH C 3 .   ? -17.739 -5.061  7.957   1.00 58.22 ? 350 HOH A O   1 
HETATM 1041 O  O   . HOH C 3 .   ? -10.252 -1.207  9.274   1.00 50.58 ? 351 HOH A O   1 
HETATM 1042 O  O   . HOH C 3 .   ? 14.706  13.157  -1.947  1.00 44.18 ? 352 HOH A O   1 
HETATM 1043 O  O   . HOH C 3 .   ? 9.611   8.908   -10.581 1.00 28.41 ? 353 HOH A O   1 
HETATM 1044 O  O   . HOH C 3 .   ? -1.269  9.813   -9.704  1.00 34.40 ? 354 HOH A O   1 
HETATM 1045 O  O   . HOH C 3 .   ? -5.637  -3.444  9.542   1.00 38.40 ? 355 HOH A O   1 
HETATM 1046 O  O   . HOH C 3 .   ? -1.558  -17.384 10.346  1.00 36.90 ? 356 HOH A O   1 
HETATM 1047 O  O   . HOH C 3 .   ? 10.911  -4.106  -14.073 1.00 46.36 ? 357 HOH A O   1 
HETATM 1048 O  O   . HOH C 3 .   ? -8.683  -6.671  -6.595  1.00 43.06 ? 358 HOH A O   1 
HETATM 1049 O  O   . HOH C 3 .   ? 5.136   -10.317 4.969   1.00 36.91 ? 359 HOH A O   1 
HETATM 1050 O  O   . HOH C 3 .   ? 6.584   2.586   -0.260  1.00 35.05 ? 360 HOH A O   1 
HETATM 1051 O  O   . HOH C 3 .   ? -12.555 4.968   -15.326 1.00 52.08 ? 361 HOH A O   1 
HETATM 1052 O  O   . HOH C 3 .   ? -3.985  -16.991 11.060  1.00 42.12 ? 362 HOH A O   1 
HETATM 1053 O  O   . HOH C 3 .   ? -8.221  2.779   4.044   1.00 45.47 ? 363 HOH A O   1 
HETATM 1054 O  O   . HOH C 3 .   ? -3.101  18.655  -6.623  1.00 39.50 ? 364 HOH A O   1 
HETATM 1055 O  O   . HOH C 3 .   ? 9.846   10.831  -15.754 1.00 42.22 ? 365 HOH A O   1 
HETATM 1056 O  O   . HOH C 3 .   ? -3.596  -2.359  11.137  1.00 34.27 ? 366 HOH A O   1 
# 
